data_4LCT
#
_entry.id   4LCT
#
_cell.length_a   202.210
_cell.length_b   87.090
_cell.length_c   133.600
_cell.angle_alpha   90.00
_cell.angle_beta   105.47
_cell.angle_gamma   90.00
#
_symmetry.space_group_name_H-M   'C 1 2 1'
#
loop_
_entity.id
_entity.type
_entity.pdbx_description
1 polymer 'COP9 signalosome complex subunit 1'
2 non-polymer 'SULFATE ION'
3 water water
#
_entity_poly.entity_id   1
_entity_poly.type   'polypeptide(L)'
_entity_poly.pdbx_seq_one_letter_code
;EPLDIEAYAALYKGRTKIMRLLFIANHCGGNHALQFDALRMAYDEIKKGENTQLFREVVNKIGNRLGEKYGMDLAWCEAV
DRRAEQKKVKLENELSSYRTNLIKESIRMGYNDFGDFYYACGMLGDAFKNYIRTRDYCTTTKHIIHMCMNAILVSIEMGQ
FTHVTSYVNKAEQNPETLEPMVNAKLRCASGLAHLELKKYKLAARKFLDVNPELGNSYNEVIAPQDIATYGGLCALASFD
RSELKQKVIDNINFRNFLELVPDVRELINDFYSSRYASCLEYLASLKSNLLLDIHLHDHVDTLYDQIRKKALIQYTLPFV
SVDLSRMADAFKTSVSGLEKELEALITD
;
_entity_poly.pdbx_strand_id   A,B,C,D
#
# COMPACT_ATOMS: atom_id res chain seq x y z
N GLU A 1 8.11 -56.73 -1.37
CA GLU A 1 8.03 -58.13 -1.79
C GLU A 1 9.17 -58.51 -2.78
N PRO A 2 10.04 -59.47 -2.37
CA PRO A 2 11.19 -59.81 -3.23
C PRO A 2 10.79 -60.53 -4.52
N LEU A 3 11.26 -60.04 -5.66
CA LEU A 3 10.85 -60.55 -6.98
C LEU A 3 11.32 -61.97 -7.27
N ASP A 4 10.44 -62.84 -7.76
CA ASP A 4 10.98 -64.08 -8.34
C ASP A 4 10.93 -64.09 -9.87
N ILE A 5 12.13 -64.01 -10.45
CA ILE A 5 12.29 -63.96 -11.88
C ILE A 5 11.52 -65.08 -12.57
N GLU A 6 11.33 -66.22 -11.93
CA GLU A 6 10.60 -67.31 -12.59
C GLU A 6 9.17 -66.93 -12.95
N ALA A 7 8.39 -66.55 -11.96
CA ALA A 7 7.03 -66.12 -12.18
C ALA A 7 7.01 -64.99 -13.25
N TYR A 8 7.80 -63.95 -12.99
CA TYR A 8 7.91 -62.80 -13.88
C TYR A 8 8.25 -63.17 -15.33
N ALA A 9 9.31 -63.94 -15.53
CA ALA A 9 9.75 -64.32 -16.86
C ALA A 9 8.70 -65.16 -17.56
N ALA A 10 7.99 -65.96 -16.76
CA ALA A 10 7.04 -66.94 -17.29
C ALA A 10 5.90 -66.19 -17.91
N LEU A 11 5.68 -64.97 -17.41
CA LEU A 11 4.72 -64.04 -18.03
C LEU A 11 4.93 -63.60 -19.49
N TYR A 12 6.10 -63.86 -20.07
CA TYR A 12 6.40 -63.28 -21.39
C TYR A 12 6.91 -64.30 -22.39
N LYS A 13 6.90 -63.93 -23.67
CA LYS A 13 7.07 -64.93 -24.71
C LYS A 13 8.45 -65.01 -25.33
N GLY A 14 8.75 -64.06 -26.20
CA GLY A 14 9.91 -64.14 -27.08
C GLY A 14 11.09 -63.29 -26.65
N ARG A 15 11.63 -62.58 -27.64
CA ARG A 15 12.72 -61.69 -27.39
C ARG A 15 12.51 -60.89 -26.08
N THR A 16 11.29 -60.42 -25.80
CA THR A 16 11.15 -59.61 -24.59
C THR A 16 11.45 -60.32 -23.27
N LYS A 17 11.08 -61.58 -23.17
CA LYS A 17 11.46 -62.38 -22.02
C LYS A 17 12.98 -62.20 -21.78
N ILE A 18 13.76 -62.50 -22.82
CA ILE A 18 15.21 -62.35 -22.72
C ILE A 18 15.65 -60.94 -22.39
N MET A 19 15.11 -59.96 -23.10
CA MET A 19 15.55 -58.59 -22.84
C MET A 19 15.30 -58.22 -21.39
N ARG A 20 14.19 -58.69 -20.83
CA ARG A 20 13.88 -58.48 -19.42
C ARG A 20 14.88 -59.09 -18.48
N LEU A 21 15.17 -60.38 -18.64
CA LEU A 21 16.21 -61.01 -17.80
C LEU A 21 17.52 -60.23 -17.88
N LEU A 22 17.88 -59.76 -19.08
CA LEU A 22 19.14 -59.03 -19.18
C LEU A 22 19.05 -57.67 -18.50
N PHE A 23 17.93 -56.97 -18.66
CA PHE A 23 17.75 -55.64 -18.05
C PHE A 23 17.85 -55.76 -16.54
N ILE A 24 17.21 -56.80 -16.00
CA ILE A 24 17.23 -57.09 -14.57
C ILE A 24 18.65 -57.35 -14.10
N ALA A 25 19.34 -58.28 -14.75
CA ALA A 25 20.72 -58.58 -14.37
C ALA A 25 21.62 -57.34 -14.50
N ASN A 26 21.30 -56.43 -15.42
CA ASN A 26 22.13 -55.23 -15.56
C ASN A 26 21.87 -54.10 -14.57
N HIS A 27 20.62 -53.90 -14.16
CA HIS A 27 20.40 -53.07 -13.01
C HIS A 27 19.30 -53.47 -12.09
N CYS A 28 19.69 -54.01 -10.96
CA CYS A 28 19.56 -53.30 -9.71
C CYS A 28 20.91 -53.69 -9.15
N GLY A 29 21.02 -54.97 -8.83
CA GLY A 29 22.33 -55.53 -8.57
C GLY A 29 22.78 -54.88 -7.28
N GLY A 30 23.81 -55.44 -6.68
CA GLY A 30 23.98 -55.35 -5.24
C GLY A 30 23.28 -56.58 -4.70
N ASN A 31 22.27 -57.02 -5.44
CA ASN A 31 21.65 -58.30 -5.19
C ASN A 31 22.10 -59.24 -6.29
N HIS A 32 23.12 -60.03 -6.02
CA HIS A 32 23.73 -60.86 -7.03
C HIS A 32 23.06 -62.22 -7.09
N ALA A 33 22.18 -62.50 -6.13
CA ALA A 33 21.33 -63.68 -6.20
C ALA A 33 20.40 -63.47 -7.38
N LEU A 34 19.91 -62.23 -7.47
CA LEU A 34 18.98 -61.80 -8.50
C LEU A 34 19.71 -61.85 -9.82
N GLN A 35 20.86 -61.19 -9.83
CA GLN A 35 21.66 -61.09 -11.04
C GLN A 35 21.95 -62.47 -11.61
N PHE A 36 22.49 -63.35 -10.78
CA PHE A 36 22.91 -64.67 -11.20
C PHE A 36 21.76 -65.54 -11.67
N ASP A 37 20.63 -65.49 -10.97
CA ASP A 37 19.46 -66.23 -11.46
C ASP A 37 18.98 -65.70 -12.83
N ALA A 38 19.00 -64.37 -12.97
CA ALA A 38 18.59 -63.75 -14.22
C ALA A 38 19.51 -64.12 -15.40
N LEU A 39 20.82 -64.06 -15.16
CA LEU A 39 21.80 -64.41 -16.17
C LEU A 39 21.59 -65.85 -16.58
N ARG A 40 21.49 -66.72 -15.59
CA ARG A 40 21.30 -68.13 -15.87
C ARG A 40 20.07 -68.35 -16.76
N MET A 41 18.95 -67.74 -16.40
CA MET A 41 17.72 -67.91 -17.18
C MET A 41 17.86 -67.33 -18.59
N ALA A 42 18.47 -66.15 -18.68
CA ALA A 42 18.75 -65.54 -19.97
C ALA A 42 19.54 -66.50 -20.87
N TYR A 43 20.66 -67.00 -20.37
CA TYR A 43 21.50 -67.95 -21.09
C TYR A 43 20.66 -69.11 -21.59
N ASP A 44 19.89 -69.71 -20.67
CA ASP A 44 19.07 -70.87 -21.01
C ASP A 44 18.08 -70.59 -22.15
N GLU A 45 17.46 -69.42 -22.11
CA GLU A 45 16.50 -69.03 -23.14
C GLU A 45 17.15 -68.70 -24.47
N ILE A 46 18.16 -67.84 -24.41
CA ILE A 46 18.87 -67.44 -25.59
C ILE A 46 19.32 -68.67 -26.34
N LYS A 47 19.64 -69.71 -25.58
CA LYS A 47 20.24 -70.90 -26.19
C LYS A 47 19.21 -71.64 -27.02
N LYS A 48 17.99 -71.14 -27.03
CA LYS A 48 16.93 -71.83 -27.76
C LYS A 48 16.34 -71.49 -29.12
N GLY A 49 16.51 -70.35 -29.76
CA GLY A 49 17.58 -69.39 -29.89
C GLY A 49 18.01 -69.65 -31.33
N GLU A 50 18.02 -68.59 -32.17
CA GLU A 50 18.81 -68.51 -33.41
C GLU A 50 19.88 -67.44 -33.44
N ASN A 51 20.09 -66.76 -32.31
CA ASN A 51 20.77 -65.49 -32.38
C ASN A 51 22.08 -65.67 -31.64
N THR A 52 23.16 -65.80 -32.38
CA THR A 52 24.42 -66.08 -31.73
C THR A 52 25.00 -64.77 -31.24
N GLN A 53 24.51 -63.65 -31.75
CA GLN A 53 24.99 -62.39 -31.24
C GLN A 53 24.54 -62.21 -29.78
N LEU A 54 23.24 -62.40 -29.54
CA LEU A 54 22.73 -62.42 -28.16
C LEU A 54 23.57 -63.37 -27.28
N PHE A 55 23.75 -64.58 -27.77
CA PHE A 55 24.52 -65.58 -27.04
C PHE A 55 25.89 -65.06 -26.61
N ARG A 56 26.67 -64.58 -27.56
CA ARG A 56 28.00 -64.10 -27.21
C ARG A 56 27.89 -63.01 -26.18
N GLU A 57 26.86 -62.18 -26.32
CA GLU A 57 26.65 -61.11 -25.35
C GLU A 57 26.51 -61.71 -23.94
N VAL A 58 25.61 -62.67 -23.76
CA VAL A 58 25.34 -63.15 -22.41
C VAL A 58 26.51 -63.96 -21.84
N VAL A 59 27.20 -64.69 -22.73
CA VAL A 59 28.43 -65.38 -22.35
C VAL A 59 29.40 -64.36 -21.77
N ASN A 60 29.71 -63.30 -22.53
CA ASN A 60 30.58 -62.26 -22.00
C ASN A 60 30.13 -61.69 -20.66
N LYS A 61 28.84 -61.36 -20.54
CA LYS A 61 28.33 -60.77 -19.30
C LYS A 61 28.56 -61.69 -18.11
N ILE A 62 28.27 -62.98 -18.29
CA ILE A 62 28.45 -63.97 -17.26
C ILE A 62 29.94 -64.19 -16.88
N GLY A 63 30.81 -64.17 -17.88
CA GLY A 63 32.23 -64.39 -17.65
C GLY A 63 32.56 -65.61 -16.80
N ASN A 64 31.97 -66.75 -17.12
CA ASN A 64 32.27 -68.02 -16.43
C ASN A 64 31.90 -68.08 -14.95
N ARG A 65 31.05 -67.17 -14.49
CA ARG A 65 30.70 -67.14 -13.07
C ARG A 65 29.60 -68.13 -12.68
N LEU A 66 28.93 -68.72 -13.67
CA LEU A 66 27.98 -69.78 -13.39
C LEU A 66 28.64 -71.14 -13.60
N GLY A 67 29.94 -71.13 -13.87
CA GLY A 67 30.67 -72.36 -14.07
C GLY A 67 30.57 -72.97 -15.47
N GLU A 68 30.92 -74.24 -15.55
CA GLU A 68 31.24 -74.87 -16.84
C GLU A 68 30.11 -74.95 -17.86
N LYS A 69 28.88 -75.10 -17.43
CA LYS A 69 27.77 -75.19 -18.39
C LYS A 69 27.10 -73.83 -18.69
N TYR A 70 27.63 -72.75 -18.14
CA TYR A 70 27.19 -71.41 -18.50
C TYR A 70 28.12 -70.57 -19.39
N GLY A 71 29.08 -71.23 -20.03
CA GLY A 71 29.98 -70.50 -20.90
C GLY A 71 29.76 -70.63 -22.40
N MET A 72 30.85 -70.37 -23.14
CA MET A 72 30.85 -70.42 -24.59
C MET A 72 30.59 -71.83 -25.10
N ASP A 73 29.79 -71.94 -26.15
CA ASP A 73 29.59 -73.19 -26.83
C ASP A 73 29.88 -73.03 -28.35
N LEU A 74 31.05 -73.46 -28.79
CA LEU A 74 31.46 -73.22 -30.19
C LEU A 74 30.62 -74.02 -31.20
N ALA A 75 30.37 -75.28 -30.86
CA ALA A 75 29.58 -76.13 -31.74
C ALA A 75 28.19 -75.53 -31.94
N TRP A 76 27.55 -75.12 -30.84
CA TRP A 76 26.24 -74.51 -30.95
C TRP A 76 26.28 -73.29 -31.91
N CYS A 77 27.16 -72.34 -31.63
CA CYS A 77 27.34 -71.18 -32.50
C CYS A 77 27.56 -71.51 -33.98
N GLU A 78 28.42 -72.48 -34.27
CA GLU A 78 28.69 -72.88 -35.64
C GLU A 78 27.45 -73.42 -36.31
N ALA A 79 26.78 -74.33 -35.64
CA ALA A 79 25.59 -74.94 -36.19
C ALA A 79 24.54 -73.86 -36.49
N VAL A 80 24.26 -73.00 -35.50
CA VAL A 80 23.27 -71.96 -35.66
C VAL A 80 23.62 -71.00 -36.81
N ASP A 81 24.84 -70.48 -36.80
CA ASP A 81 25.26 -69.59 -37.87
C ASP A 81 25.19 -70.27 -39.25
N ARG A 82 25.69 -71.48 -39.36
CA ARG A 82 25.65 -72.19 -40.64
C ARG A 82 24.22 -72.43 -41.15
N ARG A 83 23.38 -73.00 -40.30
CA ARG A 83 21.97 -73.18 -40.61
C ARG A 83 21.40 -71.85 -41.12
N ALA A 84 21.68 -70.78 -40.38
CA ALA A 84 21.17 -69.49 -40.82
C ALA A 84 21.59 -69.22 -42.26
N GLU A 85 22.89 -69.26 -42.55
CA GLU A 85 23.35 -68.95 -43.90
C GLU A 85 22.65 -69.78 -44.99
N GLN A 86 22.51 -71.07 -44.73
CA GLN A 86 21.75 -71.90 -45.66
C GLN A 86 20.37 -71.29 -45.90
N LYS A 87 19.70 -70.99 -44.79
CA LYS A 87 18.36 -70.40 -44.82
C LYS A 87 18.34 -69.12 -45.64
N LYS A 88 19.32 -68.26 -45.39
CA LYS A 88 19.33 -66.95 -46.00
C LYS A 88 19.44 -67.10 -47.50
N VAL A 89 20.23 -68.07 -47.92
CA VAL A 89 20.44 -68.28 -49.33
C VAL A 89 19.15 -68.80 -49.96
N LYS A 90 18.48 -69.73 -49.29
CA LYS A 90 17.21 -70.25 -49.79
C LYS A 90 16.18 -69.13 -49.94
N LEU A 91 16.09 -68.29 -48.91
CA LEU A 91 15.19 -67.15 -48.93
C LEU A 91 15.52 -66.16 -50.04
N GLU A 92 16.80 -65.91 -50.24
CA GLU A 92 17.24 -65.06 -51.35
C GLU A 92 16.83 -65.63 -52.70
N ASN A 93 17.04 -66.94 -52.89
CA ASN A 93 16.65 -67.54 -54.14
C ASN A 93 15.15 -67.45 -54.37
N GLU A 94 14.36 -67.82 -53.37
CA GLU A 94 12.92 -67.72 -53.51
C GLU A 94 12.49 -66.31 -53.89
N LEU A 95 12.73 -65.36 -52.98
CA LEU A 95 12.30 -63.99 -53.21
C LEU A 95 12.73 -63.56 -54.60
N SER A 96 13.93 -63.92 -54.99
CA SER A 96 14.41 -63.52 -56.31
C SER A 96 13.48 -64.06 -57.41
N SER A 97 13.17 -65.34 -57.33
CA SER A 97 12.25 -65.93 -58.27
C SER A 97 10.90 -65.20 -58.29
N TYR A 98 10.36 -64.95 -57.09
CA TYR A 98 9.05 -64.32 -56.99
C TYR A 98 9.09 -62.96 -57.64
N ARG A 99 10.19 -62.26 -57.47
CA ARG A 99 10.32 -60.93 -58.03
C ARG A 99 10.37 -61.05 -59.55
N THR A 100 11.13 -62.03 -60.03
CA THR A 100 11.33 -62.29 -61.45
C THR A 100 10.03 -62.65 -62.17
N ASN A 101 9.22 -63.48 -61.52
CA ASN A 101 7.95 -63.94 -62.09
C ASN A 101 6.76 -63.01 -61.86
N LEU A 102 7.02 -61.87 -61.23
CA LEU A 102 5.96 -60.92 -60.86
C LEU A 102 4.79 -61.54 -60.09
N ILE A 103 5.06 -62.29 -59.02
CA ILE A 103 3.98 -62.88 -58.23
C ILE A 103 3.75 -62.08 -56.94
N LYS A 104 2.69 -61.28 -56.92
CA LYS A 104 2.53 -60.28 -55.87
C LYS A 104 2.55 -60.88 -54.46
N GLU A 105 1.66 -61.84 -54.21
CA GLU A 105 1.51 -62.37 -52.88
C GLU A 105 2.76 -63.12 -52.44
N SER A 106 3.43 -63.79 -53.38
CA SER A 106 4.69 -64.47 -53.07
C SER A 106 5.81 -63.49 -52.77
N ILE A 107 5.85 -62.37 -53.48
CA ILE A 107 6.83 -61.35 -53.18
C ILE A 107 6.58 -60.83 -51.77
N ARG A 108 5.32 -60.53 -51.50
CA ARG A 108 4.93 -60.05 -50.19
C ARG A 108 5.41 -61.02 -49.11
N MET A 109 4.87 -62.23 -49.15
CA MET A 109 5.32 -63.26 -48.22
C MET A 109 6.85 -63.41 -48.19
N GLY A 110 7.50 -63.25 -49.32
CA GLY A 110 8.94 -63.37 -49.37
C GLY A 110 9.63 -62.36 -48.48
N TYR A 111 9.32 -61.09 -48.69
CA TYR A 111 9.84 -60.03 -47.83
C TYR A 111 9.46 -60.29 -46.37
N ASN A 112 8.26 -60.81 -46.17
CA ASN A 112 7.82 -61.13 -44.83
C ASN A 112 8.68 -62.19 -44.17
N ASP A 113 9.07 -63.20 -44.94
CA ASP A 113 9.87 -64.29 -44.44
C ASP A 113 11.25 -63.75 -44.09
N PHE A 114 11.79 -62.92 -44.97
CA PHE A 114 13.06 -62.27 -44.64
C PHE A 114 12.96 -61.53 -43.31
N GLY A 115 11.85 -60.81 -43.12
CA GLY A 115 11.55 -60.14 -41.86
C GLY A 115 11.65 -61.08 -40.68
N ASP A 116 10.94 -62.20 -40.78
CA ASP A 116 11.01 -63.19 -39.71
C ASP A 116 12.45 -63.65 -39.45
N PHE A 117 13.15 -63.96 -40.53
CA PHE A 117 14.49 -64.52 -40.44
C PHE A 117 15.42 -63.54 -39.73
N TYR A 118 15.37 -62.30 -40.18
CA TYR A 118 16.23 -61.29 -39.60
C TYR A 118 15.93 -61.10 -38.11
N TYR A 119 14.64 -61.08 -37.78
CA TYR A 119 14.24 -60.94 -36.40
C TYR A 119 14.86 -62.05 -35.56
N ALA A 120 14.73 -63.29 -36.00
CA ALA A 120 15.34 -64.40 -35.26
C ALA A 120 16.87 -64.27 -35.13
N CYS A 121 17.51 -63.66 -36.13
CA CYS A 121 18.97 -63.55 -36.12
C CYS A 121 19.40 -62.46 -35.21
N GLY A 122 18.46 -61.61 -34.84
CA GLY A 122 18.74 -60.51 -33.95
C GLY A 122 19.07 -59.25 -34.71
N MET A 123 18.84 -59.23 -36.01
CA MET A 123 19.21 -58.00 -36.72
C MET A 123 17.95 -57.16 -36.95
N LEU A 124 17.73 -56.21 -36.06
CA LEU A 124 16.41 -55.63 -35.94
C LEU A 124 16.10 -54.70 -37.10
N GLY A 125 17.03 -53.82 -37.45
CA GLY A 125 16.81 -52.88 -38.55
C GLY A 125 16.46 -53.59 -39.85
N ASP A 126 17.19 -54.67 -40.16
CA ASP A 126 16.92 -55.45 -41.36
C ASP A 126 15.53 -56.03 -41.33
N ALA A 127 15.19 -56.65 -40.21
CA ALA A 127 13.84 -57.16 -40.00
C ALA A 127 12.79 -56.07 -40.29
N PHE A 128 13.01 -54.91 -39.67
CA PHE A 128 12.08 -53.81 -39.79
C PHE A 128 11.88 -53.48 -41.25
N LYS A 129 13.00 -53.26 -41.95
CA LYS A 129 13.00 -52.97 -43.40
C LYS A 129 12.20 -53.98 -44.23
N ASN A 130 12.36 -55.27 -43.98
CA ASN A 130 11.62 -56.22 -44.81
C ASN A 130 10.13 -56.22 -44.52
N TYR A 131 9.81 -56.14 -43.22
CA TYR A 131 8.42 -56.12 -42.81
C TYR A 131 7.72 -54.92 -43.46
N ILE A 132 8.37 -53.78 -43.41
CA ILE A 132 7.80 -52.55 -43.99
C ILE A 132 7.69 -52.70 -45.49
N ARG A 133 8.74 -53.27 -46.08
CA ARG A 133 8.81 -53.49 -47.49
C ARG A 133 7.55 -54.22 -47.98
N THR A 134 6.95 -55.09 -47.17
CA THR A 134 5.74 -55.79 -47.65
C THR A 134 4.58 -54.84 -48.03
N ARG A 135 4.70 -53.58 -47.61
CA ARG A 135 3.73 -52.55 -47.97
C ARG A 135 3.42 -52.45 -49.47
N ASP A 136 4.44 -52.62 -50.31
CA ASP A 136 4.24 -52.41 -51.73
C ASP A 136 3.53 -53.62 -52.35
N TYR A 137 3.44 -54.69 -51.58
CA TYR A 137 2.81 -55.93 -52.04
C TYR A 137 1.43 -56.27 -51.44
N CYS A 138 0.91 -55.31 -50.69
CA CYS A 138 -0.38 -55.50 -50.01
C CYS A 138 -1.58 -55.49 -50.96
N THR A 139 -2.36 -56.56 -50.92
CA THR A 139 -3.62 -56.55 -51.64
C THR A 139 -4.81 -56.27 -50.74
N THR A 140 -4.61 -56.40 -49.43
CA THR A 140 -5.72 -56.62 -48.50
C THR A 140 -5.57 -55.80 -47.22
N THR A 141 -6.66 -55.50 -46.53
CA THR A 141 -6.46 -54.69 -45.30
C THR A 141 -5.76 -55.51 -44.21
N LYS A 142 -6.09 -56.81 -44.12
CA LYS A 142 -5.36 -57.71 -43.23
C LYS A 142 -3.86 -57.57 -43.46
N HIS A 143 -3.43 -57.55 -44.72
CA HIS A 143 -2.01 -57.38 -45.03
C HIS A 143 -1.45 -56.14 -44.37
N ILE A 144 -2.15 -55.02 -44.54
CA ILE A 144 -1.77 -53.77 -43.90
C ILE A 144 -1.59 -53.96 -42.39
N ILE A 145 -2.59 -54.58 -41.76
CA ILE A 145 -2.54 -54.80 -40.31
C ILE A 145 -1.38 -55.72 -39.89
N HIS A 146 -1.13 -56.77 -40.65
CA HIS A 146 0.00 -57.66 -40.42
C HIS A 146 1.33 -56.92 -40.43
N MET A 147 1.51 -56.11 -41.47
CA MET A 147 2.74 -55.33 -41.58
C MET A 147 2.89 -54.37 -40.42
N CYS A 148 1.79 -53.75 -40.02
CA CYS A 148 1.82 -52.84 -38.89
C CYS A 148 2.22 -53.58 -37.62
N MET A 149 1.62 -54.74 -37.36
CA MET A 149 1.93 -55.46 -36.12
C MET A 149 3.42 -55.84 -36.08
N ASN A 150 3.94 -56.36 -37.20
CA ASN A 150 5.37 -56.62 -37.24
C ASN A 150 6.21 -55.37 -37.03
N ALA A 151 5.82 -54.29 -37.70
CA ALA A 151 6.58 -53.06 -37.67
C ALA A 151 6.62 -52.55 -36.22
N ILE A 152 5.47 -52.64 -35.56
CA ILE A 152 5.31 -52.22 -34.17
C ILE A 152 6.23 -53.04 -33.25
N LEU A 153 6.13 -54.37 -33.34
CA LEU A 153 6.95 -55.23 -32.49
C LEU A 153 8.45 -54.96 -32.63
N VAL A 154 8.91 -54.84 -33.87
CA VAL A 154 10.33 -54.62 -34.12
C VAL A 154 10.77 -53.25 -33.64
N SER A 155 9.90 -52.25 -33.81
CA SER A 155 10.22 -50.89 -33.35
C SER A 155 10.32 -50.80 -31.84
N ILE A 156 9.39 -51.47 -31.16
CA ILE A 156 9.49 -51.59 -29.71
C ILE A 156 10.86 -52.21 -29.37
N GLU A 157 11.16 -53.38 -29.91
CA GLU A 157 12.47 -54.00 -29.64
C GLU A 157 13.67 -53.11 -30.00
N MET A 158 13.50 -52.22 -30.98
CA MET A 158 14.56 -51.29 -31.34
C MET A 158 14.50 -50.04 -30.48
N GLY A 159 13.49 -50.01 -29.61
CA GLY A 159 13.22 -48.83 -28.84
C GLY A 159 13.02 -47.57 -29.66
N GLN A 160 12.40 -47.67 -30.83
CA GLN A 160 12.03 -46.44 -31.51
C GLN A 160 10.52 -46.26 -31.40
N PHE A 161 10.06 -45.43 -30.47
CA PHE A 161 8.61 -45.36 -30.25
C PHE A 161 7.91 -44.37 -31.15
N THR A 162 8.69 -43.55 -31.81
CA THR A 162 8.13 -42.69 -32.81
C THR A 162 7.60 -43.58 -33.93
N HIS A 163 8.41 -44.52 -34.42
CA HIS A 163 7.91 -45.51 -35.38
C HIS A 163 6.72 -46.31 -34.86
N VAL A 164 6.80 -46.78 -33.62
CA VAL A 164 5.65 -47.47 -33.05
C VAL A 164 4.40 -46.62 -33.27
N THR A 165 4.49 -45.34 -32.91
CA THR A 165 3.38 -44.42 -33.13
C THR A 165 2.88 -44.39 -34.57
N SER A 166 3.80 -44.23 -35.52
CA SER A 166 3.39 -44.26 -36.92
C SER A 166 2.59 -45.50 -37.28
N TYR A 167 3.16 -46.67 -36.98
CA TYR A 167 2.50 -47.90 -37.41
C TYR A 167 1.22 -48.17 -36.62
N VAL A 168 1.18 -47.66 -35.39
CA VAL A 168 -0.07 -47.62 -34.63
C VAL A 168 -1.10 -46.79 -35.38
N ASN A 169 -0.72 -45.57 -35.78
CA ASN A 169 -1.64 -44.68 -36.51
C ASN A 169 -2.18 -45.36 -37.74
N LYS A 170 -1.26 -45.84 -38.57
CA LYS A 170 -1.66 -46.50 -39.81
C LYS A 170 -2.69 -47.56 -39.46
N ALA A 171 -2.36 -48.43 -38.52
CA ALA A 171 -3.29 -49.50 -38.17
C ALA A 171 -4.65 -48.94 -37.72
N GLU A 172 -4.62 -47.97 -36.83
CA GLU A 172 -5.83 -47.44 -36.20
C GLU A 172 -6.82 -46.85 -37.20
N GLN A 173 -6.29 -46.27 -38.27
CA GLN A 173 -7.08 -45.54 -39.23
C GLN A 173 -7.65 -46.46 -40.32
N ASN A 174 -7.49 -47.77 -40.17
CA ASN A 174 -8.10 -48.68 -41.16
C ASN A 174 -9.60 -48.36 -41.34
N PRO A 175 -10.03 -48.09 -42.58
CA PRO A 175 -11.45 -47.84 -42.84
C PRO A 175 -12.30 -49.00 -42.36
N GLU A 176 -11.75 -50.20 -42.45
CA GLU A 176 -12.44 -51.38 -41.97
C GLU A 176 -12.35 -51.39 -40.45
N THR A 177 -13.41 -51.83 -39.79
CA THR A 177 -13.35 -51.88 -38.34
C THR A 177 -12.49 -53.06 -37.89
N LEU A 178 -11.64 -52.82 -36.90
CA LEU A 178 -10.67 -53.82 -36.42
C LEU A 178 -11.29 -54.84 -35.51
N GLU A 179 -10.78 -56.08 -35.53
CA GLU A 179 -11.15 -57.06 -34.51
C GLU A 179 -10.81 -56.53 -33.11
N PRO A 180 -11.60 -56.94 -32.13
CA PRO A 180 -11.43 -56.46 -30.75
C PRO A 180 -10.01 -56.69 -30.19
N MET A 181 -9.43 -57.88 -30.40
CA MET A 181 -8.14 -58.22 -29.81
C MET A 181 -6.99 -57.43 -30.42
N VAL A 182 -7.07 -57.20 -31.72
CA VAL A 182 -6.10 -56.38 -32.43
C VAL A 182 -6.19 -54.95 -31.92
N ASN A 183 -7.41 -54.52 -31.66
CA ASN A 183 -7.63 -53.21 -31.11
C ASN A 183 -6.96 -53.09 -29.77
N ALA A 184 -7.11 -54.15 -28.98
CA ALA A 184 -6.59 -54.17 -27.63
C ALA A 184 -5.08 -54.06 -27.67
N LYS A 185 -4.48 -54.92 -28.48
CA LYS A 185 -3.04 -54.91 -28.69
C LYS A 185 -2.55 -53.53 -29.12
N LEU A 186 -3.26 -52.91 -30.05
CA LEU A 186 -2.90 -51.54 -30.48
C LEU A 186 -2.98 -50.51 -29.35
N ARG A 187 -4.00 -50.62 -28.51
CA ARG A 187 -4.08 -49.78 -27.34
C ARG A 187 -2.82 -49.99 -26.50
N CYS A 188 -2.45 -51.24 -26.30
CA CYS A 188 -1.22 -51.54 -25.55
C CYS A 188 0.02 -50.86 -26.17
N ALA A 189 0.20 -51.01 -27.48
CA ALA A 189 1.35 -50.45 -28.18
C ALA A 189 1.40 -48.94 -27.99
N SER A 190 0.24 -48.32 -28.20
CA SER A 190 0.11 -46.86 -28.12
C SER A 190 0.45 -46.35 -26.72
N GLY A 191 -0.17 -46.96 -25.71
CA GLY A 191 0.18 -46.71 -24.33
C GLY A 191 1.67 -46.83 -24.08
N LEU A 192 2.26 -47.89 -24.60
CA LEU A 192 3.69 -48.09 -24.42
C LEU A 192 4.48 -46.91 -24.99
N ALA A 193 4.13 -46.47 -26.19
CA ALA A 193 4.91 -45.42 -26.83
C ALA A 193 4.70 -44.09 -26.14
N HIS A 194 3.49 -43.86 -25.67
CA HIS A 194 3.18 -42.64 -24.94
C HIS A 194 4.00 -42.58 -23.67
N LEU A 195 4.06 -43.72 -22.99
CA LEU A 195 4.89 -43.88 -21.82
C LEU A 195 6.37 -43.58 -22.05
N GLU A 196 6.90 -44.06 -23.17
CA GLU A 196 8.31 -43.79 -23.43
C GLU A 196 8.57 -42.35 -23.84
N LEU A 197 7.53 -41.75 -24.43
CA LEU A 197 7.61 -40.39 -24.92
C LEU A 197 7.26 -39.43 -23.81
N LYS A 198 7.12 -39.97 -22.60
CA LYS A 198 6.92 -39.19 -21.38
C LYS A 198 5.61 -38.39 -21.40
N LYS A 199 4.61 -38.94 -22.08
CA LYS A 199 3.30 -38.34 -21.93
C LYS A 199 2.39 -39.31 -21.20
N TYR A 200 2.27 -39.10 -19.90
CA TYR A 200 1.74 -40.15 -19.04
C TYR A 200 0.21 -40.19 -19.06
N LYS A 201 -0.39 -39.04 -19.36
CA LYS A 201 -1.84 -38.93 -19.34
C LYS A 201 -2.43 -39.71 -20.49
N LEU A 202 -1.97 -39.43 -21.71
CA LEU A 202 -2.34 -40.26 -22.87
C LEU A 202 -2.06 -41.76 -22.61
N ALA A 203 -0.87 -42.07 -22.10
CA ALA A 203 -0.51 -43.45 -21.79
C ALA A 203 -1.59 -44.10 -20.92
N ALA A 204 -1.94 -43.41 -19.85
CA ALA A 204 -2.97 -43.88 -18.93
C ALA A 204 -4.30 -44.12 -19.63
N ARG A 205 -4.75 -43.16 -20.45
CA ARG A 205 -6.04 -43.36 -21.10
C ARG A 205 -6.01 -44.63 -21.91
N LYS A 206 -4.96 -44.74 -22.73
CA LYS A 206 -4.80 -45.95 -23.55
C LYS A 206 -4.90 -47.22 -22.69
N PHE A 207 -3.96 -47.40 -21.76
CA PHE A 207 -3.94 -48.61 -20.94
C PHE A 207 -5.26 -48.87 -20.21
N LEU A 208 -5.89 -47.80 -19.73
CA LEU A 208 -7.14 -47.98 -18.97
C LEU A 208 -8.27 -48.49 -19.86
N ASP A 209 -8.19 -48.21 -21.15
CA ASP A 209 -9.22 -48.76 -22.05
C ASP A 209 -8.95 -50.15 -22.62
N VAL A 210 -7.93 -50.84 -22.15
CA VAL A 210 -7.63 -52.12 -22.77
C VAL A 210 -8.63 -53.22 -22.40
N ASN A 211 -9.18 -53.85 -23.43
CA ASN A 211 -10.12 -54.95 -23.26
C ASN A 211 -9.60 -56.04 -22.29
N PRO A 212 -10.37 -56.34 -21.23
CA PRO A 212 -9.88 -57.27 -20.20
C PRO A 212 -9.69 -58.70 -20.73
N GLU A 213 -10.25 -58.98 -21.90
CA GLU A 213 -10.15 -60.31 -22.50
C GLU A 213 -8.81 -60.56 -23.26
N LEU A 214 -7.96 -59.53 -23.34
CA LEU A 214 -6.64 -59.68 -23.95
C LEU A 214 -5.73 -60.71 -23.26
N GLY A 215 -5.79 -60.75 -21.94
CA GLY A 215 -5.03 -61.74 -21.20
C GLY A 215 -3.56 -61.77 -21.58
N ASN A 216 -3.09 -62.95 -21.94
CA ASN A 216 -1.69 -63.13 -22.34
C ASN A 216 -1.41 -63.16 -23.85
N SER A 217 -2.43 -62.89 -24.66
CA SER A 217 -2.31 -62.88 -26.10
C SER A 217 -1.33 -61.87 -26.65
N TYR A 218 -0.98 -60.86 -25.88
CA TYR A 218 0.03 -59.87 -26.29
C TYR A 218 1.40 -60.05 -25.58
N ASN A 219 1.60 -61.25 -25.04
CA ASN A 219 2.77 -61.63 -24.24
C ASN A 219 4.12 -61.31 -24.86
N GLU A 220 4.16 -61.13 -26.18
CA GLU A 220 5.41 -60.78 -26.86
C GLU A 220 5.81 -59.32 -26.55
N VAL A 221 4.85 -58.58 -26.03
CA VAL A 221 5.00 -57.14 -25.78
C VAL A 221 4.73 -56.75 -24.33
N ILE A 222 3.54 -57.11 -23.84
CA ILE A 222 3.11 -56.65 -22.53
C ILE A 222 2.32 -57.74 -21.79
N ALA A 223 2.36 -57.69 -20.47
CA ALA A 223 1.54 -58.60 -19.67
C ALA A 223 0.43 -57.79 -18.97
N PRO A 224 -0.69 -58.47 -18.66
CA PRO A 224 -1.83 -57.89 -17.92
C PRO A 224 -1.35 -57.12 -16.67
N GLN A 225 -0.39 -57.70 -15.95
CA GLN A 225 0.20 -57.06 -14.80
C GLN A 225 0.75 -55.68 -15.16
N ASP A 226 1.35 -55.58 -16.35
CA ASP A 226 2.01 -54.35 -16.75
C ASP A 226 0.92 -53.36 -17.05
N ILE A 227 -0.14 -53.84 -17.66
CA ILE A 227 -1.28 -52.99 -17.94
C ILE A 227 -1.84 -52.37 -16.64
N ALA A 228 -2.05 -53.16 -15.61
CA ALA A 228 -2.44 -52.57 -14.31
C ALA A 228 -1.41 -51.53 -13.82
N THR A 229 -0.14 -51.93 -13.74
CA THR A 229 0.87 -51.06 -13.15
C THR A 229 1.05 -49.72 -13.86
N TYR A 230 1.22 -49.78 -15.18
CA TYR A 230 1.41 -48.57 -15.97
C TYR A 230 0.13 -47.74 -15.94
N GLY A 231 -1.02 -48.40 -16.09
CA GLY A 231 -2.27 -47.67 -16.06
C GLY A 231 -2.42 -46.91 -14.75
N GLY A 232 -2.33 -47.63 -13.64
CA GLY A 232 -2.50 -47.05 -12.34
C GLY A 232 -1.56 -45.88 -12.08
N LEU A 233 -0.26 -46.13 -12.14
CA LEU A 233 0.66 -45.08 -11.76
C LEU A 233 0.55 -43.89 -12.72
N CYS A 234 0.40 -44.16 -14.02
CA CYS A 234 0.26 -43.07 -14.97
C CYS A 234 -0.95 -42.17 -14.69
N ALA A 235 -2.08 -42.81 -14.44
CA ALA A 235 -3.28 -42.06 -14.10
C ALA A 235 -3.04 -41.22 -12.84
N LEU A 236 -2.51 -41.86 -11.80
CA LEU A 236 -2.35 -41.19 -10.53
C LEU A 236 -1.46 -39.97 -10.67
N ALA A 237 -0.48 -40.06 -11.56
CA ALA A 237 0.44 -38.94 -11.73
C ALA A 237 -0.18 -37.84 -12.58
N SER A 238 -1.16 -38.22 -13.39
CA SER A 238 -1.73 -37.35 -14.43
C SER A 238 -3.11 -36.81 -14.11
N PHE A 239 -4.07 -37.71 -13.88
CA PHE A 239 -5.49 -37.35 -13.77
C PHE A 239 -5.84 -36.44 -12.58
N ASP A 240 -6.81 -35.54 -12.79
CA ASP A 240 -7.49 -34.88 -11.67
C ASP A 240 -8.41 -35.89 -10.99
N ARG A 241 -8.85 -35.63 -9.77
CA ARG A 241 -9.55 -36.69 -9.06
C ARG A 241 -10.85 -37.08 -9.75
N SER A 242 -11.44 -36.17 -10.51
CA SER A 242 -12.67 -36.53 -11.20
C SER A 242 -12.38 -37.68 -12.16
N GLU A 243 -11.48 -37.42 -13.11
CA GLU A 243 -11.08 -38.42 -14.08
C GLU A 243 -10.57 -39.69 -13.39
N LEU A 244 -9.81 -39.55 -12.31
CA LEU A 244 -9.30 -40.72 -11.61
C LEU A 244 -10.44 -41.60 -11.07
N LYS A 245 -11.50 -40.97 -10.59
CA LYS A 245 -12.67 -41.68 -10.07
C LYS A 245 -13.36 -42.41 -11.21
N GLN A 246 -13.62 -41.66 -12.27
CA GLN A 246 -14.38 -42.18 -13.40
C GLN A 246 -13.66 -43.33 -14.10
N LYS A 247 -12.47 -43.04 -14.59
CA LYS A 247 -11.75 -43.93 -15.50
C LYS A 247 -10.93 -45.02 -14.81
N VAL A 248 -10.72 -44.88 -13.50
CA VAL A 248 -9.87 -45.81 -12.77
C VAL A 248 -10.56 -46.52 -11.60
N ILE A 249 -10.96 -45.77 -10.58
CA ILE A 249 -11.60 -46.37 -9.40
C ILE A 249 -12.96 -47.01 -9.72
N ASP A 250 -13.69 -46.38 -10.63
CA ASP A 250 -15.01 -46.84 -11.01
C ASP A 250 -15.00 -47.69 -12.28
N ASN A 251 -13.82 -47.87 -12.87
CA ASN A 251 -13.76 -48.60 -14.13
C ASN A 251 -13.71 -50.10 -13.83
N ILE A 252 -14.77 -50.79 -14.22
CA ILE A 252 -14.97 -52.18 -13.81
C ILE A 252 -14.12 -53.13 -14.64
N ASN A 253 -14.07 -52.88 -15.94
CA ASN A 253 -13.14 -53.61 -16.79
C ASN A 253 -11.71 -53.54 -16.27
N PHE A 254 -11.21 -52.35 -15.99
CA PHE A 254 -9.82 -52.20 -15.57
C PHE A 254 -9.61 -52.87 -14.23
N ARG A 255 -10.71 -53.07 -13.50
CA ARG A 255 -10.61 -53.69 -12.19
C ARG A 255 -10.05 -55.10 -12.34
N ASN A 256 -10.30 -55.69 -13.52
CA ASN A 256 -9.80 -57.02 -13.84
C ASN A 256 -8.28 -57.08 -13.81
N PHE A 257 -7.67 -56.08 -14.44
CA PHE A 257 -6.21 -55.92 -14.42
C PHE A 257 -5.69 -55.56 -13.04
N LEU A 258 -6.27 -54.54 -12.41
CA LEU A 258 -5.85 -54.10 -11.07
C LEU A 258 -5.84 -55.25 -10.07
N GLU A 259 -6.80 -56.16 -10.22
CA GLU A 259 -6.87 -57.37 -9.40
C GLU A 259 -5.52 -58.09 -9.32
N LEU A 260 -4.83 -58.13 -10.47
CA LEU A 260 -3.55 -58.83 -10.62
C LEU A 260 -2.41 -58.26 -9.79
N VAL A 261 -2.53 -57.00 -9.38
CA VAL A 261 -1.49 -56.36 -8.59
C VAL A 261 -2.08 -55.54 -7.47
N PRO A 262 -2.41 -56.22 -6.36
CA PRO A 262 -3.07 -55.65 -5.17
C PRO A 262 -2.34 -54.42 -4.61
N ASP A 263 -1.02 -54.47 -4.48
CA ASP A 263 -0.28 -53.34 -3.92
C ASP A 263 -0.58 -52.02 -4.65
N VAL A 264 -0.76 -52.10 -5.95
CA VAL A 264 -1.00 -50.94 -6.79
C VAL A 264 -2.44 -50.47 -6.62
N ARG A 265 -3.34 -51.44 -6.51
CA ARG A 265 -4.76 -51.16 -6.26
C ARG A 265 -4.93 -50.38 -4.94
N GLU A 266 -4.30 -50.90 -3.89
CA GLU A 266 -4.36 -50.30 -2.58
C GLU A 266 -3.67 -48.95 -2.59
N LEU A 267 -2.56 -48.84 -3.30
CA LEU A 267 -1.84 -47.60 -3.41
C LEU A 267 -2.78 -46.51 -3.96
N ILE A 268 -3.58 -46.91 -4.95
CA ILE A 268 -4.55 -45.99 -5.58
C ILE A 268 -5.69 -45.61 -4.62
N ASN A 269 -6.25 -46.62 -3.93
CA ASN A 269 -7.28 -46.36 -2.92
C ASN A 269 -6.80 -45.48 -1.75
N ASP A 270 -5.61 -45.77 -1.25
CA ASP A 270 -5.00 -44.95 -0.22
C ASP A 270 -4.86 -43.51 -0.71
N PHE A 271 -4.42 -43.33 -1.96
CA PHE A 271 -4.26 -41.97 -2.48
C PHE A 271 -5.59 -41.27 -2.60
N TYR A 272 -6.58 -41.99 -3.08
CA TYR A 272 -7.88 -41.39 -3.35
C TYR A 272 -8.57 -41.02 -2.04
N SER A 273 -8.39 -41.87 -1.04
CA SER A 273 -9.02 -41.75 0.27
C SER A 273 -8.19 -40.86 1.18
N SER A 274 -7.16 -40.25 0.59
CA SER A 274 -6.33 -39.27 1.28
C SER A 274 -5.61 -39.80 2.51
N ARG A 275 -5.26 -41.08 2.52
CA ARG A 275 -4.35 -41.51 3.57
C ARG A 275 -2.99 -41.56 2.94
N TYR A 276 -2.24 -40.50 3.18
CA TYR A 276 -1.05 -40.23 2.41
C TYR A 276 0.13 -41.09 2.77
N ALA A 277 0.40 -41.22 4.07
CA ALA A 277 1.55 -41.98 4.57
C ALA A 277 1.47 -43.42 4.09
N SER A 278 0.26 -43.97 4.09
CA SER A 278 0.03 -45.31 3.61
C SER A 278 0.49 -45.39 2.15
N CYS A 279 -0.03 -44.47 1.35
CA CYS A 279 0.32 -44.38 -0.05
C CYS A 279 1.83 -44.34 -0.27
N LEU A 280 2.51 -43.46 0.43
CA LEU A 280 3.93 -43.27 0.20
C LEU A 280 4.71 -44.49 0.69
N GLU A 281 4.15 -45.21 1.67
CA GLU A 281 4.76 -46.45 2.12
C GLU A 281 4.71 -47.51 1.02
N TYR A 282 3.55 -47.62 0.36
CA TYR A 282 3.42 -48.49 -0.80
C TYR A 282 4.42 -48.13 -1.91
N LEU A 283 4.45 -46.86 -2.32
CA LEU A 283 5.44 -46.42 -3.30
C LEU A 283 6.89 -46.76 -2.88
N ALA A 284 7.17 -46.56 -1.59
CA ALA A 284 8.49 -46.86 -1.08
C ALA A 284 8.77 -48.34 -1.35
N SER A 285 7.74 -49.14 -1.10
CA SER A 285 7.88 -50.59 -1.09
C SER A 285 7.97 -51.19 -2.49
N LEU A 286 7.31 -50.55 -3.46
CA LEU A 286 7.33 -51.00 -4.86
C LEU A 286 8.55 -50.49 -5.64
N LYS A 287 9.16 -49.42 -5.14
CA LYS A 287 10.17 -48.71 -5.91
C LYS A 287 11.26 -49.61 -6.53
N SER A 288 11.75 -50.59 -5.76
CA SER A 288 12.74 -51.52 -6.26
C SER A 288 12.27 -52.32 -7.46
N ASN A 289 11.14 -52.98 -7.35
CA ASN A 289 10.71 -53.77 -8.49
C ASN A 289 10.28 -52.91 -9.67
N LEU A 290 9.84 -51.69 -9.41
CA LEU A 290 9.49 -50.84 -10.54
C LEU A 290 10.75 -50.51 -11.30
N LEU A 291 11.84 -50.28 -10.56
CA LEU A 291 13.12 -49.98 -11.20
C LEU A 291 13.68 -51.15 -12.03
N LEU A 292 13.21 -52.36 -11.76
CA LEU A 292 13.61 -53.50 -12.56
C LEU A 292 12.77 -53.63 -13.83
N ASP A 293 11.82 -52.72 -14.00
CA ASP A 293 10.89 -52.83 -15.11
C ASP A 293 11.53 -52.20 -16.35
N ILE A 294 11.64 -53.00 -17.40
CA ILE A 294 12.38 -52.59 -18.58
C ILE A 294 11.77 -51.32 -19.19
N HIS A 295 10.44 -51.26 -19.21
CA HIS A 295 9.75 -50.05 -19.67
C HIS A 295 9.53 -48.94 -18.67
N LEU A 296 9.31 -49.25 -17.40
CA LEU A 296 8.92 -48.22 -16.45
C LEU A 296 10.09 -47.54 -15.78
N HIS A 297 11.23 -48.20 -15.85
CA HIS A 297 12.41 -47.78 -15.10
C HIS A 297 12.68 -46.27 -15.21
N ASP A 298 12.97 -45.78 -16.41
CA ASP A 298 13.23 -44.37 -16.62
C ASP A 298 12.14 -43.43 -16.11
N HIS A 299 10.92 -43.92 -15.95
CA HIS A 299 9.89 -42.97 -15.61
C HIS A 299 9.64 -42.91 -14.12
N VAL A 300 10.18 -43.88 -13.40
CA VAL A 300 9.82 -44.04 -12.00
C VAL A 300 9.88 -42.74 -11.15
N ASP A 301 11.07 -42.18 -11.01
CA ASP A 301 11.22 -40.94 -10.28
C ASP A 301 10.21 -39.88 -10.69
N THR A 302 10.10 -39.64 -12.00
CA THR A 302 9.21 -38.58 -12.47
C THR A 302 7.80 -38.86 -11.99
N LEU A 303 7.34 -40.08 -12.25
CA LEU A 303 5.97 -40.41 -11.90
C LEU A 303 5.85 -40.22 -10.40
N TYR A 304 6.84 -40.72 -9.67
CA TYR A 304 6.78 -40.64 -8.22
C TYR A 304 6.64 -39.17 -7.80
N ASP A 305 7.51 -38.31 -8.35
CA ASP A 305 7.43 -36.89 -7.99
C ASP A 305 6.02 -36.39 -8.27
N GLN A 306 5.51 -36.68 -9.48
CA GLN A 306 4.24 -36.12 -9.88
C GLN A 306 3.21 -36.53 -8.85
N ILE A 307 3.21 -37.82 -8.52
CA ILE A 307 2.22 -38.33 -7.59
C ILE A 307 2.35 -37.55 -6.28
N ARG A 308 3.56 -37.55 -5.72
CA ARG A 308 3.83 -36.88 -4.46
C ARG A 308 3.31 -35.44 -4.48
N LYS A 309 3.55 -34.74 -5.59
CA LYS A 309 3.18 -33.32 -5.67
C LYS A 309 1.67 -33.24 -5.45
N LYS A 310 0.94 -34.01 -6.27
CA LYS A 310 -0.51 -34.03 -6.16
C LYS A 310 -0.94 -34.28 -4.71
N ALA A 311 -0.27 -35.21 -4.04
CA ALA A 311 -0.70 -35.58 -2.71
C ALA A 311 -0.61 -34.34 -1.82
N LEU A 312 0.53 -33.64 -1.93
CA LEU A 312 0.76 -32.45 -1.12
C LEU A 312 -0.39 -31.48 -1.36
N ILE A 313 -0.76 -31.27 -2.62
CA ILE A 313 -1.78 -30.28 -2.87
C ILE A 313 -3.09 -30.74 -2.24
N GLN A 314 -3.38 -32.04 -2.36
CA GLN A 314 -4.61 -32.55 -1.79
C GLN A 314 -4.63 -32.22 -0.31
N TYR A 315 -3.47 -32.32 0.32
CA TYR A 315 -3.39 -32.15 1.76
C TYR A 315 -3.81 -30.73 2.16
N THR A 316 -3.53 -29.76 1.30
CA THR A 316 -3.76 -28.37 1.63
C THR A 316 -5.21 -27.90 1.43
N LEU A 317 -6.06 -28.77 0.88
CA LEU A 317 -7.49 -28.52 0.83
C LEU A 317 -8.04 -28.47 2.26
N PRO A 318 -8.87 -27.45 2.56
CA PRO A 318 -9.56 -27.32 3.86
C PRO A 318 -10.80 -28.20 4.03
N GLU B 1 23.46 -0.14 7.29
CA GLU B 1 24.20 0.66 8.27
C GLU B 1 25.55 0.02 8.60
N PRO B 2 26.65 0.80 8.46
CA PRO B 2 28.03 0.27 8.57
C PRO B 2 28.44 -0.03 10.02
N LEU B 3 29.39 -0.94 10.20
CA LEU B 3 29.80 -1.31 11.56
C LEU B 3 30.93 -0.41 12.09
N ASP B 4 30.83 0.02 13.34
CA ASP B 4 31.98 0.67 13.95
C ASP B 4 32.60 -0.19 15.04
N ILE B 5 33.76 -0.73 14.72
CA ILE B 5 34.40 -1.71 15.56
C ILE B 5 34.94 -1.13 16.86
N GLU B 6 35.03 0.20 17.01
CA GLU B 6 35.42 0.72 18.32
C GLU B 6 34.38 0.22 19.33
N ALA B 7 33.13 0.59 19.05
CA ALA B 7 31.99 0.24 19.90
C ALA B 7 31.76 -1.27 20.01
N TYR B 8 31.98 -2.00 18.91
CA TYR B 8 31.78 -3.43 18.92
C TYR B 8 32.84 -4.13 19.75
N ALA B 9 34.09 -3.79 19.51
CA ALA B 9 35.21 -4.41 20.20
C ALA B 9 35.08 -4.15 21.67
N ALA B 10 34.64 -2.94 22.01
CA ALA B 10 34.49 -2.58 23.41
C ALA B 10 33.51 -3.49 24.14
N LEU B 11 32.58 -4.11 23.42
CA LEU B 11 31.59 -4.97 24.07
C LEU B 11 32.20 -6.21 24.73
N TYR B 12 33.42 -6.57 24.30
CA TYR B 12 34.04 -7.86 24.60
C TYR B 12 35.33 -7.69 25.38
N LYS B 13 35.77 -8.75 26.06
CA LYS B 13 36.80 -8.63 27.08
C LYS B 13 38.10 -9.37 26.73
N GLY B 14 38.06 -10.69 26.60
CA GLY B 14 39.29 -11.47 26.52
C GLY B 14 39.81 -11.82 25.14
N ARG B 15 40.34 -13.05 25.01
CA ARG B 15 40.75 -13.63 23.74
C ARG B 15 39.68 -13.48 22.66
N THR B 16 38.43 -13.52 23.07
CA THR B 16 37.39 -13.44 22.06
C THR B 16 37.40 -12.10 21.34
N LYS B 17 37.80 -11.04 22.03
CA LYS B 17 37.84 -9.69 21.44
C LYS B 17 38.84 -9.66 20.29
N ILE B 18 40.01 -10.21 20.56
CA ILE B 18 41.03 -10.45 19.56
C ILE B 18 40.51 -11.34 18.40
N MET B 19 39.83 -12.44 18.74
CA MET B 19 39.42 -13.39 17.71
C MET B 19 38.40 -12.74 16.79
N ARG B 20 37.46 -12.02 17.38
CA ARG B 20 36.46 -11.27 16.62
C ARG B 20 37.14 -10.22 15.73
N LEU B 21 38.18 -9.54 16.24
CA LEU B 21 38.88 -8.57 15.40
C LEU B 21 39.47 -9.28 14.18
N LEU B 22 40.25 -10.32 14.44
CA LEU B 22 40.84 -11.11 13.35
C LEU B 22 39.81 -11.68 12.39
N PHE B 23 38.62 -11.97 12.87
CA PHE B 23 37.59 -12.61 12.07
C PHE B 23 37.05 -11.57 11.12
N ILE B 24 36.71 -10.41 11.68
CA ILE B 24 36.26 -9.30 10.86
C ILE B 24 37.31 -8.99 9.79
N ALA B 25 38.57 -8.84 10.20
CA ALA B 25 39.65 -8.54 9.26
C ALA B 25 39.72 -9.58 8.15
N ASN B 26 39.64 -10.85 8.53
CA ASN B 26 39.89 -11.92 7.59
C ASN B 26 38.75 -11.90 6.61
N HIS B 27 37.56 -12.22 7.07
CA HIS B 27 36.51 -12.09 6.12
C HIS B 27 35.34 -11.29 6.57
N CYS B 28 35.28 -10.10 6.00
CA CYS B 28 34.28 -9.82 5.02
C CYS B 28 35.30 -9.22 4.09
N GLY B 29 35.78 -8.03 4.46
CA GLY B 29 36.90 -7.46 3.75
C GLY B 29 36.45 -7.29 2.31
N GLY B 30 37.32 -6.78 1.46
CA GLY B 30 36.83 -6.14 0.26
C GLY B 30 36.60 -4.69 0.65
N ASN B 31 36.38 -4.48 1.95
CA ASN B 31 36.41 -3.15 2.55
C ASN B 31 37.62 -3.11 3.46
N HIS B 32 38.70 -2.49 2.98
CA HIS B 32 40.02 -2.65 3.60
C HIS B 32 40.29 -1.66 4.72
N ALA B 33 39.52 -0.58 4.77
CA ALA B 33 39.62 0.33 5.92
C ALA B 33 39.20 -0.48 7.12
N LEU B 34 38.01 -1.09 7.05
CA LEU B 34 37.53 -1.99 8.08
C LEU B 34 38.58 -3.03 8.44
N GLN B 35 39.14 -3.64 7.40
CA GLN B 35 40.13 -4.69 7.57
C GLN B 35 41.30 -4.24 8.43
N PHE B 36 41.97 -3.19 7.99
CA PHE B 36 43.21 -2.81 8.65
C PHE B 36 42.96 -2.05 9.95
N ASP B 37 41.76 -1.51 10.08
CA ASP B 37 41.28 -1.02 11.36
C ASP B 37 41.27 -2.18 12.35
N ALA B 38 40.65 -3.28 11.94
CA ALA B 38 40.52 -4.46 12.78
C ALA B 38 41.88 -5.04 13.06
N LEU B 39 42.74 -5.03 12.03
CA LEU B 39 44.06 -5.59 12.15
C LEU B 39 44.87 -4.78 13.17
N ARG B 40 44.68 -3.47 13.14
CA ARG B 40 45.38 -2.54 14.02
C ARG B 40 44.93 -2.68 15.48
N MET B 41 43.61 -2.59 15.67
CA MET B 41 43.00 -2.86 16.96
C MET B 41 43.48 -4.20 17.54
N ALA B 42 43.49 -5.24 16.70
CA ALA B 42 43.96 -6.56 17.11
C ALA B 42 45.43 -6.53 17.54
N TYR B 43 46.26 -5.94 16.70
CA TYR B 43 47.67 -5.79 16.97
C TYR B 43 47.88 -5.18 18.38
N ASP B 44 47.17 -4.09 18.68
CA ASP B 44 47.35 -3.41 19.97
C ASP B 44 46.82 -4.21 21.16
N GLU B 45 45.73 -4.95 20.95
CA GLU B 45 45.22 -5.82 22.00
C GLU B 45 46.15 -7.00 22.32
N ILE B 46 46.65 -7.65 21.27
CA ILE B 46 47.57 -8.77 21.37
C ILE B 46 48.88 -8.40 22.08
N LYS B 47 49.33 -7.17 21.84
CA LYS B 47 50.58 -6.67 22.36
C LYS B 47 50.57 -6.62 23.89
N LYS B 48 49.41 -6.83 24.50
CA LYS B 48 49.24 -6.50 25.92
C LYS B 48 49.77 -7.36 27.07
N GLY B 49 49.36 -8.61 27.24
CA GLY B 49 49.16 -9.65 26.25
C GLY B 49 50.36 -10.60 26.39
N GLU B 50 50.07 -11.91 26.45
CA GLU B 50 51.08 -12.98 26.64
C GLU B 50 51.48 -13.79 25.43
N ASN B 51 50.85 -13.51 24.29
CA ASN B 51 50.88 -14.49 23.22
C ASN B 51 51.71 -14.07 22.01
N THR B 52 52.84 -14.74 21.83
CA THR B 52 53.84 -14.34 20.83
C THR B 52 53.48 -14.78 19.41
N GLN B 53 52.90 -15.96 19.27
CA GLN B 53 52.60 -16.45 17.94
C GLN B 53 51.47 -15.66 17.28
N LEU B 54 50.45 -15.30 18.08
CA LEU B 54 49.35 -14.46 17.59
C LEU B 54 49.85 -13.08 17.15
N PHE B 55 50.78 -12.55 17.93
CA PHE B 55 51.46 -11.30 17.59
C PHE B 55 52.13 -11.42 16.23
N ARG B 56 52.93 -12.48 16.06
CA ARG B 56 53.59 -12.72 14.80
C ARG B 56 52.60 -12.83 13.64
N GLU B 57 51.52 -13.60 13.83
CA GLU B 57 50.51 -13.77 12.79
C GLU B 57 49.93 -12.42 12.37
N VAL B 58 49.51 -11.60 13.32
CA VAL B 58 48.93 -10.31 12.95
C VAL B 58 49.98 -9.38 12.33
N VAL B 59 51.20 -9.38 12.83
CA VAL B 59 52.28 -8.62 12.20
C VAL B 59 52.45 -9.01 10.73
N ASN B 60 52.41 -10.31 10.42
CA ASN B 60 52.50 -10.79 9.04
C ASN B 60 51.26 -10.45 8.22
N LYS B 61 50.13 -10.29 8.91
CA LYS B 61 48.90 -9.90 8.24
C LYS B 61 48.89 -8.42 7.87
N ILE B 62 49.43 -7.58 8.76
CA ILE B 62 49.50 -6.14 8.52
C ILE B 62 50.62 -5.86 7.53
N GLY B 63 51.74 -6.54 7.73
CA GLY B 63 52.83 -6.53 6.76
C GLY B 63 53.40 -5.16 6.48
N ASN B 64 53.68 -4.44 7.57
CA ASN B 64 54.32 -3.14 7.47
C ASN B 64 53.45 -2.08 6.77
N ARG B 65 52.26 -2.49 6.34
CA ARG B 65 51.35 -1.59 5.64
C ARG B 65 50.89 -0.41 6.52
N LEU B 66 50.90 -0.59 7.84
CA LEU B 66 50.51 0.47 8.79
C LEU B 66 51.69 1.23 9.43
N GLY B 67 52.90 1.00 8.94
CA GLY B 67 54.04 1.76 9.38
C GLY B 67 54.82 1.11 10.51
N GLU B 68 55.51 1.96 11.29
CA GLU B 68 56.54 1.55 12.27
C GLU B 68 56.00 0.98 13.58
N LYS B 69 54.92 1.59 14.08
CA LYS B 69 54.26 1.15 15.29
C LYS B 69 53.56 -0.21 15.12
N TYR B 70 53.12 -0.51 13.90
CA TYR B 70 52.45 -1.77 13.56
C TYR B 70 53.32 -2.84 12.88
N GLY B 71 54.62 -2.64 12.89
CA GLY B 71 55.54 -3.64 12.41
C GLY B 71 55.88 -4.65 13.50
N MET B 72 56.91 -5.44 13.23
CA MET B 72 57.38 -6.47 14.15
C MET B 72 58.25 -5.90 15.26
N ASP B 73 58.10 -6.44 16.47
CA ASP B 73 58.95 -6.10 17.61
C ASP B 73 59.64 -7.36 18.16
N LEU B 74 60.95 -7.47 17.97
CA LEU B 74 61.74 -8.62 18.44
C LEU B 74 61.96 -8.57 19.95
N ALA B 75 62.24 -7.36 20.44
CA ALA B 75 62.39 -7.15 21.87
C ALA B 75 61.22 -7.80 22.60
N TRP B 76 60.01 -7.31 22.32
CA TRP B 76 58.78 -7.79 22.95
C TRP B 76 58.63 -9.32 22.93
N CYS B 77 58.84 -9.92 21.77
CA CYS B 77 58.74 -11.37 21.61
C CYS B 77 59.74 -12.12 22.48
N GLU B 78 61.00 -11.70 22.43
CA GLU B 78 62.04 -12.36 23.22
C GLU B 78 61.73 -12.25 24.70
N ALA B 79 61.49 -11.03 25.18
CA ALA B 79 61.18 -10.77 26.59
C ALA B 79 60.02 -11.63 27.09
N VAL B 80 58.87 -11.53 26.40
CA VAL B 80 57.71 -12.34 26.72
C VAL B 80 58.05 -13.84 26.77
N ASP B 81 58.80 -14.31 25.79
CA ASP B 81 59.23 -15.71 25.74
C ASP B 81 60.01 -16.14 26.98
N ARG B 82 61.01 -15.35 27.34
CA ARG B 82 61.85 -15.67 28.50
C ARG B 82 61.06 -15.59 29.81
N ARG B 83 60.27 -14.54 30.00
CA ARG B 83 59.47 -14.41 31.22
C ARG B 83 58.53 -15.61 31.35
N ALA B 84 58.03 -16.07 30.21
CA ALA B 84 57.21 -17.27 30.15
C ALA B 84 57.98 -18.49 30.63
N GLU B 85 59.19 -18.68 30.12
CA GLU B 85 60.04 -19.74 30.62
C GLU B 85 60.16 -19.67 32.14
N GLN B 86 60.56 -18.49 32.64
CA GLN B 86 60.71 -18.26 34.07
C GLN B 86 59.48 -18.66 34.88
N LYS B 87 58.38 -17.91 34.73
CA LYS B 87 57.16 -18.13 35.49
C LYS B 87 56.60 -19.54 35.30
N LYS B 88 56.92 -20.15 34.16
CA LYS B 88 56.59 -21.55 33.93
C LYS B 88 57.34 -22.46 34.89
N VAL B 89 58.66 -22.37 34.87
CA VAL B 89 59.47 -23.18 35.77
C VAL B 89 59.06 -22.93 37.22
N LYS B 90 58.81 -21.66 37.56
CA LYS B 90 58.35 -21.32 38.90
C LYS B 90 57.09 -22.11 39.21
N LEU B 91 56.13 -22.05 38.28
CA LEU B 91 54.91 -22.82 38.42
C LEU B 91 55.20 -24.29 38.73
N GLU B 92 55.78 -25.01 37.77
CA GLU B 92 56.02 -26.44 37.98
C GLU B 92 56.74 -26.73 39.32
N ASN B 93 57.71 -25.89 39.66
CA ASN B 93 58.35 -26.00 40.96
C ASN B 93 57.30 -26.04 42.07
N GLU B 94 56.59 -24.91 42.21
CA GLU B 94 55.54 -24.77 43.23
C GLU B 94 54.59 -25.98 43.27
N LEU B 95 54.18 -26.47 42.11
CA LEU B 95 53.24 -27.60 42.04
C LEU B 95 53.87 -28.91 42.52
N SER B 96 55.14 -29.13 42.19
CA SER B 96 55.82 -30.31 42.71
C SER B 96 55.84 -30.24 44.24
N SER B 97 56.17 -29.06 44.77
CA SER B 97 56.17 -28.84 46.22
C SER B 97 54.80 -29.06 46.85
N TYR B 98 53.73 -28.70 46.13
CA TYR B 98 52.38 -28.86 46.65
C TYR B 98 51.94 -30.31 46.63
N ARG B 99 52.11 -30.96 45.49
CA ARG B 99 51.76 -32.35 45.35
C ARG B 99 52.47 -33.16 46.43
N THR B 100 53.77 -32.90 46.59
CA THR B 100 54.54 -33.59 47.63
C THR B 100 54.05 -33.24 49.06
N ASN B 101 53.94 -31.96 49.36
CA ASN B 101 53.46 -31.54 50.68
C ASN B 101 52.00 -31.99 50.94
N LEU B 102 51.34 -32.53 49.91
CA LEU B 102 49.96 -33.00 50.05
C LEU B 102 48.96 -31.93 50.49
N ILE B 103 49.02 -30.76 49.87
CA ILE B 103 48.05 -29.72 50.19
C ILE B 103 47.03 -29.54 49.06
N LYS B 104 45.78 -29.92 49.33
CA LYS B 104 44.76 -30.04 48.28
C LYS B 104 44.48 -28.73 47.54
N GLU B 105 44.14 -27.70 48.31
CA GLU B 105 43.79 -26.41 47.74
C GLU B 105 44.94 -25.83 46.91
N SER B 106 46.16 -26.05 47.38
CA SER B 106 47.36 -25.54 46.69
C SER B 106 47.68 -26.29 45.40
N ILE B 107 47.30 -27.56 45.34
CA ILE B 107 47.44 -28.38 44.12
C ILE B 107 46.41 -27.98 43.06
N ARG B 108 45.18 -27.78 43.53
CA ARG B 108 44.11 -27.26 42.67
C ARG B 108 44.53 -25.91 42.08
N MET B 109 44.92 -24.97 42.95
CA MET B 109 45.38 -23.66 42.52
C MET B 109 46.63 -23.74 41.67
N GLY B 110 47.44 -24.76 41.90
CA GLY B 110 48.66 -24.93 41.12
C GLY B 110 48.29 -25.24 39.69
N TYR B 111 47.48 -26.27 39.54
CA TYR B 111 47.00 -26.66 38.21
C TYR B 111 46.26 -25.52 37.50
N ASN B 112 45.34 -24.89 38.20
CA ASN B 112 44.59 -23.76 37.68
C ASN B 112 45.53 -22.66 37.16
N ASP B 113 46.54 -22.30 37.97
CA ASP B 113 47.58 -21.35 37.54
C ASP B 113 48.25 -21.82 36.24
N PHE B 114 48.53 -23.11 36.16
CA PHE B 114 49.09 -23.62 34.93
C PHE B 114 48.13 -23.36 33.75
N GLY B 115 46.84 -23.62 33.97
CA GLY B 115 45.84 -23.41 32.94
C GLY B 115 45.79 -21.96 32.49
N ASP B 116 45.71 -21.04 33.45
CA ASP B 116 45.83 -19.61 33.21
C ASP B 116 47.03 -19.32 32.33
N PHE B 117 48.13 -19.98 32.67
CA PHE B 117 49.39 -19.78 31.97
C PHE B 117 49.30 -20.22 30.51
N TYR B 118 48.88 -21.45 30.24
CA TYR B 118 48.83 -21.86 28.83
C TYR B 118 47.75 -21.14 28.04
N TYR B 119 46.61 -20.88 28.65
CA TYR B 119 45.58 -20.11 28.00
C TYR B 119 46.23 -18.82 27.54
N ALA B 120 46.87 -18.11 28.48
CA ALA B 120 47.53 -16.84 28.17
C ALA B 120 48.60 -16.93 27.06
N CYS B 121 49.54 -17.85 27.19
CA CYS B 121 50.58 -17.99 26.18
C CYS B 121 49.99 -18.61 24.91
N GLY B 122 48.72 -18.96 24.97
CA GLY B 122 48.01 -19.36 23.77
C GLY B 122 47.92 -20.84 23.46
N MET B 123 48.40 -21.72 24.34
CA MET B 123 48.30 -23.14 24.00
C MET B 123 47.10 -23.76 24.71
N LEU B 124 46.06 -23.97 23.91
CA LEU B 124 44.70 -24.14 24.44
C LEU B 124 44.42 -25.53 25.01
N GLY B 125 44.91 -26.57 24.34
CA GLY B 125 44.80 -27.92 24.84
C GLY B 125 45.44 -28.07 26.21
N ASP B 126 46.62 -27.50 26.40
CA ASP B 126 47.31 -27.64 27.67
C ASP B 126 46.58 -26.92 28.78
N ALA B 127 45.99 -25.78 28.45
CA ALA B 127 45.19 -25.05 29.42
C ALA B 127 43.95 -25.85 29.81
N PHE B 128 43.29 -26.44 28.81
CA PHE B 128 42.11 -27.26 29.09
C PHE B 128 42.48 -28.39 30.02
N LYS B 129 43.51 -29.15 29.63
CA LYS B 129 44.00 -30.24 30.44
C LYS B 129 44.22 -29.81 31.89
N ASN B 130 44.98 -28.73 32.07
CA ASN B 130 45.31 -28.32 33.43
C ASN B 130 44.11 -27.82 34.22
N TYR B 131 43.16 -27.19 33.54
CA TYR B 131 41.94 -26.68 34.19
C TYR B 131 41.10 -27.86 34.69
N ILE B 132 41.02 -28.86 33.82
CA ILE B 132 40.31 -30.08 34.09
C ILE B 132 40.99 -30.91 35.23
N ARG B 133 42.32 -30.83 35.34
CA ARG B 133 43.04 -31.57 36.39
C ARG B 133 42.74 -31.12 37.82
N THR B 134 41.95 -30.07 37.98
CA THR B 134 41.62 -29.54 39.31
C THR B 134 40.38 -30.19 39.95
N ARG B 135 39.71 -31.07 39.20
CA ARG B 135 38.50 -31.75 39.69
C ARG B 135 38.74 -32.42 41.04
N ASP B 136 39.76 -33.25 41.10
CA ASP B 136 39.99 -34.10 42.25
C ASP B 136 40.28 -33.26 43.48
N TYR B 137 40.87 -32.08 43.26
CA TYR B 137 41.30 -31.19 44.33
C TYR B 137 40.24 -30.15 44.74
N CYS B 138 39.04 -30.28 44.19
CA CYS B 138 37.97 -29.34 44.52
C CYS B 138 37.31 -29.66 45.86
N THR B 139 37.40 -28.72 46.79
CA THR B 139 36.72 -28.84 48.05
C THR B 139 35.25 -28.41 47.94
N THR B 140 35.02 -27.30 47.26
CA THR B 140 33.71 -26.62 47.32
C THR B 140 32.99 -26.57 45.97
N THR B 141 31.69 -26.34 46.02
CA THR B 141 30.87 -26.12 44.82
C THR B 141 31.50 -25.05 43.89
N LYS B 142 31.87 -23.92 44.47
CA LYS B 142 32.52 -22.83 43.76
C LYS B 142 33.74 -23.33 42.96
N HIS B 143 34.43 -24.34 43.48
CA HIS B 143 35.61 -24.88 42.80
C HIS B 143 35.21 -25.68 41.56
N ILE B 144 34.22 -26.54 41.72
CA ILE B 144 33.71 -27.35 40.63
C ILE B 144 33.13 -26.46 39.50
N ILE B 145 32.27 -25.52 39.87
CA ILE B 145 31.70 -24.60 38.92
C ILE B 145 32.79 -23.78 38.23
N HIS B 146 33.78 -23.33 38.99
CA HIS B 146 34.93 -22.63 38.40
C HIS B 146 35.63 -23.51 37.33
N MET B 147 35.82 -24.78 37.65
CA MET B 147 36.43 -25.71 36.71
C MET B 147 35.61 -25.79 35.43
N CYS B 148 34.29 -25.92 35.59
CA CYS B 148 33.40 -26.08 34.46
C CYS B 148 33.39 -24.86 33.56
N MET B 149 33.37 -23.70 34.21
CA MET B 149 33.39 -22.42 33.51
C MET B 149 34.67 -22.27 32.69
N ASN B 150 35.83 -22.59 33.27
CA ASN B 150 37.07 -22.52 32.51
C ASN B 150 37.14 -23.53 31.36
N ALA B 151 36.62 -24.73 31.60
CA ALA B 151 36.62 -25.76 30.58
C ALA B 151 35.67 -25.37 29.44
N ILE B 152 34.56 -24.74 29.79
CA ILE B 152 33.61 -24.21 28.81
C ILE B 152 34.31 -23.14 27.97
N LEU B 153 34.95 -22.18 28.65
CA LEU B 153 35.62 -21.07 27.96
C LEU B 153 36.62 -21.58 26.94
N VAL B 154 37.58 -22.39 27.39
CA VAL B 154 38.58 -22.95 26.48
C VAL B 154 38.00 -23.86 25.39
N SER B 155 36.96 -24.60 25.72
CA SER B 155 36.33 -25.41 24.69
C SER B 155 35.85 -24.49 23.57
N ILE B 156 35.20 -23.41 23.98
CA ILE B 156 34.66 -22.46 23.02
C ILE B 156 35.79 -21.91 22.18
N GLU B 157 36.89 -21.54 22.84
CA GLU B 157 38.03 -20.98 22.15
C GLU B 157 38.64 -21.95 21.14
N MET B 158 38.47 -23.25 21.40
CA MET B 158 38.99 -24.27 20.51
C MET B 158 37.93 -24.81 19.57
N GLY B 159 36.72 -24.27 19.66
CA GLY B 159 35.64 -24.74 18.82
C GLY B 159 35.10 -26.15 19.07
N GLN B 160 35.14 -26.67 20.31
CA GLN B 160 34.40 -27.91 20.58
C GLN B 160 33.16 -27.65 21.42
N PHE B 161 32.02 -27.57 20.76
CA PHE B 161 30.80 -27.16 21.44
C PHE B 161 30.07 -28.35 22.02
N THR B 162 30.45 -29.51 21.52
CA THR B 162 30.04 -30.75 22.11
C THR B 162 30.58 -30.72 23.54
N HIS B 163 31.88 -30.46 23.68
CA HIS B 163 32.51 -30.35 24.99
C HIS B 163 31.85 -29.30 25.88
N VAL B 164 31.52 -28.16 25.27
CA VAL B 164 30.85 -27.09 25.98
C VAL B 164 29.55 -27.60 26.58
N THR B 165 28.79 -28.37 25.79
CA THR B 165 27.53 -28.97 26.25
C THR B 165 27.75 -29.95 27.41
N SER B 166 28.80 -30.74 27.30
CA SER B 166 29.18 -31.64 28.38
C SER B 166 29.41 -30.88 29.66
N TYR B 167 30.27 -29.86 29.63
CA TYR B 167 30.62 -29.16 30.86
C TYR B 167 29.50 -28.28 31.43
N VAL B 168 28.66 -27.76 30.55
CA VAL B 168 27.41 -27.15 30.98
C VAL B 168 26.59 -28.17 31.76
N ASN B 169 26.42 -29.36 31.19
CA ASN B 169 25.71 -30.44 31.86
C ASN B 169 26.31 -30.79 33.23
N LYS B 170 27.63 -30.99 33.25
CA LYS B 170 28.37 -31.25 34.47
C LYS B 170 28.00 -30.23 35.55
N ALA B 171 28.33 -28.97 35.31
CA ALA B 171 28.05 -27.92 36.31
C ALA B 171 26.57 -27.87 36.72
N GLU B 172 25.69 -27.97 35.73
CA GLU B 172 24.26 -27.75 35.96
C GLU B 172 23.65 -28.84 36.84
N GLN B 173 24.16 -30.06 36.71
CA GLN B 173 23.59 -31.18 37.46
C GLN B 173 24.11 -31.26 38.90
N ASN B 174 25.04 -30.36 39.25
CA ASN B 174 25.39 -30.12 40.65
C ASN B 174 24.10 -29.76 41.41
N PRO B 175 23.80 -30.55 42.44
CA PRO B 175 22.61 -30.46 43.26
C PRO B 175 22.48 -29.10 43.96
N GLU B 176 23.57 -28.38 44.14
CA GLU B 176 23.54 -27.10 44.84
C GLU B 176 22.89 -26.00 44.00
N THR B 177 22.04 -25.23 44.67
CA THR B 177 21.55 -23.97 44.14
C THR B 177 22.75 -23.10 43.74
N LEU B 178 22.73 -22.57 42.51
CA LEU B 178 23.83 -21.74 41.99
C LEU B 178 23.42 -20.26 42.00
N GLU B 179 24.38 -19.34 42.14
CA GLU B 179 24.14 -17.91 41.89
C GLU B 179 23.50 -17.71 40.51
N PRO B 180 22.41 -16.91 40.43
CA PRO B 180 21.63 -16.78 39.19
C PRO B 180 22.43 -16.20 38.04
N MET B 181 23.50 -15.48 38.37
CA MET B 181 24.49 -15.04 37.38
C MET B 181 25.18 -16.21 36.69
N VAL B 182 25.61 -17.16 37.51
CA VAL B 182 26.23 -18.40 37.06
C VAL B 182 25.29 -19.16 36.15
N ASN B 183 24.02 -19.19 36.53
CA ASN B 183 23.02 -19.86 35.72
C ASN B 183 22.82 -19.14 34.40
N ALA B 184 22.84 -17.81 34.45
CA ALA B 184 22.73 -17.00 33.26
C ALA B 184 23.83 -17.39 32.29
N LYS B 185 25.06 -17.45 32.80
CA LYS B 185 26.22 -17.77 31.96
C LYS B 185 26.11 -19.20 31.41
N LEU B 186 25.69 -20.13 32.26
CA LEU B 186 25.42 -21.49 31.81
C LEU B 186 24.42 -21.53 30.63
N ARG B 187 23.31 -20.82 30.77
CA ARG B 187 22.31 -20.75 29.71
C ARG B 187 22.89 -20.14 28.41
N CYS B 188 23.75 -19.14 28.57
CA CYS B 188 24.46 -18.56 27.43
C CYS B 188 25.30 -19.58 26.68
N ALA B 189 26.14 -20.29 27.43
CA ALA B 189 27.04 -21.29 26.86
C ALA B 189 26.28 -22.39 26.13
N SER B 190 25.23 -22.89 26.77
CA SER B 190 24.44 -23.96 26.16
C SER B 190 23.82 -23.44 24.87
N GLY B 191 23.33 -22.21 24.92
CA GLY B 191 22.71 -21.59 23.77
C GLY B 191 23.71 -21.49 22.62
N LEU B 192 24.89 -20.99 22.94
CA LEU B 192 25.92 -20.81 21.95
C LEU B 192 26.32 -22.16 21.33
N ALA B 193 26.47 -23.16 22.19
CA ALA B 193 26.84 -24.49 21.72
C ALA B 193 25.79 -25.02 20.75
N HIS B 194 24.53 -24.80 21.09
CA HIS B 194 23.43 -25.27 20.25
C HIS B 194 23.40 -24.56 18.91
N LEU B 195 23.52 -23.25 18.95
CA LEU B 195 23.71 -22.46 17.75
C LEU B 195 24.81 -23.07 16.85
N GLU B 196 25.98 -23.34 17.41
CA GLU B 196 27.12 -23.70 16.55
C GLU B 196 27.01 -25.13 16.05
N LEU B 197 26.15 -25.91 16.70
CA LEU B 197 25.80 -27.29 16.32
C LEU B 197 24.51 -27.32 15.50
N LYS B 198 24.02 -26.12 15.15
CA LYS B 198 22.85 -25.97 14.29
C LYS B 198 21.56 -26.49 14.88
N LYS B 199 21.45 -26.56 16.20
CA LYS B 199 20.13 -26.82 16.75
C LYS B 199 19.56 -25.49 17.22
N TYR B 200 18.77 -24.90 16.33
CA TYR B 200 18.35 -23.50 16.44
C TYR B 200 17.20 -23.33 17.43
N LYS B 201 16.23 -24.23 17.35
CA LYS B 201 15.14 -24.24 18.31
C LYS B 201 15.69 -24.27 19.74
N LEU B 202 16.65 -25.16 19.99
CA LEU B 202 17.19 -25.25 21.33
C LEU B 202 18.00 -23.99 21.68
N ALA B 203 18.77 -23.51 20.71
CA ALA B 203 19.54 -22.27 20.89
C ALA B 203 18.61 -21.18 21.43
N ALA B 204 17.54 -20.95 20.69
CA ALA B 204 16.62 -19.88 20.94
C ALA B 204 16.00 -20.06 22.33
N ARG B 205 15.58 -21.29 22.63
CA ARG B 205 14.97 -21.51 23.93
C ARG B 205 15.91 -21.11 25.04
N LYS B 206 17.19 -21.42 24.85
CA LYS B 206 18.18 -21.04 25.85
C LYS B 206 18.32 -19.51 25.99
N PHE B 207 18.62 -18.83 24.88
CA PHE B 207 18.82 -17.39 24.91
C PHE B 207 17.61 -16.59 25.44
N LEU B 208 16.42 -16.99 25.07
CA LEU B 208 15.25 -16.23 25.46
C LEU B 208 15.05 -16.20 26.99
N ASP B 209 15.61 -17.20 27.67
CA ASP B 209 15.48 -17.30 29.13
C ASP B 209 16.70 -16.80 29.89
N VAL B 210 17.64 -16.21 29.19
CA VAL B 210 18.81 -15.69 29.86
C VAL B 210 18.42 -14.51 30.72
N ASN B 211 18.99 -14.44 31.92
CA ASN B 211 18.69 -13.36 32.87
C ASN B 211 19.02 -11.98 32.30
N PRO B 212 18.01 -11.10 32.28
CA PRO B 212 18.12 -9.73 31.75
C PRO B 212 19.32 -9.01 32.35
N GLU B 213 19.53 -9.22 33.65
CA GLU B 213 20.60 -8.55 34.39
C GLU B 213 22.01 -9.01 34.02
N LEU B 214 22.13 -9.97 33.12
CA LEU B 214 23.45 -10.46 32.76
C LEU B 214 24.40 -9.34 32.28
N GLY B 215 23.89 -8.41 31.48
CA GLY B 215 24.73 -7.33 31.00
C GLY B 215 26.03 -7.87 30.44
N ASN B 216 27.14 -7.28 30.90
CA ASN B 216 28.49 -7.59 30.42
C ASN B 216 29.25 -8.62 31.26
N SER B 217 28.57 -9.24 32.21
CA SER B 217 29.20 -10.23 33.11
C SER B 217 29.93 -11.34 32.36
N TYR B 218 29.32 -11.80 31.27
CA TYR B 218 29.80 -12.91 30.46
C TYR B 218 30.63 -12.45 29.23
N ASN B 219 31.08 -11.20 29.31
CA ASN B 219 31.83 -10.47 28.29
C ASN B 219 32.94 -11.22 27.55
N GLU B 220 33.58 -12.18 28.20
CA GLU B 220 34.69 -12.90 27.59
C GLU B 220 34.16 -14.00 26.68
N VAL B 221 32.83 -14.09 26.64
CA VAL B 221 32.11 -15.06 25.83
C VAL B 221 31.10 -14.35 24.91
N ILE B 222 30.20 -13.59 25.50
CA ILE B 222 29.06 -13.06 24.76
C ILE B 222 28.56 -11.69 25.28
N ALA B 223 27.85 -10.95 24.43
CA ALA B 223 27.30 -9.62 24.74
C ALA B 223 25.77 -9.68 24.66
N PRO B 224 25.08 -8.86 25.47
CA PRO B 224 23.61 -8.82 25.46
C PRO B 224 23.03 -8.67 24.06
N GLN B 225 23.74 -7.89 23.24
CA GLN B 225 23.41 -7.69 21.83
C GLN B 225 23.35 -9.02 21.09
N ASP B 226 24.38 -9.83 21.27
CA ASP B 226 24.37 -11.19 20.73
C ASP B 226 23.17 -12.00 21.22
N ILE B 227 22.91 -12.00 22.52
CA ILE B 227 21.77 -12.74 23.07
C ILE B 227 20.45 -12.37 22.38
N ALA B 228 20.27 -11.07 22.13
CA ALA B 228 19.05 -10.63 21.44
C ALA B 228 19.06 -11.07 19.97
N THR B 229 20.20 -10.95 19.31
CA THR B 229 20.25 -11.23 17.90
C THR B 229 20.10 -12.73 17.62
N TYR B 230 20.91 -13.55 18.32
CA TYR B 230 20.85 -14.99 18.19
C TYR B 230 19.51 -15.52 18.66
N GLY B 231 19.05 -15.06 19.81
CA GLY B 231 17.75 -15.49 20.28
C GLY B 231 16.66 -15.17 19.28
N GLY B 232 16.62 -13.92 18.85
CA GLY B 232 15.62 -13.46 17.91
C GLY B 232 15.63 -14.23 16.61
N LEU B 233 16.79 -14.26 15.95
CA LEU B 233 16.92 -14.97 14.66
C LEU B 233 16.60 -16.45 14.77
N CYS B 234 17.20 -17.14 15.75
CA CYS B 234 16.92 -18.57 15.94
C CYS B 234 15.43 -18.83 16.16
N ALA B 235 14.80 -17.96 16.95
CA ALA B 235 13.38 -18.12 17.28
C ALA B 235 12.58 -18.03 16.01
N LEU B 236 12.80 -16.93 15.30
CA LEU B 236 12.11 -16.69 14.03
C LEU B 236 12.27 -17.81 13.00
N ALA B 237 13.43 -18.44 12.97
CA ALA B 237 13.66 -19.52 12.04
C ALA B 237 13.11 -20.87 12.49
N SER B 238 12.85 -21.00 13.80
CA SER B 238 12.44 -22.25 14.47
C SER B 238 10.98 -22.34 14.94
N PHE B 239 10.56 -21.35 15.74
CA PHE B 239 9.24 -21.35 16.35
C PHE B 239 8.06 -21.20 15.38
N ASP B 240 6.96 -21.89 15.67
CA ASP B 240 5.65 -21.53 15.11
C ASP B 240 5.10 -20.29 15.81
N ARG B 241 4.08 -19.66 15.22
CA ARG B 241 3.52 -18.43 15.77
C ARG B 241 3.18 -18.49 17.25
N SER B 242 2.62 -19.60 17.73
CA SER B 242 2.31 -19.72 19.15
C SER B 242 3.53 -19.49 20.02
N GLU B 243 4.58 -20.28 19.78
CA GLU B 243 5.76 -20.20 20.61
C GLU B 243 6.46 -18.84 20.48
N LEU B 244 6.42 -18.27 19.29
CA LEU B 244 6.98 -16.96 19.07
C LEU B 244 6.26 -15.96 19.97
N LYS B 245 4.94 -16.11 20.07
CA LYS B 245 4.11 -15.25 20.91
C LYS B 245 4.44 -15.41 22.41
N GLN B 246 4.39 -16.65 22.89
CA GLN B 246 4.73 -16.94 24.27
C GLN B 246 6.16 -16.53 24.69
N LYS B 247 7.15 -17.00 23.94
CA LYS B 247 8.53 -16.85 24.39
C LYS B 247 9.31 -15.67 23.79
N VAL B 248 8.68 -14.91 22.89
CA VAL B 248 9.37 -13.74 22.33
C VAL B 248 8.55 -12.46 22.43
N ILE B 249 7.38 -12.44 21.81
CA ILE B 249 6.56 -11.24 21.80
C ILE B 249 6.15 -10.86 23.23
N ASP B 250 5.70 -11.85 24.00
CA ASP B 250 5.20 -11.58 25.33
C ASP B 250 6.27 -11.78 26.42
N ASN B 251 7.52 -12.00 26.03
CA ASN B 251 8.57 -12.29 27.01
C ASN B 251 9.21 -10.97 27.45
N ILE B 252 8.85 -10.55 28.64
CA ILE B 252 9.14 -9.19 29.11
C ILE B 252 10.62 -9.05 29.42
N ASN B 253 11.19 -10.11 30.00
CA ASN B 253 12.62 -10.06 30.29
C ASN B 253 13.40 -9.83 29.05
N PHE B 254 13.10 -10.63 28.02
CA PHE B 254 13.84 -10.57 26.76
C PHE B 254 13.75 -9.20 26.10
N ARG B 255 12.69 -8.45 26.41
CA ARG B 255 12.56 -7.08 25.91
C ARG B 255 13.80 -6.25 26.20
N ASN B 256 14.48 -6.58 27.29
CA ASN B 256 15.66 -5.80 27.67
C ASN B 256 16.83 -6.00 26.72
N PHE B 257 16.91 -7.19 26.16
CA PHE B 257 17.90 -7.48 25.14
C PHE B 257 17.40 -6.91 23.82
N LEU B 258 16.13 -7.10 23.53
CA LEU B 258 15.63 -6.57 22.28
C LEU B 258 15.85 -5.04 22.14
N GLU B 259 15.62 -4.29 23.21
CA GLU B 259 15.78 -2.83 23.16
C GLU B 259 17.18 -2.45 22.73
N LEU B 260 18.12 -3.38 22.87
CA LEU B 260 19.50 -3.11 22.49
C LEU B 260 19.73 -3.23 20.98
N VAL B 261 18.82 -3.91 20.31
CA VAL B 261 18.95 -4.11 18.86
C VAL B 261 17.63 -3.82 18.15
N PRO B 262 17.27 -2.54 18.07
CA PRO B 262 15.92 -2.19 17.61
C PRO B 262 15.62 -2.70 16.19
N ASP B 263 16.62 -2.77 15.31
CA ASP B 263 16.41 -3.35 13.99
C ASP B 263 15.80 -4.75 14.10
N VAL B 264 16.50 -5.61 14.84
CA VAL B 264 16.05 -6.99 15.08
C VAL B 264 14.67 -7.02 15.74
N ARG B 265 14.44 -6.12 16.70
CA ARG B 265 13.13 -5.98 17.33
C ARG B 265 12.02 -5.69 16.31
N GLU B 266 12.24 -4.68 15.48
CA GLU B 266 11.20 -4.27 14.55
C GLU B 266 10.97 -5.37 13.53
N LEU B 267 12.05 -6.01 13.09
CA LEU B 267 12.00 -7.11 12.13
C LEU B 267 11.17 -8.32 12.62
N ILE B 268 11.40 -8.69 13.88
CA ILE B 268 10.62 -9.74 14.55
C ILE B 268 9.15 -9.31 14.63
N ASN B 269 8.92 -8.04 14.97
CA ASN B 269 7.55 -7.55 15.05
C ASN B 269 6.85 -7.55 13.70
N ASP B 270 7.56 -7.07 12.70
CA ASP B 270 7.11 -7.13 11.33
C ASP B 270 6.64 -8.56 11.03
N PHE B 271 7.48 -9.54 11.36
CA PHE B 271 7.17 -10.94 11.00
C PHE B 271 5.92 -11.47 11.71
N TYR B 272 5.82 -11.17 13.00
CA TYR B 272 4.66 -11.57 13.78
C TYR B 272 3.40 -10.87 13.27
N SER B 273 3.57 -9.66 12.76
CA SER B 273 2.45 -8.92 12.19
C SER B 273 2.18 -9.32 10.74
N SER B 274 2.92 -10.31 10.25
CA SER B 274 2.77 -10.73 8.87
C SER B 274 3.16 -9.67 7.88
N ARG B 275 4.06 -8.76 8.24
CA ARG B 275 4.59 -7.93 7.18
C ARG B 275 5.91 -8.56 6.78
N TYR B 276 5.85 -9.41 5.76
CA TYR B 276 6.95 -10.31 5.43
C TYR B 276 7.97 -9.62 4.57
N ALA B 277 7.48 -8.74 3.71
CA ALA B 277 8.35 -7.98 2.84
C ALA B 277 9.27 -7.12 3.71
N SER B 278 8.68 -6.40 4.66
CA SER B 278 9.44 -5.47 5.48
C SER B 278 10.51 -6.24 6.23
N CYS B 279 10.06 -7.31 6.86
CA CYS B 279 10.95 -8.23 7.55
C CYS B 279 12.15 -8.62 6.67
N LEU B 280 11.85 -9.07 5.45
CA LEU B 280 12.92 -9.56 4.59
C LEU B 280 13.86 -8.42 4.14
N GLU B 281 13.29 -7.25 3.90
CA GLU B 281 14.11 -6.09 3.56
C GLU B 281 15.12 -5.82 4.65
N TYR B 282 14.62 -5.80 5.89
CA TYR B 282 15.47 -5.63 7.07
C TYR B 282 16.60 -6.66 7.14
N LEU B 283 16.26 -7.93 6.96
CA LEU B 283 17.30 -8.96 6.93
C LEU B 283 18.34 -8.71 5.84
N ALA B 284 17.87 -8.27 4.68
CA ALA B 284 18.74 -7.95 3.57
C ALA B 284 19.75 -6.90 4.00
N SER B 285 19.25 -5.82 4.59
CA SER B 285 20.10 -4.75 5.07
C SER B 285 21.02 -5.17 6.21
N LEU B 286 20.64 -6.19 6.96
CA LEU B 286 21.43 -6.66 8.07
C LEU B 286 22.50 -7.69 7.66
N LYS B 287 22.38 -8.21 6.45
CA LYS B 287 23.13 -9.41 6.10
C LYS B 287 24.63 -9.22 6.25
N SER B 288 25.13 -8.08 5.81
CA SER B 288 26.57 -7.79 5.88
C SER B 288 27.18 -7.88 7.30
N ASN B 289 26.65 -7.08 8.20
CA ASN B 289 27.02 -7.18 9.61
C ASN B 289 26.86 -8.61 10.14
N LEU B 290 25.70 -9.23 10.00
CA LEU B 290 25.60 -10.60 10.50
C LEU B 290 26.75 -11.46 9.98
N LEU B 291 27.09 -11.33 8.71
CA LEU B 291 28.23 -12.04 8.13
C LEU B 291 29.55 -11.68 8.81
N LEU B 292 29.57 -10.55 9.50
CA LEU B 292 30.76 -10.23 10.30
C LEU B 292 30.87 -10.91 11.66
N ASP B 293 29.88 -11.74 12.02
CA ASP B 293 29.78 -12.35 13.36
C ASP B 293 30.41 -13.76 13.49
N ILE B 294 31.49 -13.87 14.28
CA ILE B 294 32.24 -15.14 14.41
C ILE B 294 31.34 -16.37 14.61
N HIS B 295 30.34 -16.22 15.47
CA HIS B 295 29.45 -17.32 15.85
C HIS B 295 28.26 -17.53 14.94
N LEU B 296 27.74 -16.44 14.40
CA LEU B 296 26.52 -16.47 13.58
C LEU B 296 26.77 -16.69 12.10
N HIS B 297 28.01 -16.44 11.68
CA HIS B 297 28.37 -16.36 10.26
C HIS B 297 27.93 -17.58 9.47
N ASP B 298 28.23 -18.76 9.99
CA ASP B 298 27.91 -19.97 9.25
C ASP B 298 26.40 -20.20 9.17
N HIS B 299 25.64 -19.56 10.06
CA HIS B 299 24.21 -19.83 10.11
C HIS B 299 23.31 -18.80 9.45
N VAL B 300 23.90 -17.71 9.00
CA VAL B 300 23.11 -16.67 8.39
C VAL B 300 22.20 -17.21 7.28
N ASP B 301 22.77 -17.92 6.31
CA ASP B 301 21.97 -18.36 5.16
C ASP B 301 20.87 -19.32 5.54
N THR B 302 21.20 -20.30 6.38
CA THR B 302 20.17 -21.23 6.79
C THR B 302 19.03 -20.51 7.49
N LEU B 303 19.35 -19.67 8.47
CA LEU B 303 18.31 -18.95 9.20
C LEU B 303 17.47 -18.06 8.26
N TYR B 304 18.12 -17.28 7.41
CA TYR B 304 17.37 -16.47 6.45
C TYR B 304 16.46 -17.33 5.58
N ASP B 305 16.98 -18.46 5.12
CA ASP B 305 16.19 -19.36 4.30
C ASP B 305 14.97 -19.88 5.06
N GLN B 306 15.18 -20.30 6.30
CA GLN B 306 14.12 -20.82 7.14
C GLN B 306 13.03 -19.78 7.36
N ILE B 307 13.44 -18.54 7.64
CA ILE B 307 12.48 -17.47 7.89
C ILE B 307 11.70 -17.13 6.62
N ARG B 308 12.40 -17.08 5.49
CA ARG B 308 11.71 -16.87 4.24
C ARG B 308 10.66 -17.98 4.00
N LYS B 309 11.05 -19.23 4.21
CA LYS B 309 10.13 -20.35 4.04
C LYS B 309 8.92 -20.21 4.95
N LYS B 310 9.14 -20.04 6.25
CA LYS B 310 8.03 -19.88 7.19
C LYS B 310 7.12 -18.75 6.74
N ALA B 311 7.71 -17.63 6.31
CA ALA B 311 6.95 -16.52 5.74
C ALA B 311 6.08 -16.97 4.56
N LEU B 312 6.68 -17.58 3.54
CA LEU B 312 5.94 -18.07 2.39
C LEU B 312 4.73 -18.92 2.78
N ILE B 313 4.99 -19.88 3.66
CA ILE B 313 4.00 -20.87 4.09
C ILE B 313 2.83 -20.25 4.87
N GLN B 314 3.16 -19.48 5.92
CA GLN B 314 2.19 -18.69 6.66
C GLN B 314 1.33 -17.81 5.73
N TYR B 315 1.99 -16.98 4.93
CA TYR B 315 1.34 -16.07 3.99
C TYR B 315 0.36 -16.75 3.09
N THR B 316 0.81 -17.85 2.49
CA THR B 316 0.08 -18.47 1.38
C THR B 316 -0.88 -19.55 1.87
N LEU B 317 -0.80 -19.93 3.11
CA LEU B 317 -1.59 -21.08 3.37
C LEU B 317 -2.62 -21.06 4.56
N PRO B 318 -3.60 -22.01 4.48
CA PRO B 318 -4.61 -22.31 5.51
C PRO B 318 -4.10 -22.95 6.82
N PHE B 319 -2.98 -22.41 7.28
CA PHE B 319 -2.72 -22.40 8.70
C PHE B 319 -1.89 -21.14 9.06
N VAL B 320 -2.29 -20.42 10.12
CA VAL B 320 -1.43 -19.40 10.76
C VAL B 320 -0.46 -20.02 11.80
N SER B 321 -1.01 -20.89 12.65
CA SER B 321 -0.19 -21.90 13.35
C SER B 321 -0.34 -23.24 12.61
N VAL B 322 0.74 -23.55 11.94
CA VAL B 322 0.67 -24.16 10.64
C VAL B 322 0.69 -25.67 10.73
N ASP B 323 0.72 -26.21 11.96
CA ASP B 323 0.75 -27.67 12.17
C ASP B 323 1.66 -28.40 11.16
N LEU B 324 2.82 -27.79 10.89
CA LEU B 324 3.76 -28.34 9.92
C LEU B 324 4.21 -29.77 10.29
N SER B 325 4.27 -30.08 11.59
CA SER B 325 4.78 -31.39 11.95
C SER B 325 3.74 -32.44 11.59
N ARG B 326 2.45 -32.06 11.63
CA ARG B 326 1.39 -33.00 11.26
C ARG B 326 1.59 -33.43 9.80
N MET B 327 1.78 -32.43 8.95
CA MET B 327 1.99 -32.69 7.53
C MET B 327 3.29 -33.50 7.31
N ALA B 328 4.37 -33.05 7.93
CA ALA B 328 5.64 -33.76 7.85
C ALA B 328 5.41 -35.24 8.12
N ASP B 329 4.64 -35.54 9.15
CA ASP B 329 4.40 -36.93 9.49
C ASP B 329 3.54 -37.62 8.42
N ALA B 330 2.56 -36.90 7.89
CA ALA B 330 1.76 -37.43 6.78
C ALA B 330 2.62 -37.73 5.53
N PHE B 331 3.67 -36.95 5.34
CA PHE B 331 4.53 -37.10 4.19
C PHE B 331 5.86 -37.83 4.42
N LYS B 332 6.02 -38.35 5.64
CA LYS B 332 7.21 -39.10 6.03
C LYS B 332 8.48 -38.30 5.72
N THR B 333 8.50 -37.04 6.16
CA THR B 333 9.71 -36.22 6.08
C THR B 333 9.92 -35.49 7.38
N SER B 334 11.03 -34.76 7.41
CA SER B 334 11.28 -33.79 8.46
C SER B 334 10.52 -32.50 8.13
N VAL B 335 10.55 -31.53 9.03
CA VAL B 335 9.80 -30.30 8.76
C VAL B 335 10.57 -29.48 7.75
N SER B 336 11.88 -29.49 7.82
CA SER B 336 12.68 -28.71 6.86
C SER B 336 12.56 -29.25 5.41
N GLY B 337 12.47 -30.57 5.26
CA GLY B 337 12.21 -31.16 3.97
C GLY B 337 10.87 -30.70 3.42
N LEU B 338 9.83 -30.93 4.21
CA LEU B 338 8.50 -30.46 3.86
C LEU B 338 8.54 -28.97 3.45
N GLU B 339 9.23 -28.15 4.23
CA GLU B 339 9.36 -26.74 3.89
C GLU B 339 9.93 -26.58 2.49
N LYS B 340 10.91 -27.39 2.12
CA LYS B 340 11.41 -27.33 0.74
C LYS B 340 10.32 -27.62 -0.29
N GLU B 341 9.63 -28.73 -0.09
CA GLU B 341 8.52 -29.09 -0.96
C GLU B 341 7.51 -27.94 -1.08
N LEU B 342 7.06 -27.44 0.06
CA LEU B 342 6.06 -26.38 0.09
C LEU B 342 6.52 -25.11 -0.64
N GLU B 343 7.78 -24.73 -0.41
CA GLU B 343 8.29 -23.57 -1.12
C GLU B 343 8.26 -23.77 -2.62
N ALA B 344 8.54 -25.00 -3.04
CA ALA B 344 8.48 -25.34 -4.46
C ALA B 344 7.08 -25.09 -4.98
N LEU B 345 6.10 -25.70 -4.31
CA LEU B 345 4.69 -25.48 -4.64
C LEU B 345 4.30 -24.00 -4.71
N ILE B 346 4.68 -23.24 -3.69
CA ILE B 346 4.14 -21.90 -3.50
C ILE B 346 4.71 -20.94 -4.51
N THR B 347 5.99 -21.12 -4.82
CA THR B 347 6.64 -20.27 -5.82
C THR B 347 6.57 -20.82 -7.23
N ASP B 348 6.21 -22.10 -7.36
CA ASP B 348 6.56 -22.92 -8.55
C ASP B 348 8.04 -23.33 -8.59
N GLU C 1 -12.83 25.52 -19.64
CA GLU C 1 -12.19 24.41 -20.32
C GLU C 1 -13.15 23.63 -21.23
N PRO C 2 -12.73 23.38 -22.49
CA PRO C 2 -13.55 22.63 -23.45
C PRO C 2 -13.46 21.12 -23.25
N LEU C 3 -14.19 20.59 -22.27
CA LEU C 3 -14.14 19.14 -22.00
C LEU C 3 -14.63 18.29 -23.17
N ASP C 4 -13.78 17.37 -23.64
CA ASP C 4 -14.19 16.45 -24.71
C ASP C 4 -14.54 15.07 -24.09
N ILE C 5 -15.83 14.77 -24.02
CA ILE C 5 -16.31 13.60 -23.28
C ILE C 5 -15.94 12.27 -23.93
N GLU C 6 -15.94 12.24 -25.26
CA GLU C 6 -15.47 11.07 -26.00
C GLU C 6 -14.05 10.69 -25.58
N ALA C 7 -13.12 11.60 -25.83
CA ALA C 7 -11.72 11.37 -25.51
C ALA C 7 -11.50 11.00 -24.03
N TYR C 8 -12.42 11.43 -23.15
CA TYR C 8 -12.39 11.07 -21.73
C TYR C 8 -12.81 9.63 -21.50
N ALA C 9 -14.08 9.31 -21.79
CA ALA C 9 -14.59 7.95 -21.59
C ALA C 9 -13.69 6.92 -22.28
N ALA C 10 -12.99 7.37 -23.33
CA ALA C 10 -12.06 6.54 -24.09
C ALA C 10 -10.92 5.99 -23.24
N LEU C 11 -10.54 6.77 -22.23
CA LEU C 11 -9.40 6.47 -21.36
C LEU C 11 -9.66 5.29 -20.41
N TYR C 12 -10.93 5.02 -20.15
CA TYR C 12 -11.31 4.03 -19.13
C TYR C 12 -11.96 2.80 -19.75
N LYS C 13 -11.42 1.62 -19.43
CA LYS C 13 -11.95 0.37 -19.95
C LYS C 13 -12.93 -0.33 -19.02
N GLY C 14 -13.09 0.18 -17.80
CA GLY C 14 -13.75 -0.60 -16.78
C GLY C 14 -15.26 -0.69 -16.92
N ARG C 15 -15.92 -1.09 -15.84
CA ARG C 15 -17.33 -0.81 -15.61
C ARG C 15 -17.34 0.58 -14.99
N THR C 16 -16.15 1.10 -14.72
CA THR C 16 -16.04 2.44 -14.19
C THR C 16 -16.22 3.45 -15.31
N LYS C 17 -16.13 2.98 -16.56
CA LYS C 17 -16.45 3.85 -17.70
C LYS C 17 -17.93 4.26 -17.62
N ILE C 18 -18.78 3.28 -17.41
CA ILE C 18 -20.21 3.52 -17.25
C ILE C 18 -20.47 4.44 -16.07
N MET C 19 -19.91 4.09 -14.92
CA MET C 19 -20.10 4.86 -13.70
C MET C 19 -19.63 6.32 -13.81
N ARG C 20 -18.55 6.53 -14.56
CA ARG C 20 -18.05 7.87 -14.76
C ARG C 20 -19.00 8.66 -15.65
N LEU C 21 -19.47 8.04 -16.75
CA LEU C 21 -20.48 8.69 -17.61
C LEU C 21 -21.76 9.08 -16.82
N LEU C 22 -22.34 8.10 -16.13
CA LEU C 22 -23.44 8.36 -15.20
C LEU C 22 -23.14 9.54 -14.29
N PHE C 23 -22.09 9.42 -13.49
CA PHE C 23 -21.73 10.48 -12.55
C PHE C 23 -21.69 11.84 -13.23
N ILE C 24 -21.11 11.88 -14.43
CA ILE C 24 -20.99 13.12 -15.18
C ILE C 24 -22.38 13.68 -15.44
N ALA C 25 -23.30 12.81 -15.85
CA ALA C 25 -24.65 13.22 -16.20
C ALA C 25 -25.41 13.67 -14.97
N ASN C 26 -25.13 13.00 -13.87
CA ASN C 26 -25.79 13.21 -12.58
C ASN C 26 -25.28 14.47 -11.84
N HIS C 27 -24.10 14.97 -12.20
CA HIS C 27 -23.65 16.24 -11.63
C HIS C 27 -23.42 17.27 -12.73
N CYS C 28 -24.38 18.18 -12.85
CA CYS C 28 -24.33 19.21 -13.86
C CYS C 28 -24.73 20.62 -13.44
N GLY C 29 -26.02 20.79 -13.16
CA GLY C 29 -26.64 22.04 -13.50
C GLY C 29 -26.40 22.08 -15.01
N GLY C 30 -25.73 23.15 -15.47
CA GLY C 30 -24.97 23.15 -16.72
C GLY C 30 -25.50 22.62 -18.04
N ASN C 31 -24.57 22.02 -18.80
CA ASN C 31 -24.84 21.50 -20.13
C ASN C 31 -25.86 20.41 -19.99
N HIS C 32 -26.93 20.49 -20.77
CA HIS C 32 -27.76 19.31 -20.92
C HIS C 32 -27.29 18.66 -22.20
N ALA C 33 -26.36 19.34 -22.87
CA ALA C 33 -25.59 18.75 -23.97
C ALA C 33 -24.73 17.63 -23.37
N LEU C 34 -24.05 17.97 -22.28
CA LEU C 34 -23.32 17.03 -21.45
C LEU C 34 -24.24 15.91 -20.98
N GLN C 35 -25.25 16.28 -20.20
CA GLN C 35 -26.20 15.30 -19.66
C GLN C 35 -26.58 14.32 -20.77
N PHE C 36 -27.23 14.82 -21.81
CA PHE C 36 -27.66 13.97 -22.94
C PHE C 36 -26.56 13.07 -23.53
N ASP C 37 -25.42 13.67 -23.92
CA ASP C 37 -24.33 12.91 -24.53
C ASP C 37 -23.83 11.76 -23.63
N ALA C 38 -23.50 12.08 -22.39
CA ALA C 38 -23.05 11.06 -21.45
C ALA C 38 -24.11 9.99 -21.28
N LEU C 39 -25.38 10.39 -21.23
CA LEU C 39 -26.47 9.42 -21.14
C LEU C 39 -26.49 8.47 -22.36
N ARG C 40 -26.16 9.02 -23.52
CA ARG C 40 -26.10 8.25 -24.77
C ARG C 40 -24.98 7.23 -24.71
N MET C 41 -23.78 7.71 -24.42
CA MET C 41 -22.61 6.85 -24.33
C MET C 41 -22.86 5.76 -23.28
N ALA C 42 -23.43 6.19 -22.16
CA ALA C 42 -23.75 5.35 -21.02
C ALA C 42 -24.74 4.27 -21.42
N TYR C 43 -25.61 4.63 -22.36
CA TYR C 43 -26.63 3.73 -22.89
C TYR C 43 -26.06 2.66 -23.85
N ASP C 44 -25.27 3.11 -24.83
CA ASP C 44 -24.72 2.19 -25.83
C ASP C 44 -23.68 1.25 -25.21
N GLU C 45 -22.81 1.79 -24.36
CA GLU C 45 -21.88 0.98 -23.58
C GLU C 45 -22.60 0.10 -22.53
N ILE C 46 -23.55 0.68 -21.79
CA ILE C 46 -24.25 -0.02 -20.69
C ILE C 46 -25.00 -1.29 -21.12
N LYS C 47 -25.35 -1.35 -22.39
CA LYS C 47 -26.22 -2.41 -22.92
C LYS C 47 -25.36 -3.54 -23.49
N LYS C 48 -24.06 -3.38 -23.38
CA LYS C 48 -23.13 -4.05 -24.29
C LYS C 48 -22.76 -5.55 -24.16
N GLY C 49 -22.44 -6.07 -22.97
CA GLY C 49 -22.82 -5.66 -21.64
C GLY C 49 -23.82 -6.69 -21.12
N GLU C 50 -23.62 -7.09 -19.87
CA GLU C 50 -24.37 -8.18 -19.23
C GLU C 50 -25.41 -7.71 -18.21
N ASN C 51 -25.49 -6.40 -18.03
CA ASN C 51 -26.14 -5.87 -16.84
C ASN C 51 -27.48 -5.20 -17.13
N THR C 52 -28.54 -5.84 -16.64
CA THR C 52 -29.92 -5.37 -16.84
C THR C 52 -30.25 -4.23 -15.90
N GLN C 53 -29.84 -4.37 -14.63
CA GLN C 53 -30.19 -3.38 -13.61
C GLN C 53 -29.65 -1.97 -13.91
N LEU C 54 -28.43 -1.88 -14.43
CA LEU C 54 -27.88 -0.60 -14.86
C LEU C 54 -28.70 -0.05 -16.00
N PHE C 55 -29.27 -0.95 -16.80
CA PHE C 55 -30.13 -0.57 -17.90
C PHE C 55 -31.46 0.03 -17.40
N ARG C 56 -32.01 -0.57 -16.34
CA ARG C 56 -33.16 0.01 -15.64
C ARG C 56 -32.81 1.42 -15.17
N GLU C 57 -31.69 1.54 -14.46
CA GLU C 57 -31.21 2.83 -13.98
C GLU C 57 -31.18 3.89 -15.10
N VAL C 58 -30.48 3.59 -16.20
CA VAL C 58 -30.27 4.60 -17.24
C VAL C 58 -31.52 4.90 -18.09
N VAL C 59 -32.18 3.87 -18.60
CA VAL C 59 -33.43 4.08 -19.32
C VAL C 59 -34.42 4.83 -18.43
N ASN C 60 -34.85 4.19 -17.35
CA ASN C 60 -35.80 4.79 -16.43
C ASN C 60 -35.45 6.22 -16.04
N LYS C 61 -34.17 6.48 -15.83
CA LYS C 61 -33.73 7.84 -15.57
C LYS C 61 -34.09 8.80 -16.70
N ILE C 62 -33.34 8.71 -17.79
CA ILE C 62 -33.59 9.53 -18.96
C ILE C 62 -34.96 9.26 -19.56
N GLY C 63 -35.02 8.16 -20.30
CA GLY C 63 -36.18 7.70 -21.03
C GLY C 63 -36.30 8.44 -22.35
N ASN C 64 -36.72 7.73 -23.40
CA ASN C 64 -37.52 8.33 -24.45
C ASN C 64 -37.21 9.80 -24.67
N ARG C 65 -35.98 10.12 -25.07
CA ARG C 65 -35.63 11.53 -25.30
C ARG C 65 -35.06 11.62 -26.69
N LEU C 66 -33.97 10.87 -26.91
CA LEU C 66 -33.49 10.68 -28.26
C LEU C 66 -34.32 9.56 -28.91
N GLY C 67 -35.31 9.08 -28.15
CA GLY C 67 -36.34 8.21 -28.68
C GLY C 67 -35.96 6.79 -29.06
N GLU C 68 -36.28 6.42 -30.30
CA GLU C 68 -36.39 5.01 -30.69
C GLU C 68 -35.24 4.13 -30.19
N LYS C 69 -33.99 4.54 -30.43
CA LYS C 69 -32.87 3.76 -29.91
C LYS C 69 -32.71 3.87 -28.40
N TYR C 70 -32.66 5.12 -27.92
CA TYR C 70 -32.27 5.43 -26.54
C TYR C 70 -33.39 5.34 -25.50
N GLY C 71 -34.56 4.84 -25.91
CA GLY C 71 -35.63 4.56 -24.98
C GLY C 71 -35.53 3.16 -24.41
N MET C 72 -36.55 2.77 -23.64
CA MET C 72 -36.57 1.46 -23.00
C MET C 72 -36.59 0.29 -23.98
N ASP C 73 -35.78 -0.73 -23.69
CA ASP C 73 -35.73 -1.95 -24.49
C ASP C 73 -36.19 -3.14 -23.63
N LEU C 74 -36.63 -4.19 -24.30
CA LEU C 74 -37.30 -5.30 -23.65
C LEU C 74 -36.70 -6.65 -24.05
N ALA C 75 -36.75 -6.93 -25.35
CA ALA C 75 -36.18 -8.15 -25.90
C ALA C 75 -34.79 -8.39 -25.33
N TRP C 76 -33.88 -7.46 -25.62
CA TRP C 76 -32.50 -7.53 -25.12
C TRP C 76 -32.43 -7.82 -23.60
N CYS C 77 -33.30 -7.17 -22.82
CA CYS C 77 -33.40 -7.42 -21.38
C CYS C 77 -33.67 -8.88 -21.07
N GLU C 78 -34.62 -9.48 -21.77
CA GLU C 78 -35.02 -10.86 -21.52
C GLU C 78 -34.02 -11.91 -22.03
N ALA C 79 -33.40 -11.65 -23.18
CA ALA C 79 -32.33 -12.53 -23.66
C ALA C 79 -31.16 -12.52 -22.68
N VAL C 80 -30.84 -11.32 -22.19
CA VAL C 80 -29.85 -11.16 -21.14
C VAL C 80 -30.21 -11.97 -19.90
N ASP C 81 -31.34 -11.67 -19.26
CA ASP C 81 -31.76 -12.41 -18.07
C ASP C 81 -31.68 -13.92 -18.29
N ARG C 82 -32.06 -14.37 -19.48
CA ARG C 82 -31.97 -15.79 -19.83
C ARG C 82 -30.53 -16.34 -19.82
N ARG C 83 -29.64 -15.74 -20.62
CA ARG C 83 -28.23 -16.17 -20.59
C ARG C 83 -27.70 -16.14 -19.16
N ALA C 84 -28.08 -15.12 -18.42
CA ALA C 84 -27.69 -14.99 -17.03
C ALA C 84 -28.06 -16.26 -16.28
N GLU C 85 -29.35 -16.48 -16.08
CA GLU C 85 -29.81 -17.66 -15.33
C GLU C 85 -29.17 -18.97 -15.82
N GLN C 86 -29.04 -19.11 -17.14
CA GLN C 86 -28.42 -20.30 -17.73
C GLN C 86 -26.99 -20.51 -17.24
N LYS C 87 -26.13 -19.56 -17.59
CA LYS C 87 -24.75 -19.56 -17.13
C LYS C 87 -24.69 -19.83 -15.63
N LYS C 88 -25.60 -19.22 -14.88
CA LYS C 88 -25.68 -19.39 -13.43
C LYS C 88 -25.83 -20.86 -13.08
N VAL C 89 -26.76 -21.54 -13.75
CA VAL C 89 -26.95 -22.97 -13.47
C VAL C 89 -25.71 -23.78 -13.86
N LYS C 90 -25.09 -23.39 -14.96
CA LYS C 90 -23.86 -24.01 -15.42
C LYS C 90 -22.77 -23.94 -14.34
N LEU C 91 -22.61 -22.75 -13.74
CA LEU C 91 -21.57 -22.51 -12.75
C LEU C 91 -21.89 -23.19 -11.43
N GLU C 92 -23.18 -23.27 -11.09
CA GLU C 92 -23.58 -23.98 -9.88
C GLU C 92 -23.24 -25.46 -9.99
N ASN C 93 -23.64 -26.08 -11.10
CA ASN C 93 -23.33 -27.49 -11.33
C ASN C 93 -21.83 -27.68 -11.30
N GLU C 94 -21.13 -26.94 -12.17
CA GLU C 94 -19.69 -27.04 -12.25
C GLU C 94 -19.06 -27.00 -10.86
N LEU C 95 -19.25 -25.88 -10.18
CA LEU C 95 -18.63 -25.72 -8.87
C LEU C 95 -19.00 -26.87 -7.97
N SER C 96 -20.24 -27.31 -8.03
CA SER C 96 -20.63 -28.40 -7.13
C SER C 96 -19.85 -29.69 -7.43
N SER C 97 -19.63 -29.96 -8.71
CA SER C 97 -18.79 -31.08 -9.14
C SER C 97 -17.37 -30.94 -8.60
N TYR C 98 -16.78 -29.76 -8.81
CA TYR C 98 -15.40 -29.48 -8.39
C TYR C 98 -15.24 -29.71 -6.90
N ARG C 99 -16.17 -29.17 -6.14
CA ARG C 99 -16.16 -29.31 -4.70
C ARG C 99 -16.33 -30.77 -4.31
N THR C 100 -17.30 -31.44 -4.91
CA THR C 100 -17.61 -32.80 -4.49
C THR C 100 -16.39 -33.69 -4.71
N ASN C 101 -15.72 -33.47 -5.85
CA ASN C 101 -14.56 -34.26 -6.23
C ASN C 101 -13.24 -33.75 -5.65
N LEU C 102 -13.33 -32.70 -4.83
CA LEU C 102 -12.18 -32.15 -4.09
C LEU C 102 -10.99 -31.77 -4.98
N ILE C 103 -11.22 -31.06 -6.07
CA ILE C 103 -10.13 -30.65 -6.92
C ILE C 103 -9.81 -29.19 -6.62
N LYS C 104 -8.73 -28.97 -5.88
CA LYS C 104 -8.43 -27.63 -5.37
C LYS C 104 -8.49 -26.54 -6.43
N GLU C 105 -7.64 -26.65 -7.44
CA GLU C 105 -7.54 -25.58 -8.42
C GLU C 105 -8.86 -25.38 -9.14
N SER C 106 -9.66 -26.43 -9.24
CA SER C 106 -10.91 -26.32 -9.99
C SER C 106 -11.93 -25.55 -9.18
N ILE C 107 -11.94 -25.82 -7.89
CA ILE C 107 -12.79 -25.10 -6.96
C ILE C 107 -12.41 -23.63 -6.94
N ARG C 108 -11.11 -23.36 -6.85
CA ARG C 108 -10.62 -21.98 -6.86
C ARG C 108 -11.05 -21.23 -8.13
N MET C 109 -10.86 -21.86 -9.28
CA MET C 109 -11.26 -21.24 -10.54
C MET C 109 -12.78 -21.09 -10.63
N GLY C 110 -13.50 -22.00 -9.97
CA GLY C 110 -14.95 -21.95 -9.99
C GLY C 110 -15.47 -20.73 -9.27
N TYR C 111 -15.07 -20.59 -8.00
CA TYR C 111 -15.41 -19.41 -7.23
C TYR C 111 -14.98 -18.16 -7.99
N ASN C 112 -13.78 -18.19 -8.55
CA ASN C 112 -13.33 -17.06 -9.36
C ASN C 112 -14.28 -16.70 -10.52
N ASP C 113 -14.81 -17.72 -11.18
CA ASP C 113 -15.72 -17.48 -12.29
C ASP C 113 -17.05 -16.93 -11.79
N PHE C 114 -17.49 -17.43 -10.63
CA PHE C 114 -18.66 -16.86 -9.96
C PHE C 114 -18.47 -15.36 -9.78
N GLY C 115 -17.34 -14.98 -9.19
CA GLY C 115 -17.01 -13.58 -9.02
C GLY C 115 -17.10 -12.81 -10.32
N ASP C 116 -16.47 -13.35 -11.38
CA ASP C 116 -16.55 -12.72 -12.70
C ASP C 116 -17.98 -12.51 -13.14
N PHE C 117 -18.84 -13.46 -12.80
CA PHE C 117 -20.24 -13.47 -13.22
C PHE C 117 -21.05 -12.42 -12.45
N TYR C 118 -21.14 -12.58 -11.12
CA TYR C 118 -21.80 -11.59 -10.27
C TYR C 118 -21.29 -10.16 -10.52
N TYR C 119 -20.03 -10.02 -10.89
CA TYR C 119 -19.54 -8.70 -11.28
C TYR C 119 -20.10 -8.27 -12.64
N ALA C 120 -20.09 -9.18 -13.61
CA ALA C 120 -20.61 -8.89 -14.93
C ALA C 120 -22.07 -8.47 -14.84
N CYS C 121 -22.87 -9.31 -14.18
CA CYS C 121 -24.30 -9.05 -14.03
C CYS C 121 -24.52 -7.83 -13.13
N GLY C 122 -23.45 -7.33 -12.52
CA GLY C 122 -23.53 -6.07 -11.82
C GLY C 122 -23.83 -6.06 -10.34
N MET C 123 -24.05 -7.24 -9.73
CA MET C 123 -24.24 -7.27 -8.28
C MET C 123 -22.92 -7.52 -7.56
N LEU C 124 -22.42 -6.48 -6.91
CA LEU C 124 -21.03 -6.42 -6.49
C LEU C 124 -20.70 -7.26 -5.25
N GLY C 125 -21.51 -7.15 -4.21
CA GLY C 125 -21.22 -7.82 -2.95
C GLY C 125 -20.89 -9.31 -3.09
N ASP C 126 -21.61 -9.98 -3.97
CA ASP C 126 -21.42 -11.42 -4.15
C ASP C 126 -20.19 -11.73 -4.99
N ALA C 127 -19.96 -10.89 -6.00
CA ALA C 127 -18.69 -10.94 -6.72
C ALA C 127 -17.54 -10.88 -5.71
N PHE C 128 -17.58 -9.87 -4.85
CA PHE C 128 -16.59 -9.73 -3.79
C PHE C 128 -16.52 -11.01 -2.95
N LYS C 129 -17.67 -11.55 -2.59
CA LYS C 129 -17.77 -12.69 -1.68
C LYS C 129 -17.08 -13.94 -2.22
N ASN C 130 -17.30 -14.25 -3.50
CA ASN C 130 -16.73 -15.44 -4.12
C ASN C 130 -15.27 -15.23 -4.42
N TYR C 131 -14.97 -14.07 -5.01
CA TYR C 131 -13.60 -13.65 -5.20
C TYR C 131 -12.78 -13.85 -3.91
N ILE C 132 -13.36 -13.48 -2.79
CA ILE C 132 -12.70 -13.67 -1.49
C ILE C 132 -12.68 -15.15 -1.13
N ARG C 133 -13.70 -15.87 -1.59
CA ARG C 133 -13.82 -17.33 -1.39
C ARG C 133 -12.73 -18.08 -2.15
N THR C 134 -11.96 -17.34 -2.92
CA THR C 134 -10.77 -17.87 -3.53
C THR C 134 -9.62 -18.24 -2.52
N ARG C 135 -9.43 -17.46 -1.44
CA ARG C 135 -8.23 -17.52 -0.58
C ARG C 135 -7.89 -18.93 -0.11
N ASP C 136 -8.91 -19.67 0.33
CA ASP C 136 -8.71 -20.99 0.93
C ASP C 136 -8.24 -22.02 -0.08
N TYR C 137 -8.48 -21.74 -1.35
CA TYR C 137 -8.09 -22.62 -2.42
C TYR C 137 -6.82 -22.20 -3.16
N CYS C 138 -6.14 -21.17 -2.68
CA CYS C 138 -4.91 -20.71 -3.30
C CYS C 138 -3.73 -21.64 -3.04
N THR C 139 -2.97 -21.96 -4.07
CA THR C 139 -1.72 -22.65 -3.84
C THR C 139 -0.41 -21.84 -4.00
N THR C 140 -0.46 -20.72 -4.71
CA THR C 140 0.73 -19.94 -5.02
C THR C 140 0.56 -18.51 -4.57
N THR C 141 1.65 -17.76 -4.47
CA THR C 141 1.52 -16.36 -4.11
C THR C 141 0.84 -15.60 -5.23
N LYS C 142 1.05 -16.08 -6.46
CA LYS C 142 0.44 -15.51 -7.66
C LYS C 142 -1.08 -15.52 -7.52
N HIS C 143 -1.61 -16.66 -7.07
CA HIS C 143 -3.01 -16.81 -6.74
C HIS C 143 -3.49 -15.73 -5.77
N ILE C 144 -2.79 -15.64 -4.62
CA ILE C 144 -3.09 -14.62 -3.63
C ILE C 144 -3.13 -13.21 -4.25
N ILE C 145 -2.12 -12.87 -5.05
CA ILE C 145 -2.08 -11.56 -5.69
C ILE C 145 -3.31 -11.32 -6.58
N HIS C 146 -3.66 -12.33 -7.38
CA HIS C 146 -4.88 -12.30 -8.20
C HIS C 146 -6.13 -11.98 -7.36
N MET C 147 -6.35 -12.76 -6.30
CA MET C 147 -7.52 -12.53 -5.46
C MET C 147 -7.52 -11.11 -4.95
N CYS C 148 -6.38 -10.70 -4.39
CA CYS C 148 -6.21 -9.35 -3.92
C CYS C 148 -6.65 -8.31 -4.94
N MET C 149 -6.15 -8.43 -6.17
CA MET C 149 -6.51 -7.48 -7.24
C MET C 149 -8.00 -7.41 -7.52
N ASN C 150 -8.65 -8.57 -7.57
CA ASN C 150 -10.10 -8.60 -7.78
C ASN C 150 -10.81 -7.91 -6.62
N ALA C 151 -10.46 -8.32 -5.41
CA ALA C 151 -11.05 -7.75 -4.21
C ALA C 151 -10.93 -6.23 -4.21
N ILE C 152 -9.78 -5.76 -4.68
CA ILE C 152 -9.50 -4.35 -4.68
C ILE C 152 -10.42 -3.67 -5.67
N LEU C 153 -10.52 -4.23 -6.88
CA LEU C 153 -11.33 -3.64 -7.94
C LEU C 153 -12.79 -3.51 -7.55
N VAL C 154 -13.34 -4.63 -7.09
CA VAL C 154 -14.74 -4.66 -6.67
C VAL C 154 -14.98 -3.72 -5.49
N SER C 155 -14.03 -3.65 -4.55
CA SER C 155 -14.21 -2.80 -3.38
C SER C 155 -14.15 -1.33 -3.73
N ILE C 156 -13.34 -1.00 -4.71
CA ILE C 156 -13.29 0.36 -5.20
C ILE C 156 -14.62 0.68 -5.82
N GLU C 157 -15.18 -0.31 -6.48
CA GLU C 157 -16.42 -0.13 -7.19
C GLU C 157 -17.61 -0.12 -6.24
N MET C 158 -17.42 -0.68 -5.04
CA MET C 158 -18.43 -0.65 -3.98
C MET C 158 -18.13 0.47 -2.99
N GLY C 159 -17.10 1.26 -3.31
CA GLY C 159 -16.61 2.29 -2.41
C GLY C 159 -16.16 1.90 -0.99
N GLN C 160 -15.67 0.67 -0.79
CA GLN C 160 -15.11 0.33 0.52
C GLN C 160 -13.60 0.45 0.43
N PHE C 161 -13.06 1.56 0.93
CA PHE C 161 -11.66 1.86 0.72
C PHE C 161 -10.82 1.36 1.88
N THR C 162 -11.52 0.96 2.92
CA THR C 162 -10.88 0.25 4.01
C THR C 162 -10.55 -1.17 3.55
N HIS C 163 -11.53 -1.81 2.92
CA HIS C 163 -11.28 -3.08 2.27
C HIS C 163 -10.10 -2.94 1.30
N VAL C 164 -10.13 -1.88 0.49
CA VAL C 164 -9.05 -1.63 -0.45
C VAL C 164 -7.71 -1.62 0.28
N THR C 165 -7.58 -0.76 1.29
CA THR C 165 -6.36 -0.73 2.12
C THR C 165 -5.90 -2.11 2.64
N SER C 166 -6.84 -2.91 3.11
CA SER C 166 -6.52 -4.23 3.62
C SER C 166 -5.88 -5.11 2.54
N TYR C 167 -6.57 -5.23 1.41
CA TYR C 167 -6.03 -6.05 0.33
C TYR C 167 -4.76 -5.48 -0.31
N VAL C 168 -4.61 -4.17 -0.27
CA VAL C 168 -3.36 -3.58 -0.72
C VAL C 168 -2.22 -3.95 0.24
N ASN C 169 -2.54 -4.09 1.53
CA ASN C 169 -1.56 -4.51 2.53
C ASN C 169 -1.16 -5.97 2.35
N LYS C 170 -2.16 -6.83 2.17
CA LYS C 170 -1.91 -8.24 1.92
C LYS C 170 -0.99 -8.34 0.73
N ALA C 171 -1.43 -7.77 -0.40
CA ALA C 171 -0.65 -7.79 -1.62
C ALA C 171 0.77 -7.33 -1.35
N GLU C 172 0.90 -6.16 -0.75
CA GLU C 172 2.20 -5.53 -0.56
C GLU C 172 3.14 -6.36 0.32
N GLN C 173 2.59 -7.13 1.24
CA GLN C 173 3.46 -7.85 2.18
C GLN C 173 3.88 -9.24 1.71
N ASN C 174 3.54 -9.57 0.45
CA ASN C 174 4.00 -10.81 -0.18
C ASN C 174 5.52 -11.00 -0.08
N PRO C 175 5.94 -12.13 0.54
CA PRO C 175 7.36 -12.47 0.76
C PRO C 175 8.09 -12.54 -0.59
N GLU C 176 7.35 -12.91 -1.63
CA GLU C 176 7.89 -12.97 -2.97
C GLU C 176 7.76 -11.62 -3.68
N THR C 177 8.86 -11.17 -4.28
CA THR C 177 8.88 -9.90 -4.97
C THR C 177 7.79 -9.83 -6.04
N LEU C 178 7.02 -8.75 -5.99
CA LEU C 178 5.95 -8.49 -6.94
C LEU C 178 6.51 -8.15 -8.34
N GLU C 179 5.72 -8.37 -9.39
CA GLU C 179 6.05 -7.79 -10.72
C GLU C 179 5.74 -6.28 -10.76
N PRO C 180 6.64 -5.47 -11.40
CA PRO C 180 6.64 -4.00 -11.28
C PRO C 180 5.30 -3.31 -11.53
N MET C 181 4.53 -3.83 -12.49
CA MET C 181 3.25 -3.25 -12.85
C MET C 181 2.17 -3.57 -11.83
N VAL C 182 2.29 -4.71 -11.15
CA VAL C 182 1.41 -4.95 -10.01
C VAL C 182 1.72 -3.95 -8.90
N ASN C 183 3.01 -3.71 -8.69
CA ASN C 183 3.47 -2.72 -7.73
C ASN C 183 2.86 -1.35 -8.02
N ALA C 184 2.99 -0.90 -9.26
CA ALA C 184 2.45 0.38 -9.66
C ALA C 184 0.92 0.39 -9.47
N LYS C 185 0.28 -0.74 -9.77
CA LYS C 185 -1.17 -0.78 -9.65
C LYS C 185 -1.56 -0.56 -8.19
N LEU C 186 -1.03 -1.38 -7.29
CA LEU C 186 -1.26 -1.21 -5.86
C LEU C 186 -0.94 0.21 -5.36
N ARG C 187 0.13 0.82 -5.85
CA ARG C 187 0.40 2.20 -5.48
C ARG C 187 -0.78 3.05 -5.87
N CYS C 188 -1.31 2.82 -7.07
CA CYS C 188 -2.48 3.54 -7.53
C CYS C 188 -3.70 3.35 -6.60
N ALA C 189 -4.06 2.09 -6.36
CA ALA C 189 -5.18 1.76 -5.52
C ALA C 189 -5.05 2.37 -4.14
N SER C 190 -3.82 2.43 -3.65
CA SER C 190 -3.58 2.84 -2.29
C SER C 190 -3.72 4.36 -2.23
N GLY C 191 -3.19 5.03 -3.26
CA GLY C 191 -3.37 6.46 -3.43
C GLY C 191 -4.85 6.84 -3.54
N LEU C 192 -5.62 5.96 -4.16
CA LEU C 192 -7.06 6.18 -4.28
C LEU C 192 -7.74 6.02 -2.93
N ALA C 193 -7.48 4.92 -2.25
CA ALA C 193 -8.08 4.66 -0.96
C ALA C 193 -7.78 5.79 0.00
N HIS C 194 -6.55 6.30 -0.06
CA HIS C 194 -6.15 7.37 0.83
C HIS C 194 -6.86 8.66 0.46
N LEU C 195 -6.83 8.97 -0.82
CA LEU C 195 -7.58 10.10 -1.34
C LEU C 195 -9.02 10.13 -0.80
N GLU C 196 -9.69 8.99 -0.82
CA GLU C 196 -11.09 8.96 -0.41
C GLU C 196 -11.23 8.93 1.10
N LEU C 197 -10.22 8.43 1.78
CA LEU C 197 -10.26 8.42 3.24
C LEU C 197 -9.79 9.77 3.75
N LYS C 198 -9.48 10.65 2.80
CA LYS C 198 -9.18 12.04 3.14
C LYS C 198 -7.73 12.35 3.53
N LYS C 199 -6.85 11.37 3.55
CA LYS C 199 -5.48 11.71 3.91
C LYS C 199 -4.67 11.99 2.65
N TYR C 200 -4.48 13.27 2.36
CA TYR C 200 -3.99 13.67 1.04
C TYR C 200 -2.50 13.58 0.90
N LYS C 201 -1.80 13.83 1.99
CA LYS C 201 -0.35 13.71 2.01
C LYS C 201 0.04 12.29 1.59
N LEU C 202 -0.63 11.30 2.18
CA LEU C 202 -0.39 9.91 1.81
C LEU C 202 -0.70 9.66 0.33
N ALA C 203 -1.90 10.11 -0.06
CA ALA C 203 -2.39 9.93 -1.43
C ALA C 203 -1.32 10.41 -2.41
N ALA C 204 -0.88 11.64 -2.21
CA ALA C 204 0.15 12.26 -3.00
C ALA C 204 1.39 11.39 -3.05
N ARG C 205 1.85 10.94 -1.88
CA ARG C 205 3.10 10.16 -1.82
C ARG C 205 2.99 8.84 -2.60
N LYS C 206 1.79 8.25 -2.63
CA LYS C 206 1.54 7.05 -3.43
C LYS C 206 1.52 7.35 -4.93
N PHE C 207 0.80 8.39 -5.32
CA PHE C 207 0.67 8.78 -6.73
C PHE C 207 1.99 9.25 -7.34
N LEU C 208 2.85 9.87 -6.55
CA LEU C 208 4.09 10.44 -7.07
C LEU C 208 5.13 9.36 -7.40
N ASP C 209 4.96 8.16 -6.84
CA ASP C 209 5.90 7.07 -7.11
C ASP C 209 5.45 6.06 -8.17
N VAL C 210 4.28 6.26 -8.75
CA VAL C 210 3.76 5.35 -9.79
C VAL C 210 4.66 5.24 -11.02
N ASN C 211 5.01 4.01 -11.40
CA ASN C 211 5.84 3.78 -12.59
C ASN C 211 5.26 4.42 -13.84
N PRO C 212 6.04 5.30 -14.47
CA PRO C 212 5.60 6.02 -15.67
C PRO C 212 5.17 5.07 -16.79
N GLU C 213 5.66 3.83 -16.76
CA GLU C 213 5.38 2.87 -17.81
C GLU C 213 4.05 2.15 -17.65
N LEU C 214 3.35 2.43 -16.54
CA LEU C 214 2.03 1.87 -16.36
C LEU C 214 1.06 2.27 -17.48
N GLY C 215 1.19 3.49 -18.01
CA GLY C 215 0.31 3.95 -19.07
C GLY C 215 -1.11 3.73 -18.61
N ASN C 216 -1.90 2.99 -19.40
CA ASN C 216 -3.02 2.29 -18.78
C ASN C 216 -2.89 0.78 -18.93
N SER C 217 -2.37 0.13 -17.90
CA SER C 217 -2.70 -1.26 -17.66
C SER C 217 -3.95 -1.17 -16.82
N TYR C 218 -3.96 -0.11 -16.03
CA TYR C 218 -4.87 0.04 -14.91
C TYR C 218 -6.16 0.84 -15.22
N ASN C 219 -6.42 1.11 -16.49
CA ASN C 219 -7.60 1.92 -16.89
C ASN C 219 -8.97 1.36 -16.48
N GLU C 220 -9.01 0.14 -15.97
CA GLU C 220 -10.21 -0.37 -15.31
C GLU C 220 -10.45 0.31 -13.94
N VAL C 221 -9.44 1.07 -13.51
CA VAL C 221 -9.44 1.79 -12.25
C VAL C 221 -9.13 3.29 -12.41
N ILE C 222 -8.01 3.59 -13.06
CA ILE C 222 -7.49 4.96 -13.15
C ILE C 222 -6.70 5.21 -14.44
N ALA C 223 -6.56 6.47 -14.85
CA ALA C 223 -5.78 6.83 -16.05
C ALA C 223 -4.59 7.70 -15.69
N PRO C 224 -3.55 7.75 -16.56
CA PRO C 224 -2.34 8.57 -16.39
C PRO C 224 -2.64 10.00 -16.01
N GLN C 225 -3.72 10.51 -16.62
CA GLN C 225 -4.18 11.86 -16.37
C GLN C 225 -4.62 12.01 -14.92
N ASP C 226 -5.50 11.10 -14.48
CA ASP C 226 -5.92 11.02 -13.09
C ASP C 226 -4.76 11.02 -12.08
N ILE C 227 -3.77 10.17 -12.34
CA ILE C 227 -2.56 10.09 -11.53
C ILE C 227 -1.83 11.42 -11.48
N ALA C 228 -1.69 12.06 -12.64
CA ALA C 228 -1.09 13.39 -12.70
C ALA C 228 -1.85 14.41 -11.83
N THR C 229 -3.17 14.43 -11.95
CA THR C 229 -3.93 15.49 -11.30
C THR C 229 -4.12 15.27 -9.79
N TYR C 230 -4.56 14.08 -9.38
CA TYR C 230 -4.60 13.71 -7.96
C TYR C 230 -3.22 13.89 -7.33
N GLY C 231 -2.21 13.36 -8.01
CA GLY C 231 -0.84 13.50 -7.54
C GLY C 231 -0.51 14.95 -7.26
N GLY C 232 -0.68 15.79 -8.28
CA GLY C 232 -0.31 17.20 -8.17
C GLY C 232 -1.07 18.01 -7.12
N LEU C 233 -2.40 17.84 -7.07
CA LEU C 233 -3.24 18.67 -6.22
C LEU C 233 -3.16 18.23 -4.77
N CYS C 234 -3.06 16.91 -4.57
CA CYS C 234 -2.89 16.39 -3.23
C CYS C 234 -1.54 16.85 -2.70
N ALA C 235 -0.51 16.74 -3.56
CA ALA C 235 0.83 17.17 -3.17
C ALA C 235 0.79 18.65 -2.79
N LEU C 236 0.02 19.40 -3.56
CA LEU C 236 0.00 20.84 -3.44
C LEU C 236 -0.69 21.32 -2.17
N ALA C 237 -1.79 20.67 -1.79
CA ALA C 237 -2.43 20.97 -0.52
C ALA C 237 -1.64 20.47 0.69
N SER C 238 -0.83 19.43 0.47
CA SER C 238 -0.25 18.62 1.53
C SER C 238 1.17 18.97 1.96
N PHE C 239 2.06 19.02 0.97
CA PHE C 239 3.50 19.12 1.17
C PHE C 239 3.97 20.51 1.57
N ASP C 240 5.14 20.58 2.22
CA ASP C 240 5.90 21.83 2.34
C ASP C 240 6.70 22.03 1.06
N ARG C 241 7.38 23.15 0.91
CA ARG C 241 7.97 23.44 -0.38
C ARG C 241 9.18 22.56 -0.65
N SER C 242 9.83 22.06 0.40
CA SER C 242 10.95 21.20 0.16
C SER C 242 10.45 19.85 -0.40
N GLU C 243 9.46 19.24 0.24
CA GLU C 243 8.90 18.03 -0.34
C GLU C 243 8.29 18.26 -1.73
N LEU C 244 7.78 19.48 -1.97
CA LEU C 244 7.18 19.82 -3.27
C LEU C 244 8.26 19.85 -4.35
N LYS C 245 9.36 20.54 -4.04
CA LYS C 245 10.53 20.60 -4.92
C LYS C 245 11.04 19.19 -5.22
N GLN C 246 11.03 18.34 -4.20
CA GLN C 246 11.63 17.03 -4.31
C GLN C 246 10.76 16.06 -5.10
N LYS C 247 9.59 15.74 -4.54
CA LYS C 247 8.78 14.64 -5.04
C LYS C 247 7.86 15.08 -6.18
N VAL C 248 7.88 16.35 -6.55
CA VAL C 248 7.04 16.79 -7.66
C VAL C 248 7.83 17.56 -8.70
N ILE C 249 8.21 18.78 -8.37
CA ILE C 249 8.92 19.65 -9.29
C ILE C 249 10.13 18.91 -9.88
N ASP C 250 11.02 18.44 -9.02
CA ASP C 250 12.27 17.80 -9.45
C ASP C 250 12.14 16.31 -9.78
N ASN C 251 10.92 15.78 -9.73
CA ASN C 251 10.71 14.35 -9.96
C ASN C 251 10.41 14.07 -11.46
N ILE C 252 11.41 13.48 -12.12
CA ILE C 252 11.35 13.34 -13.57
C ILE C 252 10.34 12.29 -13.99
N ASN C 253 10.35 11.14 -13.31
CA ASN C 253 9.36 10.11 -13.55
C ASN C 253 7.94 10.65 -13.57
N PHE C 254 7.61 11.56 -12.66
CA PHE C 254 6.24 12.04 -12.56
C PHE C 254 5.93 12.98 -13.71
N ARG C 255 6.98 13.61 -14.23
CA ARG C 255 6.86 14.56 -15.34
C ARG C 255 6.14 13.94 -16.54
N ASN C 256 6.40 12.67 -16.81
CA ASN C 256 5.66 11.98 -17.83
C ASN C 256 4.17 12.14 -17.61
N PHE C 257 3.72 12.05 -16.36
CA PHE C 257 2.30 12.20 -16.05
C PHE C 257 1.86 13.67 -16.15
N LEU C 258 2.66 14.55 -15.57
CA LEU C 258 2.35 15.97 -15.59
C LEU C 258 2.12 16.50 -17.01
N GLU C 259 2.96 16.05 -17.94
CA GLU C 259 2.91 16.56 -19.30
C GLU C 259 1.59 16.25 -20.01
N LEU C 260 0.79 15.38 -19.41
CA LEU C 260 -0.53 15.06 -19.96
C LEU C 260 -1.62 16.02 -19.48
N VAL C 261 -1.26 16.88 -18.53
CA VAL C 261 -2.20 17.87 -18.02
C VAL C 261 -1.45 19.17 -17.72
N PRO C 262 -0.97 19.83 -18.78
CA PRO C 262 -0.05 20.98 -18.66
C PRO C 262 -0.64 22.12 -17.83
N ASP C 263 -1.96 22.10 -17.66
CA ASP C 263 -2.60 23.13 -16.87
C ASP C 263 -2.25 22.98 -15.41
N VAL C 264 -2.27 21.73 -14.96
CA VAL C 264 -1.89 21.39 -13.61
C VAL C 264 -0.38 21.61 -13.44
N ARG C 265 0.37 21.40 -14.51
CA ARG C 265 1.81 21.59 -14.49
C ARG C 265 2.14 23.06 -14.29
N GLU C 266 1.43 23.91 -15.02
CA GLU C 266 1.58 25.35 -14.87
C GLU C 266 1.04 25.81 -13.51
N LEU C 267 -0.06 25.23 -13.06
CA LEU C 267 -0.67 25.61 -11.81
C LEU C 267 0.30 25.42 -10.64
N ILE C 268 0.87 24.21 -10.56
CA ILE C 268 1.92 23.92 -9.62
C ILE C 268 3.15 24.79 -9.81
N ASN C 269 3.54 25.04 -11.06
CA ASN C 269 4.70 25.87 -11.33
C ASN C 269 4.51 27.30 -10.81
N ASP C 270 3.31 27.82 -11.03
CA ASP C 270 2.93 29.16 -10.62
C ASP C 270 2.98 29.20 -9.10
N PHE C 271 2.28 28.24 -8.49
CA PHE C 271 2.28 28.10 -7.04
C PHE C 271 3.66 28.07 -6.42
N TYR C 272 4.60 27.38 -7.08
CA TYR C 272 5.97 27.30 -6.59
C TYR C 272 6.77 28.59 -6.80
N SER C 273 6.52 29.26 -7.93
CA SER C 273 7.24 30.49 -8.25
C SER C 273 6.52 31.70 -7.68
N SER C 274 5.47 31.44 -6.91
CA SER C 274 4.70 32.47 -6.21
C SER C 274 3.90 33.44 -7.08
N ARG C 275 3.37 32.96 -8.21
CA ARG C 275 2.45 33.79 -8.98
C ARG C 275 1.07 33.31 -8.57
N TYR C 276 0.48 34.04 -7.63
CA TYR C 276 -0.65 33.47 -6.89
C TYR C 276 -1.93 33.55 -7.70
N ALA C 277 -2.16 34.74 -8.26
CA ALA C 277 -3.33 35.00 -9.10
C ALA C 277 -3.43 34.04 -10.29
N SER C 278 -2.31 33.77 -10.97
CA SER C 278 -2.32 32.79 -12.08
C SER C 278 -2.80 31.44 -11.57
N CYS C 279 -2.18 31.02 -10.47
CA CYS C 279 -2.51 29.75 -9.85
C CYS C 279 -4.01 29.64 -9.51
N LEU C 280 -4.50 30.61 -8.73
CA LEU C 280 -5.93 30.71 -8.42
C LEU C 280 -6.82 30.72 -9.68
N GLU C 281 -6.35 31.41 -10.71
CA GLU C 281 -7.07 31.47 -11.98
C GLU C 281 -7.22 30.06 -12.52
N TYR C 282 -6.09 29.39 -12.72
CA TYR C 282 -6.10 28.02 -13.19
C TYR C 282 -7.02 27.12 -12.40
N LEU C 283 -6.99 27.25 -11.08
CA LEU C 283 -7.87 26.44 -10.24
C LEU C 283 -9.33 26.74 -10.57
N ALA C 284 -9.65 28.03 -10.71
CA ALA C 284 -11.03 28.41 -11.03
C ALA C 284 -11.47 27.87 -12.39
N SER C 285 -10.57 27.91 -13.36
CA SER C 285 -10.79 27.34 -14.69
C SER C 285 -10.99 25.82 -14.64
N LEU C 286 -10.28 25.15 -13.74
CA LEU C 286 -10.37 23.71 -13.59
C LEU C 286 -11.53 23.22 -12.71
N LYS C 287 -12.14 24.10 -11.93
CA LYS C 287 -13.01 23.64 -10.84
C LYS C 287 -14.20 22.80 -11.32
N SER C 288 -14.77 23.20 -12.43
CA SER C 288 -15.96 22.57 -12.96
C SER C 288 -15.67 21.16 -13.43
N ASN C 289 -14.63 21.06 -14.26
CA ASN C 289 -14.11 19.79 -14.73
C ASN C 289 -13.67 18.86 -13.59
N LEU C 290 -13.16 19.44 -12.50
CA LEU C 290 -12.72 18.64 -11.38
C LEU C 290 -13.92 18.12 -10.64
N LEU C 291 -14.96 18.94 -10.56
CA LEU C 291 -16.19 18.52 -9.89
C LEU C 291 -16.87 17.43 -10.72
N LEU C 292 -16.59 17.45 -12.02
CA LEU C 292 -17.02 16.38 -12.91
C LEU C 292 -16.33 15.04 -12.58
N ASP C 293 -15.15 15.11 -11.95
CA ASP C 293 -14.37 13.92 -11.61
C ASP C 293 -15.00 13.11 -10.50
N ILE C 294 -15.20 11.82 -10.77
CA ILE C 294 -15.97 10.94 -9.88
C ILE C 294 -15.30 10.71 -8.53
N HIS C 295 -13.99 10.53 -8.53
CA HIS C 295 -13.26 10.33 -7.28
C HIS C 295 -12.88 11.64 -6.59
N LEU C 296 -12.46 12.61 -7.39
CA LEU C 296 -11.99 13.88 -6.87
C LEU C 296 -13.09 14.82 -6.36
N HIS C 297 -14.33 14.60 -6.79
CA HIS C 297 -15.41 15.54 -6.58
C HIS C 297 -15.43 16.09 -5.15
N ASP C 298 -15.74 15.21 -4.22
CA ASP C 298 -15.95 15.57 -2.82
C ASP C 298 -14.76 16.29 -2.20
N HIS C 299 -13.60 16.12 -2.81
CA HIS C 299 -12.40 16.65 -2.21
C HIS C 299 -12.05 18.06 -2.70
N VAL C 300 -12.64 18.44 -3.83
CA VAL C 300 -12.24 19.68 -4.51
C VAL C 300 -12.09 20.85 -3.55
N ASP C 301 -13.21 21.26 -2.96
CA ASP C 301 -13.22 22.42 -2.08
C ASP C 301 -12.14 22.32 -1.00
N THR C 302 -12.12 21.19 -0.28
CA THR C 302 -11.14 20.97 0.77
C THR C 302 -9.72 21.24 0.25
N LEU C 303 -9.37 20.56 -0.85
CA LEU C 303 -8.03 20.71 -1.40
C LEU C 303 -7.78 22.15 -1.76
N TYR C 304 -8.78 22.76 -2.39
CA TYR C 304 -8.68 24.13 -2.86
C TYR C 304 -8.45 25.02 -1.64
N ASP C 305 -9.26 24.81 -0.61
CA ASP C 305 -9.08 25.61 0.58
C ASP C 305 -7.62 25.51 1.00
N GLN C 306 -7.12 24.28 1.12
CA GLN C 306 -5.78 24.10 1.65
C GLN C 306 -4.74 24.82 0.77
N ILE C 307 -4.90 24.71 -0.55
CA ILE C 307 -3.91 25.29 -1.44
C ILE C 307 -3.89 26.79 -1.20
N ARG C 308 -5.10 27.32 -1.11
CA ARG C 308 -5.28 28.74 -0.87
C ARG C 308 -4.62 29.12 0.46
N LYS C 309 -4.87 28.32 1.49
CA LYS C 309 -4.35 28.68 2.80
C LYS C 309 -2.83 28.75 2.70
N LYS C 310 -2.21 27.78 2.01
CA LYS C 310 -0.75 27.77 1.97
C LYS C 310 -0.25 29.00 1.23
N ALA C 311 -0.95 29.37 0.15
CA ALA C 311 -0.51 30.48 -0.67
C ALA C 311 -0.55 31.71 0.23
N LEU C 312 -1.60 31.78 1.05
CA LEU C 312 -1.78 32.94 1.91
C LEU C 312 -0.53 33.03 2.76
N ILE C 313 -0.19 31.91 3.39
CA ILE C 313 0.93 31.92 4.31
C ILE C 313 2.19 32.32 3.56
N GLN C 314 2.35 31.76 2.37
CA GLN C 314 3.55 32.06 1.59
C GLN C 314 3.66 33.55 1.30
N TYR C 315 2.53 34.21 1.07
CA TYR C 315 2.53 35.62 0.71
C TYR C 315 3.11 36.44 1.86
N THR C 316 2.90 35.96 3.09
CA THR C 316 3.27 36.71 4.30
C THR C 316 4.68 36.41 4.81
N LEU C 317 5.42 35.63 4.06
CA LEU C 317 6.83 35.47 4.34
C LEU C 317 7.62 36.61 3.70
N PRO C 318 8.26 37.46 4.52
CA PRO C 318 9.13 38.56 4.05
C PRO C 318 10.40 37.96 3.44
N PHE C 319 11.45 38.74 3.19
CA PHE C 319 12.86 38.24 3.07
C PHE C 319 13.83 39.36 2.72
N VAL C 320 15.15 39.17 2.88
CA VAL C 320 15.78 37.95 3.40
C VAL C 320 16.69 38.09 4.66
N SER C 321 17.86 38.72 4.43
CA SER C 321 19.15 38.35 5.05
C SER C 321 19.79 37.21 4.25
N GLU D 1 -19.66 54.71 29.47
CA GLU D 1 -20.23 55.78 30.28
C GLU D 1 -21.73 55.88 30.07
N PRO D 2 -22.45 56.33 31.11
CA PRO D 2 -23.86 56.71 30.96
C PRO D 2 -23.96 58.23 30.71
N LEU D 3 -23.69 58.69 29.49
CA LEU D 3 -23.75 60.13 29.18
C LEU D 3 -25.14 60.72 29.47
N ASP D 4 -25.16 61.99 29.89
CA ASP D 4 -26.44 62.66 30.15
C ASP D 4 -27.11 63.06 28.84
N ILE D 5 -28.45 62.97 28.80
CA ILE D 5 -29.18 63.34 27.60
C ILE D 5 -29.27 64.86 27.45
N GLU D 6 -29.45 65.57 28.55
CA GLU D 6 -29.67 67.00 28.48
C GLU D 6 -28.64 67.66 27.57
N ALA D 7 -27.39 67.25 27.73
CA ALA D 7 -26.27 67.90 27.05
C ALA D 7 -26.22 67.52 25.59
N TYR D 8 -26.50 66.23 25.33
CA TYR D 8 -26.52 65.71 23.96
C TYR D 8 -27.60 66.40 23.15
N ALA D 9 -28.83 66.32 23.63
CA ALA D 9 -29.94 66.99 22.98
C ALA D 9 -29.65 68.48 22.84
N ALA D 10 -29.08 69.06 23.89
CA ALA D 10 -28.69 70.46 23.87
C ALA D 10 -27.86 70.75 22.64
N LEU D 11 -27.01 69.79 22.26
CA LEU D 11 -26.15 69.96 21.09
C LEU D 11 -26.89 70.31 19.81
N TYR D 12 -28.11 69.81 19.68
CA TYR D 12 -28.81 69.86 18.38
C TYR D 12 -30.03 70.77 18.36
N LYS D 13 -30.02 71.72 17.43
CA LYS D 13 -31.13 72.65 17.21
C LYS D 13 -32.27 72.12 16.33
N GLY D 14 -32.00 71.13 15.48
CA GLY D 14 -32.91 70.86 14.39
C GLY D 14 -34.24 70.19 14.75
N ARG D 15 -34.89 69.65 13.73
CA ARG D 15 -35.90 68.60 13.89
C ARG D 15 -35.13 67.36 14.35
N THR D 16 -33.80 67.41 14.21
CA THR D 16 -32.98 66.25 14.48
C THR D 16 -32.79 66.04 16.00
N LYS D 17 -32.92 67.10 16.79
CA LYS D 17 -32.97 66.94 18.24
C LYS D 17 -34.08 65.93 18.66
N ILE D 18 -35.28 66.14 18.14
CA ILE D 18 -36.41 65.27 18.42
C ILE D 18 -36.16 63.84 17.90
N MET D 19 -35.70 63.76 16.65
CA MET D 19 -35.47 62.46 15.99
C MET D 19 -34.45 61.62 16.76
N ARG D 20 -33.40 62.28 17.24
CA ARG D 20 -32.45 61.64 18.13
C ARG D 20 -33.11 61.16 19.45
N LEU D 21 -33.87 62.02 20.13
CA LEU D 21 -34.56 61.54 21.34
C LEU D 21 -35.42 60.29 21.08
N LEU D 22 -36.10 60.28 19.94
CA LEU D 22 -37.01 59.20 19.60
C LEU D 22 -36.22 57.97 19.24
N PHE D 23 -35.01 58.20 18.74
CA PHE D 23 -34.14 57.10 18.38
C PHE D 23 -33.60 56.44 19.63
N ILE D 24 -33.08 57.25 20.55
CA ILE D 24 -32.57 56.80 21.83
C ILE D 24 -33.63 56.00 22.56
N ALA D 25 -34.87 56.51 22.49
CA ALA D 25 -35.99 55.85 23.10
C ALA D 25 -36.33 54.50 22.42
N ASN D 26 -36.47 54.52 21.11
CA ASN D 26 -36.96 53.35 20.37
C ASN D 26 -35.97 52.21 20.08
N HIS D 27 -34.68 52.50 20.14
CA HIS D 27 -33.81 51.48 20.65
C HIS D 27 -32.75 51.96 21.59
N CYS D 28 -33.04 51.75 22.86
CA CYS D 28 -32.26 50.94 23.73
C CYS D 28 -33.44 50.10 24.17
N GLY D 29 -34.23 50.69 25.07
CA GLY D 29 -35.16 49.93 25.86
C GLY D 29 -34.20 49.11 26.69
N GLY D 30 -34.70 48.45 27.71
CA GLY D 30 -33.80 47.64 28.51
C GLY D 30 -32.97 48.57 29.39
N ASN D 31 -32.91 49.85 29.03
CA ASN D 31 -32.61 50.90 29.98
C ASN D 31 -33.88 51.74 30.02
N HIS D 32 -34.64 51.61 31.11
CA HIS D 32 -35.95 52.25 31.17
C HIS D 32 -35.89 53.72 31.55
N ALA D 33 -34.98 54.06 32.45
CA ALA D 33 -34.86 55.44 32.91
C ALA D 33 -34.48 56.31 31.72
N LEU D 34 -33.65 55.74 30.84
CA LEU D 34 -33.19 56.42 29.65
C LEU D 34 -34.33 56.61 28.68
N GLN D 35 -35.02 55.52 28.40
CA GLN D 35 -36.17 55.53 27.51
C GLN D 35 -37.18 56.60 27.93
N PHE D 36 -37.53 56.63 29.22
CA PHE D 36 -38.54 57.55 29.72
C PHE D 36 -38.05 58.99 29.80
N ASP D 37 -36.76 59.17 30.07
CA ASP D 37 -36.15 60.50 30.01
C ASP D 37 -36.24 61.05 28.57
N ALA D 38 -36.03 60.14 27.63
CA ALA D 38 -36.03 60.43 26.21
C ALA D 38 -37.43 60.82 25.79
N LEU D 39 -38.39 59.93 26.05
CA LEU D 39 -39.81 60.21 25.80
C LEU D 39 -40.27 61.55 26.41
N ARG D 40 -39.82 61.86 27.63
CA ARG D 40 -40.20 63.10 28.32
C ARG D 40 -39.69 64.30 27.54
N MET D 41 -38.42 64.28 27.18
CA MET D 41 -37.81 65.42 26.50
C MET D 41 -38.35 65.59 25.08
N ALA D 42 -38.59 64.47 24.41
CA ALA D 42 -39.16 64.49 23.07
C ALA D 42 -40.58 65.05 23.10
N TYR D 43 -41.37 64.56 24.05
CA TYR D 43 -42.70 65.09 24.29
C TYR D 43 -42.63 66.60 24.45
N ASP D 44 -41.93 67.05 25.50
CA ASP D 44 -41.85 68.48 25.78
C ASP D 44 -41.32 69.29 24.59
N GLU D 45 -40.40 68.72 23.82
CA GLU D 45 -39.81 69.45 22.72
C GLU D 45 -40.79 69.57 21.57
N ILE D 46 -41.49 68.49 21.27
CA ILE D 46 -42.51 68.47 20.22
C ILE D 46 -43.63 69.46 20.53
N LYS D 47 -44.00 69.54 21.80
CA LYS D 47 -45.08 70.44 22.22
C LYS D 47 -44.67 71.90 22.02
N LYS D 48 -43.41 72.13 21.67
CA LYS D 48 -42.94 73.49 21.37
C LYS D 48 -43.10 73.89 19.92
N GLY D 49 -43.76 73.04 19.14
CA GLY D 49 -43.75 73.17 17.69
C GLY D 49 -45.06 72.75 17.03
N GLU D 50 -45.07 72.78 15.71
CA GLU D 50 -46.29 72.69 14.90
C GLU D 50 -46.64 71.30 14.34
N ASN D 51 -45.90 70.27 14.74
CA ASN D 51 -46.15 68.96 14.16
C ASN D 51 -46.96 68.08 15.12
N THR D 52 -48.23 67.87 14.76
CA THR D 52 -49.14 67.07 15.56
C THR D 52 -49.02 65.56 15.31
N GLN D 53 -48.51 65.18 14.14
CA GLN D 53 -48.17 63.77 13.89
C GLN D 53 -47.13 63.28 14.90
N LEU D 54 -46.02 64.01 15.01
CA LEU D 54 -44.98 63.69 15.99
C LEU D 54 -45.55 63.55 17.39
N PHE D 55 -46.54 64.36 17.67
CA PHE D 55 -47.14 64.42 19.00
C PHE D 55 -47.98 63.18 19.24
N ARG D 56 -49.01 63.00 18.41
CA ARG D 56 -49.90 61.85 18.53
C ARG D 56 -49.08 60.56 18.53
N GLU D 57 -47.95 60.60 17.83
CA GLU D 57 -47.02 59.47 17.76
C GLU D 57 -46.29 59.21 19.09
N VAL D 58 -45.70 60.24 19.70
CA VAL D 58 -44.96 60.08 20.95
C VAL D 58 -45.89 59.79 22.14
N VAL D 59 -46.95 60.58 22.24
CA VAL D 59 -48.00 60.32 23.22
C VAL D 59 -48.51 58.89 23.04
N ASN D 60 -48.89 58.55 21.81
CA ASN D 60 -49.40 57.21 21.50
C ASN D 60 -48.38 56.11 21.88
N LYS D 61 -47.11 56.43 21.70
CA LYS D 61 -46.00 55.52 21.95
C LYS D 61 -45.85 55.22 23.42
N ILE D 62 -46.05 56.25 24.23
CA ILE D 62 -45.83 56.12 25.66
C ILE D 62 -47.13 56.26 26.46
N GLY D 63 -47.56 57.51 26.60
CA GLY D 63 -48.64 57.87 27.49
C GLY D 63 -48.18 57.45 28.88
N ASN D 64 -48.97 57.81 29.87
CA ASN D 64 -49.46 56.85 30.84
C ASN D 64 -48.58 55.68 31.33
N ARG D 65 -47.26 55.82 31.36
CA ARG D 65 -46.50 55.28 32.50
C ARG D 65 -46.19 56.50 33.31
N LEU D 66 -46.35 57.63 32.64
CA LEU D 66 -45.94 58.94 33.11
C LEU D 66 -47.09 59.79 33.63
N GLY D 67 -48.32 59.28 33.53
CA GLY D 67 -49.47 60.03 34.02
C GLY D 67 -49.77 61.36 33.33
N GLU D 68 -50.40 62.27 34.06
CA GLU D 68 -51.15 63.42 33.51
C GLU D 68 -50.44 64.42 32.54
N LYS D 69 -49.22 64.85 32.87
CA LYS D 69 -48.54 65.82 32.02
C LYS D 69 -47.94 65.18 30.76
N TYR D 70 -47.64 63.88 30.82
CA TYR D 70 -47.09 63.19 29.65
C TYR D 70 -48.09 62.42 28.78
N GLY D 71 -49.38 62.63 29.02
CA GLY D 71 -50.44 62.13 28.15
C GLY D 71 -50.88 63.05 27.02
N MET D 72 -51.91 62.63 26.29
CA MET D 72 -52.53 63.42 25.22
C MET D 72 -53.06 64.81 25.62
N ASP D 73 -52.85 65.83 24.79
CA ASP D 73 -53.45 67.16 24.99
C ASP D 73 -54.32 67.54 23.78
N LEU D 74 -55.64 67.51 23.94
CA LEU D 74 -56.57 67.77 22.83
C LEU D 74 -56.58 69.23 22.41
N ALA D 75 -56.51 70.10 23.41
CA ALA D 75 -56.48 71.54 23.22
C ALA D 75 -55.26 71.98 22.42
N TRP D 76 -54.07 71.58 22.87
CA TRP D 76 -52.83 71.90 22.18
C TRP D 76 -52.95 71.47 20.71
N CYS D 77 -53.32 70.21 20.50
CA CYS D 77 -53.54 69.73 19.14
C CYS D 77 -54.50 70.64 18.37
N GLU D 78 -55.60 71.03 19.00
CA GLU D 78 -56.58 71.92 18.37
C GLU D 78 -55.98 73.27 17.95
N ALA D 79 -55.16 73.84 18.82
CA ALA D 79 -54.53 75.13 18.54
C ALA D 79 -53.57 75.03 17.36
N VAL D 80 -52.70 74.03 17.42
CA VAL D 80 -51.73 73.78 16.36
C VAL D 80 -52.48 73.60 15.04
N ASP D 81 -53.40 72.65 15.04
CA ASP D 81 -54.20 72.32 13.87
C ASP D 81 -54.89 73.56 13.25
N ARG D 82 -55.54 74.36 14.10
CA ARG D 82 -56.29 75.51 13.59
C ARG D 82 -55.35 76.60 13.05
N ARG D 83 -54.30 76.91 13.82
CA ARG D 83 -53.32 77.90 13.39
C ARG D 83 -52.71 77.50 12.05
N ALA D 84 -52.56 76.19 11.84
CA ALA D 84 -52.09 75.66 10.58
C ALA D 84 -53.09 75.93 9.46
N GLU D 85 -54.36 75.55 9.65
CA GLU D 85 -55.38 75.84 8.62
C GLU D 85 -55.28 77.30 8.17
N GLN D 86 -55.29 78.19 9.16
CA GLN D 86 -55.16 79.64 8.91
C GLN D 86 -53.90 79.99 8.10
N LYS D 87 -52.76 79.46 8.54
CA LYS D 87 -51.48 79.78 7.88
C LYS D 87 -51.48 79.30 6.42
N LYS D 88 -52.09 78.15 6.18
CA LYS D 88 -52.13 77.53 4.85
C LYS D 88 -53.00 78.36 3.91
N VAL D 89 -54.17 78.76 4.39
CA VAL D 89 -55.01 79.69 3.64
C VAL D 89 -54.24 80.98 3.29
N LYS D 90 -53.67 81.61 4.32
CA LYS D 90 -52.87 82.82 4.13
C LYS D 90 -51.83 82.66 3.02
N LEU D 91 -50.90 81.74 3.22
CA LEU D 91 -49.83 81.49 2.24
C LEU D 91 -50.36 81.17 0.85
N GLU D 92 -51.46 80.41 0.79
CA GLU D 92 -52.07 80.04 -0.48
C GLU D 92 -52.46 81.30 -1.25
N ASN D 93 -53.17 82.18 -0.56
CA ASN D 93 -53.55 83.47 -1.13
C ASN D 93 -52.34 84.30 -1.57
N GLU D 94 -51.45 84.56 -0.61
CA GLU D 94 -50.26 85.35 -0.86
C GLU D 94 -49.54 84.87 -2.12
N LEU D 95 -49.39 83.55 -2.25
CA LEU D 95 -48.75 82.98 -3.44
C LEU D 95 -49.60 83.18 -4.68
N SER D 96 -50.92 83.08 -4.53
CA SER D 96 -51.82 83.37 -5.64
C SER D 96 -51.52 84.76 -6.20
N SER D 97 -51.52 85.75 -5.31
CA SER D 97 -51.22 87.14 -5.64
C SER D 97 -49.81 87.38 -6.20
N TYR D 98 -48.84 86.61 -5.71
CA TYR D 98 -47.44 86.77 -6.14
C TYR D 98 -47.20 86.17 -7.52
N ARG D 99 -47.85 85.04 -7.80
CA ARG D 99 -47.83 84.43 -9.13
C ARG D 99 -48.56 85.32 -10.14
N THR D 100 -49.80 85.68 -9.83
CA THR D 100 -50.57 86.63 -10.64
C THR D 100 -49.80 87.93 -10.92
N ASN D 101 -49.28 88.59 -9.87
CA ASN D 101 -48.45 89.79 -10.03
C ASN D 101 -47.11 89.48 -10.70
N LEU D 102 -46.80 88.18 -10.76
CA LEU D 102 -45.59 87.69 -11.42
C LEU D 102 -44.33 88.49 -11.03
N ILE D 103 -43.98 88.48 -9.74
CA ILE D 103 -42.71 89.04 -9.26
C ILE D 103 -41.78 87.92 -8.72
N LYS D 104 -40.63 87.75 -9.37
CA LYS D 104 -39.74 86.63 -9.08
C LYS D 104 -39.47 86.42 -7.59
N GLU D 105 -38.73 87.35 -6.98
CA GLU D 105 -38.33 87.22 -5.58
C GLU D 105 -39.51 86.88 -4.67
N SER D 106 -40.66 87.47 -4.94
CA SER D 106 -41.86 87.24 -4.13
C SER D 106 -42.46 85.83 -4.26
N ILE D 107 -42.46 85.26 -5.46
CA ILE D 107 -42.97 83.90 -5.61
C ILE D 107 -41.95 82.89 -5.13
N ARG D 108 -40.67 83.29 -5.20
CA ARG D 108 -39.58 82.49 -4.67
C ARG D 108 -39.75 82.35 -3.17
N MET D 109 -39.90 83.48 -2.49
CA MET D 109 -40.12 83.49 -1.03
C MET D 109 -41.50 82.93 -0.61
N GLY D 110 -42.46 82.97 -1.52
CA GLY D 110 -43.74 82.36 -1.25
C GLY D 110 -43.57 80.86 -1.19
N TYR D 111 -42.90 80.31 -2.20
CA TYR D 111 -42.52 78.90 -2.20
C TYR D 111 -41.67 78.50 -1.00
N ASN D 112 -40.72 79.35 -0.63
CA ASN D 112 -39.78 79.04 0.44
C ASN D 112 -40.51 79.01 1.77
N ASP D 113 -41.51 79.89 1.87
CA ASP D 113 -42.37 79.96 3.05
C ASP D 113 -43.33 78.76 3.13
N PHE D 114 -43.77 78.26 1.97
CA PHE D 114 -44.56 77.02 1.91
C PHE D 114 -43.69 75.86 2.35
N GLY D 115 -42.39 75.96 2.02
CA GLY D 115 -41.42 74.95 2.40
C GLY D 115 -41.26 74.92 3.90
N ASP D 116 -41.06 76.09 4.49
CA ASP D 116 -40.93 76.20 5.94
C ASP D 116 -42.20 75.66 6.61
N PHE D 117 -43.35 76.04 6.07
CA PHE D 117 -44.63 75.72 6.69
C PHE D 117 -44.87 74.23 6.69
N TYR D 118 -44.55 73.62 5.56
CA TYR D 118 -44.71 72.18 5.43
C TYR D 118 -43.71 71.42 6.32
N TYR D 119 -42.48 71.91 6.35
CA TYR D 119 -41.43 71.31 7.16
C TYR D 119 -41.83 71.28 8.65
N ALA D 120 -42.13 72.44 9.23
CA ALA D 120 -42.57 72.55 10.63
C ALA D 120 -43.86 71.72 10.94
N CYS D 121 -44.70 71.64 9.93
CA CYS D 121 -45.92 70.86 9.98
C CYS D 121 -45.59 69.37 9.84
N GLY D 122 -44.33 69.07 9.54
CA GLY D 122 -43.89 67.70 9.46
C GLY D 122 -44.19 66.96 8.16
N MET D 123 -44.69 67.66 7.13
CA MET D 123 -44.95 66.99 5.87
C MET D 123 -43.77 67.26 4.97
N LEU D 124 -42.93 66.24 4.84
CA LEU D 124 -41.59 66.44 4.32
C LEU D 124 -41.55 66.46 2.79
N GLY D 125 -42.29 65.55 2.18
CA GLY D 125 -42.39 65.50 0.73
C GLY D 125 -42.73 66.86 0.19
N ASP D 126 -43.80 67.45 0.71
CA ASP D 126 -44.22 68.78 0.26
C ASP D 126 -43.17 69.85 0.55
N ALA D 127 -42.54 69.77 1.73
CA ALA D 127 -41.49 70.73 2.10
C ALA D 127 -40.38 70.71 1.04
N PHE D 128 -40.03 69.51 0.60
CA PHE D 128 -39.07 69.33 -0.46
C PHE D 128 -39.58 69.94 -1.78
N LYS D 129 -40.73 69.46 -2.27
CA LYS D 129 -41.27 69.95 -3.54
C LYS D 129 -41.26 71.48 -3.61
N ASN D 130 -41.99 72.11 -2.70
CA ASN D 130 -42.09 73.57 -2.68
C ASN D 130 -40.73 74.23 -2.39
N TYR D 131 -39.84 73.50 -1.74
CA TYR D 131 -38.48 73.99 -1.54
C TYR D 131 -37.70 74.13 -2.87
N ILE D 132 -37.73 73.09 -3.68
CA ILE D 132 -37.03 73.10 -4.96
C ILE D 132 -37.81 73.82 -6.06
N ARG D 133 -39.07 74.13 -5.80
CA ARG D 133 -39.86 74.91 -6.76
C ARG D 133 -39.28 76.31 -6.89
N THR D 134 -38.40 76.67 -5.97
CA THR D 134 -37.77 77.99 -5.98
C THR D 134 -36.64 78.03 -7.00
N ARG D 135 -36.39 76.90 -7.67
CA ARG D 135 -35.35 76.81 -8.71
C ARG D 135 -35.48 77.93 -9.75
N ASP D 136 -36.57 77.88 -10.54
CA ASP D 136 -36.83 78.82 -11.64
C ASP D 136 -36.72 80.31 -11.25
N TYR D 137 -37.20 80.65 -10.06
CA TYR D 137 -37.30 82.04 -9.63
C TYR D 137 -36.06 82.54 -8.86
N CYS D 138 -35.01 81.73 -8.84
CA CYS D 138 -33.76 82.13 -8.23
C CYS D 138 -33.17 83.31 -8.99
N THR D 139 -32.90 84.39 -8.27
CA THR D 139 -32.30 85.57 -8.88
C THR D 139 -30.77 85.61 -8.74
N THR D 140 -30.23 84.73 -7.90
CA THR D 140 -28.79 84.82 -7.59
C THR D 140 -28.24 83.53 -6.99
N THR D 141 -26.94 83.55 -6.70
CA THR D 141 -26.21 82.36 -6.24
C THR D 141 -26.63 81.90 -4.85
N LYS D 142 -26.68 82.83 -3.89
CA LYS D 142 -27.18 82.53 -2.55
C LYS D 142 -28.53 81.82 -2.63
N HIS D 143 -29.36 82.21 -3.59
CA HIS D 143 -30.70 81.65 -3.76
C HIS D 143 -30.67 80.17 -4.10
N ILE D 144 -29.96 79.82 -5.16
CA ILE D 144 -29.85 78.43 -5.60
C ILE D 144 -29.09 77.55 -4.58
N ILE D 145 -28.00 78.08 -4.04
CA ILE D 145 -27.22 77.33 -3.05
C ILE D 145 -27.98 77.12 -1.75
N HIS D 146 -28.76 78.11 -1.35
CA HIS D 146 -29.63 78.00 -0.18
C HIS D 146 -30.77 77.00 -0.45
N MET D 147 -31.22 76.95 -1.70
CA MET D 147 -32.21 75.95 -2.09
C MET D 147 -31.59 74.59 -1.86
N CYS D 148 -30.31 74.50 -2.21
CA CYS D 148 -29.53 73.28 -2.00
C CYS D 148 -29.46 72.89 -0.52
N MET D 149 -28.99 73.82 0.32
CA MET D 149 -28.95 73.59 1.75
C MET D 149 -30.29 73.06 2.27
N ASN D 150 -31.39 73.66 1.83
CA ASN D 150 -32.71 73.15 2.21
C ASN D 150 -33.02 71.72 1.70
N ALA D 151 -32.83 71.45 0.41
CA ALA D 151 -33.10 70.10 -0.12
C ALA D 151 -32.22 69.11 0.62
N ILE D 152 -31.10 69.61 1.10
CA ILE D 152 -30.13 68.79 1.79
C ILE D 152 -30.71 68.46 3.17
N LEU D 153 -31.23 69.47 3.87
CA LEU D 153 -31.84 69.22 5.17
C LEU D 153 -33.02 68.26 5.07
N VAL D 154 -33.89 68.54 4.12
CA VAL D 154 -35.11 67.74 4.00
C VAL D 154 -34.80 66.32 3.51
N SER D 155 -33.78 66.20 2.67
CA SER D 155 -33.38 64.90 2.15
C SER D 155 -32.71 64.03 3.23
N ILE D 156 -31.78 64.62 3.99
CA ILE D 156 -31.27 63.96 5.19
C ILE D 156 -32.42 63.45 6.06
N GLU D 157 -33.38 64.32 6.35
CA GLU D 157 -34.49 63.92 7.23
C GLU D 157 -35.46 62.89 6.63
N MET D 158 -35.50 62.79 5.31
CA MET D 158 -36.34 61.79 4.66
C MET D 158 -35.52 60.55 4.36
N GLY D 159 -34.24 60.64 4.68
CA GLY D 159 -33.36 59.50 4.56
C GLY D 159 -33.03 59.09 3.13
N GLN D 160 -32.95 60.04 2.20
CA GLN D 160 -32.39 59.73 0.89
C GLN D 160 -31.05 60.45 0.74
N PHE D 161 -29.97 59.70 0.87
CA PHE D 161 -28.64 60.33 0.85
C PHE D 161 -28.06 60.45 -0.56
N THR D 162 -28.62 59.66 -1.46
CA THR D 162 -28.47 59.90 -2.88
C THR D 162 -28.76 61.37 -3.15
N HIS D 163 -30.00 61.80 -2.92
CA HIS D 163 -30.43 63.16 -3.21
C HIS D 163 -29.49 64.17 -2.55
N VAL D 164 -29.05 63.84 -1.33
CA VAL D 164 -28.10 64.68 -0.60
C VAL D 164 -26.81 64.91 -1.40
N THR D 165 -26.22 63.82 -1.89
CA THR D 165 -25.04 63.93 -2.74
C THR D 165 -25.35 64.76 -3.99
N SER D 166 -26.48 64.44 -4.66
CA SER D 166 -26.94 65.21 -5.82
C SER D 166 -26.88 66.72 -5.58
N TYR D 167 -27.62 67.21 -4.59
CA TYR D 167 -27.65 68.65 -4.33
C TYR D 167 -26.32 69.17 -3.75
N VAL D 168 -25.49 68.26 -3.25
CA VAL D 168 -24.11 68.60 -2.89
C VAL D 168 -23.25 68.90 -4.15
N ASN D 169 -23.46 68.12 -5.21
CA ASN D 169 -22.74 68.32 -6.48
C ASN D 169 -23.32 69.48 -7.28
N LYS D 170 -24.61 69.73 -7.13
CA LYS D 170 -25.26 70.91 -7.71
C LYS D 170 -24.73 72.17 -7.03
N ALA D 171 -24.64 72.13 -5.71
CA ALA D 171 -24.12 73.26 -4.95
C ALA D 171 -22.63 73.53 -5.18
N GLU D 172 -21.81 72.49 -5.02
CA GLU D 172 -20.35 72.65 -5.08
C GLU D 172 -19.86 72.63 -6.53
N GLN D 173 -20.73 72.17 -7.41
CA GLN D 173 -20.50 72.29 -8.86
C GLN D 173 -20.80 73.71 -9.31
N ASN D 174 -21.80 74.32 -8.66
CA ASN D 174 -21.99 75.77 -8.77
C ASN D 174 -20.69 76.46 -8.41
N PRO D 175 -20.17 77.23 -9.37
CA PRO D 175 -18.80 77.71 -9.29
C PRO D 175 -18.55 78.66 -8.12
N GLU D 176 -19.46 79.62 -7.91
CA GLU D 176 -18.98 80.91 -7.41
C GLU D 176 -18.34 80.74 -6.04
N THR D 177 -17.05 81.04 -6.01
CA THR D 177 -16.18 80.42 -5.02
C THR D 177 -16.65 80.79 -3.62
N LEU D 178 -16.94 79.75 -2.86
CA LEU D 178 -18.03 79.77 -1.88
C LEU D 178 -17.66 80.46 -0.58
N GLU D 179 -18.59 80.48 0.36
CA GLU D 179 -18.29 80.86 1.74
C GLU D 179 -17.74 79.59 2.39
N PRO D 180 -16.57 79.71 3.04
CA PRO D 180 -15.80 78.54 3.51
C PRO D 180 -16.57 77.67 4.51
N MET D 181 -17.55 78.27 5.20
CA MET D 181 -18.38 77.55 6.17
C MET D 181 -19.60 76.92 5.53
N VAL D 182 -19.89 77.33 4.31
CA VAL D 182 -20.82 76.61 3.44
C VAL D 182 -20.04 75.44 2.84
N ASN D 183 -18.77 75.68 2.54
CA ASN D 183 -17.86 74.59 2.20
C ASN D 183 -17.96 73.57 3.31
N ALA D 184 -17.80 74.04 4.55
CA ALA D 184 -17.90 73.20 5.73
C ALA D 184 -19.22 72.43 5.76
N LYS D 185 -20.33 73.17 5.70
CA LYS D 185 -21.65 72.53 5.67
C LYS D 185 -21.72 71.40 4.63
N LEU D 186 -21.31 71.69 3.41
CA LEU D 186 -21.42 70.71 2.31
C LEU D 186 -20.52 69.50 2.52
N ARG D 187 -19.30 69.75 3.02
CA ARG D 187 -18.41 68.67 3.43
C ARG D 187 -19.13 67.76 4.38
N CYS D 188 -19.73 68.34 5.43
CA CYS D 188 -20.48 67.57 6.43
C CYS D 188 -21.64 66.74 5.85
N ALA D 189 -22.39 67.35 4.92
CA ALA D 189 -23.50 66.63 4.30
C ALA D 189 -23.02 65.46 3.44
N SER D 190 -21.98 65.70 2.64
CA SER D 190 -21.37 64.67 1.81
C SER D 190 -20.83 63.54 2.67
N GLY D 191 -20.11 63.91 3.72
CA GLY D 191 -19.54 62.94 4.65
C GLY D 191 -20.67 62.08 5.16
N LEU D 192 -21.78 62.74 5.49
CA LEU D 192 -22.90 62.04 6.09
C LEU D 192 -23.55 61.09 5.08
N ALA D 193 -23.56 61.51 3.81
CA ALA D 193 -24.17 60.69 2.77
C ALA D 193 -23.33 59.46 2.54
N HIS D 194 -22.02 59.66 2.44
CA HIS D 194 -21.08 58.54 2.28
C HIS D 194 -21.19 57.55 3.43
N LEU D 195 -21.22 58.09 4.65
CA LEU D 195 -21.34 57.27 5.85
C LEU D 195 -22.64 56.48 5.86
N GLU D 196 -23.70 57.06 5.30
CA GLU D 196 -24.94 56.32 5.29
C GLU D 196 -24.99 55.30 4.16
N LEU D 197 -24.28 55.60 3.09
CA LEU D 197 -24.18 54.68 1.96
C LEU D 197 -23.02 53.69 2.14
N LYS D 198 -22.42 53.74 3.33
CA LYS D 198 -21.41 52.77 3.79
C LYS D 198 -20.06 52.81 3.10
N LYS D 199 -19.68 53.94 2.52
CA LYS D 199 -18.30 54.11 2.09
C LYS D 199 -17.57 54.96 3.11
N TYR D 200 -16.80 54.31 3.98
CA TYR D 200 -16.25 54.97 5.16
C TYR D 200 -14.94 55.69 4.86
N LYS D 201 -14.34 55.33 3.72
CA LYS D 201 -13.10 55.93 3.28
C LYS D 201 -13.41 57.34 2.80
N LEU D 202 -14.44 57.45 1.98
CA LEU D 202 -14.85 58.75 1.48
C LEU D 202 -15.29 59.55 2.69
N ALA D 203 -16.14 58.91 3.51
CA ALA D 203 -16.70 59.53 4.68
C ALA D 203 -15.61 60.23 5.49
N ALA D 204 -14.54 59.49 5.75
CA ALA D 204 -13.47 60.01 6.59
C ALA D 204 -12.72 61.12 5.89
N ARG D 205 -12.45 60.93 4.60
CA ARG D 205 -11.76 61.96 3.84
C ARG D 205 -12.53 63.28 3.98
N LYS D 206 -13.86 63.18 3.99
CA LYS D 206 -14.72 64.36 4.06
C LYS D 206 -14.65 64.97 5.43
N PHE D 207 -15.11 64.22 6.43
CA PHE D 207 -15.14 64.71 7.80
C PHE D 207 -13.77 65.31 8.27
N LEU D 208 -12.67 64.71 7.85
CA LEU D 208 -11.34 65.17 8.28
C LEU D 208 -10.94 66.50 7.65
N ASP D 209 -11.65 66.90 6.59
CA ASP D 209 -11.34 68.11 5.84
C ASP D 209 -12.15 69.35 6.26
N VAL D 210 -13.13 69.15 7.13
CA VAL D 210 -14.07 70.20 7.54
C VAL D 210 -13.40 71.28 8.39
N ASN D 211 -13.64 72.54 8.06
CA ASN D 211 -13.14 73.69 8.82
C ASN D 211 -13.50 73.62 10.31
N PRO D 212 -12.48 73.67 11.19
CA PRO D 212 -12.57 73.52 12.65
C PRO D 212 -13.45 74.59 13.34
N GLU D 213 -13.59 75.76 12.72
CA GLU D 213 -14.35 76.87 13.29
C GLU D 213 -15.88 76.73 13.19
N LEU D 214 -16.36 75.90 12.26
CA LEU D 214 -17.81 75.77 12.01
C LEU D 214 -18.66 75.43 13.24
N GLY D 215 -18.04 74.79 14.24
CA GLY D 215 -18.68 74.65 15.54
C GLY D 215 -20.08 74.08 15.46
N ASN D 216 -21.03 74.83 16.01
CA ASN D 216 -22.43 74.44 16.04
C ASN D 216 -23.24 74.96 14.83
N SER D 217 -22.55 75.58 13.88
CA SER D 217 -23.22 76.24 12.74
C SER D 217 -24.15 75.32 11.97
N TYR D 218 -23.77 74.05 11.90
CA TYR D 218 -24.53 73.01 11.19
C TYR D 218 -25.43 72.11 12.09
N ASN D 219 -25.63 72.50 13.35
CA ASN D 219 -26.31 71.64 14.34
C ASN D 219 -27.79 71.27 14.06
N GLU D 220 -28.39 71.83 13.02
CA GLU D 220 -29.68 71.32 12.55
C GLU D 220 -29.47 69.92 11.99
N VAL D 221 -28.20 69.61 11.74
CA VAL D 221 -27.75 68.39 11.08
C VAL D 221 -26.65 67.66 11.88
N ILE D 222 -25.55 68.34 12.17
CA ILE D 222 -24.42 67.67 12.79
C ILE D 222 -23.82 68.46 13.96
N ALA D 223 -23.19 67.73 14.87
CA ALA D 223 -22.47 68.32 15.99
C ALA D 223 -20.98 68.07 15.73
N PRO D 224 -20.11 68.95 16.27
CA PRO D 224 -18.65 68.81 16.07
C PRO D 224 -18.13 67.56 16.78
N GLN D 225 -18.85 67.15 17.82
CA GLN D 225 -18.60 65.90 18.50
C GLN D 225 -18.76 64.81 17.49
N ASP D 226 -19.89 64.85 16.79
CA ASP D 226 -20.24 63.93 15.72
C ASP D 226 -19.18 63.87 14.62
N ILE D 227 -18.59 65.02 14.28
CA ILE D 227 -17.61 65.06 13.22
C ILE D 227 -16.31 64.43 13.71
N ALA D 228 -15.98 64.69 14.97
CA ALA D 228 -14.78 64.11 15.56
C ALA D 228 -14.90 62.58 15.57
N THR D 229 -16.01 62.07 16.10
CA THR D 229 -16.17 60.64 16.18
C THR D 229 -16.34 59.97 14.82
N TYR D 230 -17.18 60.52 13.95
CA TYR D 230 -17.37 59.94 12.62
C TYR D 230 -16.06 59.92 11.84
N GLY D 231 -15.40 61.08 11.74
CA GLY D 231 -14.12 61.14 11.08
C GLY D 231 -13.19 60.07 11.67
N GLY D 232 -13.01 60.12 12.98
CA GLY D 232 -12.07 59.23 13.68
C GLY D 232 -12.27 57.75 13.40
N LEU D 233 -13.48 57.26 13.68
CA LEU D 233 -13.76 55.83 13.51
C LEU D 233 -13.73 55.41 12.03
N CYS D 234 -14.39 56.17 11.17
CA CYS D 234 -14.36 55.81 9.76
C CYS D 234 -12.91 55.68 9.29
N ALA D 235 -12.07 56.61 9.73
CA ALA D 235 -10.68 56.59 9.25
C ALA D 235 -10.03 55.32 9.75
N LEU D 236 -10.03 55.18 11.07
CA LEU D 236 -9.35 54.07 11.70
C LEU D 236 -9.73 52.74 11.06
N ALA D 237 -10.99 52.59 10.65
CA ALA D 237 -11.44 51.34 10.03
C ALA D 237 -11.08 51.18 8.54
N SER D 238 -10.51 52.22 7.94
CA SER D 238 -10.43 52.30 6.49
C SER D 238 -9.01 52.57 5.99
N PHE D 239 -8.42 53.64 6.50
CA PHE D 239 -7.08 54.05 6.13
C PHE D 239 -5.99 53.00 6.37
N ASP D 240 -4.96 53.00 5.53
CA ASP D 240 -3.69 52.39 5.89
C ASP D 240 -3.03 53.35 6.89
N ARG D 241 -1.84 53.01 7.38
CA ARG D 241 -1.26 53.80 8.47
C ARG D 241 -0.69 55.10 7.98
N SER D 242 -0.26 55.12 6.73
CA SER D 242 0.30 56.33 6.21
C SER D 242 -0.79 57.39 6.22
N GLU D 243 -1.92 57.04 5.63
CA GLU D 243 -3.01 57.98 5.52
C GLU D 243 -3.56 58.37 6.90
N LEU D 244 -3.49 57.43 7.85
CA LEU D 244 -3.88 57.71 9.22
C LEU D 244 -3.00 58.82 9.81
N LYS D 245 -1.69 58.65 9.67
CA LYS D 245 -0.71 59.62 10.15
C LYS D 245 -0.94 61.00 9.53
N GLN D 246 -0.96 61.04 8.21
CA GLN D 246 -1.07 62.32 7.52
C GLN D 246 -2.39 63.00 7.84
N LYS D 247 -3.51 62.33 7.54
CA LYS D 247 -4.82 62.98 7.62
C LYS D 247 -5.52 62.95 9.00
N VAL D 248 -4.93 62.30 10.00
CA VAL D 248 -5.54 62.28 11.32
C VAL D 248 -4.62 62.72 12.45
N ILE D 249 -3.53 61.99 12.65
CA ILE D 249 -2.57 62.25 13.72
C ILE D 249 -1.84 63.59 13.52
N ASP D 250 -1.30 63.77 12.31
CA ASP D 250 -0.59 65.00 11.96
C ASP D 250 -1.52 66.19 11.64
N ASN D 251 -2.83 65.98 11.59
CA ASN D 251 -3.74 67.01 11.10
C ASN D 251 -4.21 67.92 12.25
N ILE D 252 -3.68 69.14 12.24
CA ILE D 252 -3.79 70.04 13.38
C ILE D 252 -5.22 70.55 13.50
N ASN D 253 -5.83 70.85 12.36
CA ASN D 253 -7.20 71.33 12.36
C ASN D 253 -8.14 70.31 12.96
N PHE D 254 -8.06 69.08 12.48
CA PHE D 254 -8.96 68.07 12.99
C PHE D 254 -8.79 67.90 14.51
N ARG D 255 -7.60 68.24 15.03
CA ARG D 255 -7.31 68.15 16.46
C ARG D 255 -8.39 68.88 17.26
N ASN D 256 -8.88 69.99 16.71
CA ASN D 256 -9.94 70.78 17.36
C ASN D 256 -11.18 69.93 17.66
N PHE D 257 -11.73 69.30 16.63
CA PHE D 257 -12.83 68.38 16.80
C PHE D 257 -12.47 67.27 17.77
N LEU D 258 -11.28 66.70 17.61
CA LEU D 258 -10.85 65.56 18.44
C LEU D 258 -10.81 65.86 19.94
N GLU D 259 -10.39 67.08 20.30
CA GLU D 259 -10.25 67.43 21.70
C GLU D 259 -11.62 67.52 22.34
N LEU D 260 -12.65 67.62 21.48
CA LEU D 260 -14.03 67.62 21.95
C LEU D 260 -14.43 66.29 22.56
N VAL D 261 -14.06 65.19 21.92
CA VAL D 261 -14.34 63.87 22.48
C VAL D 261 -13.03 63.10 22.68
N PRO D 262 -12.43 63.28 23.86
CA PRO D 262 -11.08 62.83 24.20
C PRO D 262 -10.96 61.33 24.27
N ASP D 263 -12.06 60.65 24.58
CA ASP D 263 -12.05 59.20 24.60
C ASP D 263 -11.72 58.66 23.21
N VAL D 264 -12.27 59.33 22.20
CA VAL D 264 -11.96 58.97 20.83
C VAL D 264 -10.51 59.35 20.48
N ARG D 265 -10.08 60.52 20.93
CA ARG D 265 -8.69 60.92 20.74
C ARG D 265 -7.72 59.83 21.28
N GLU D 266 -7.92 59.43 22.53
CA GLU D 266 -7.04 58.41 23.10
C GLU D 266 -7.20 57.06 22.41
N LEU D 267 -8.39 56.78 21.89
CA LEU D 267 -8.65 55.55 21.16
C LEU D 267 -7.75 55.45 19.92
N ILE D 268 -7.66 56.58 19.24
CA ILE D 268 -6.85 56.69 18.03
C ILE D 268 -5.36 56.69 18.36
N ASN D 269 -4.99 57.40 19.43
CA ASN D 269 -3.60 57.38 19.85
C ASN D 269 -3.15 55.95 20.20
N ASP D 270 -3.98 55.25 20.96
CA ASP D 270 -3.79 53.84 21.26
C ASP D 270 -3.60 52.99 20.00
N PHE D 271 -4.50 53.14 19.03
CA PHE D 271 -4.36 52.32 17.83
C PHE D 271 -3.06 52.63 17.07
N TYR D 272 -2.85 53.90 16.77
CA TYR D 272 -1.63 54.32 16.10
C TYR D 272 -0.37 53.88 16.83
N SER D 273 -0.47 53.76 18.15
CA SER D 273 0.70 53.42 18.95
C SER D 273 0.86 51.92 19.19
N SER D 274 -0.01 51.13 18.56
CA SER D 274 0.16 49.67 18.63
C SER D 274 -0.45 49.00 19.85
N ARG D 275 -1.13 49.77 20.70
CA ARG D 275 -1.83 49.09 21.77
C ARG D 275 -3.26 48.93 21.39
N TYR D 276 -3.53 47.79 20.78
CA TYR D 276 -4.81 47.53 20.16
C TYR D 276 -5.78 47.04 21.20
N ALA D 277 -5.27 46.45 22.27
CA ALA D 277 -6.11 45.97 23.37
C ALA D 277 -6.80 47.16 24.07
N SER D 278 -6.01 48.15 24.45
CA SER D 278 -6.52 49.40 25.00
C SER D 278 -7.57 50.03 24.09
N CYS D 279 -7.22 50.13 22.81
CA CYS D 279 -8.08 50.73 21.81
C CYS D 279 -9.43 50.00 21.79
N LEU D 280 -9.37 48.68 21.71
CA LEU D 280 -10.58 47.88 21.61
C LEU D 280 -11.40 47.89 22.91
N GLU D 281 -10.75 48.11 24.06
CA GLU D 281 -11.49 48.27 25.32
C GLU D 281 -12.23 49.61 25.36
N TYR D 282 -11.58 50.68 24.91
CA TYR D 282 -12.29 51.93 24.72
C TYR D 282 -13.52 51.71 23.86
N LEU D 283 -13.32 51.04 22.74
CA LEU D 283 -14.42 50.81 21.82
C LEU D 283 -15.53 50.02 22.50
N ALA D 284 -15.17 48.99 23.26
CA ALA D 284 -16.17 48.20 23.94
C ALA D 284 -16.95 49.08 24.91
N SER D 285 -16.25 50.03 25.51
CA SER D 285 -16.86 50.91 26.49
C SER D 285 -17.87 51.82 25.84
N LEU D 286 -17.47 52.45 24.75
CA LEU D 286 -18.32 53.40 24.02
C LEU D 286 -19.45 52.75 23.24
N LYS D 287 -19.35 51.44 22.99
CA LYS D 287 -20.27 50.76 22.06
C LYS D 287 -21.73 51.06 22.35
N SER D 288 -22.08 51.01 23.63
CA SER D 288 -23.47 51.22 24.05
C SER D 288 -23.97 52.65 23.75
N ASN D 289 -23.14 53.65 24.03
CA ASN D 289 -23.41 55.02 23.57
C ASN D 289 -23.47 55.16 22.04
N LEU D 290 -22.56 54.54 21.32
CA LEU D 290 -22.51 54.70 19.87
C LEU D 290 -23.68 54.00 19.18
N LEU D 291 -24.27 53.03 19.87
CA LEU D 291 -25.46 52.38 19.35
C LEU D 291 -26.68 53.30 19.54
N LEU D 292 -26.48 54.36 20.32
CA LEU D 292 -27.51 55.37 20.48
C LEU D 292 -27.44 56.45 19.40
N ASP D 293 -26.33 56.49 18.67
CA ASP D 293 -26.17 57.51 17.63
C ASP D 293 -27.04 57.21 16.41
N ILE D 294 -27.84 58.20 15.99
CA ILE D 294 -28.88 57.97 15.00
C ILE D 294 -28.28 57.63 13.62
N HIS D 295 -27.20 58.31 13.25
CA HIS D 295 -26.48 58.02 12.01
C HIS D 295 -25.46 56.87 12.10
N LEU D 296 -24.80 56.75 13.26
CA LEU D 296 -23.75 55.75 13.47
C LEU D 296 -24.26 54.34 13.76
N HIS D 297 -25.48 54.24 14.30
CA HIS D 297 -25.99 52.98 14.85
C HIS D 297 -25.78 51.79 13.92
N ASP D 298 -26.07 51.99 12.63
CA ASP D 298 -26.06 50.91 11.66
C ASP D 298 -24.66 50.44 11.26
N HIS D 299 -23.66 51.29 11.43
CA HIS D 299 -22.33 50.92 11.01
C HIS D 299 -21.39 50.48 12.14
N VAL D 300 -21.89 50.56 13.37
CA VAL D 300 -21.02 50.34 14.52
C VAL D 300 -20.37 48.95 14.44
N ASP D 301 -21.19 47.91 14.40
CA ASP D 301 -20.65 46.56 14.33
C ASP D 301 -19.64 46.38 13.20
N THR D 302 -19.84 47.07 12.09
CA THR D 302 -18.94 46.89 10.97
C THR D 302 -17.59 47.57 11.27
N LEU D 303 -17.66 48.80 11.76
CA LEU D 303 -16.46 49.60 11.91
C LEU D 303 -15.56 48.92 12.92
N TYR D 304 -16.17 48.48 14.01
CA TYR D 304 -15.48 47.76 15.06
C TYR D 304 -14.77 46.56 14.45
N ASP D 305 -15.52 45.77 13.71
CA ASP D 305 -14.95 44.58 13.12
C ASP D 305 -13.73 45.00 12.30
N GLN D 306 -13.91 46.05 11.49
CA GLN D 306 -12.85 46.45 10.60
C GLN D 306 -11.60 46.78 11.42
N ILE D 307 -11.78 47.59 12.45
CA ILE D 307 -10.66 48.00 13.28
C ILE D 307 -9.95 46.77 13.86
N ARG D 308 -10.74 45.85 14.39
CA ARG D 308 -10.15 44.67 14.99
C ARG D 308 -9.29 43.96 13.95
N LYS D 309 -9.86 43.75 12.76
CA LYS D 309 -9.15 43.02 11.72
C LYS D 309 -7.82 43.72 11.49
N LYS D 310 -7.87 45.04 11.29
CA LYS D 310 -6.64 45.74 10.95
C LYS D 310 -5.61 45.51 12.06
N ALA D 311 -6.08 45.65 13.30
CA ALA D 311 -5.23 45.41 14.47
C ALA D 311 -4.53 44.05 14.38
N LEU D 312 -5.30 42.98 14.18
CA LEU D 312 -4.72 41.65 14.12
C LEU D 312 -3.64 41.66 13.04
N ILE D 313 -4.00 42.16 11.86
CA ILE D 313 -3.09 42.13 10.75
C ILE D 313 -1.84 42.90 11.12
N GLN D 314 -2.03 44.05 11.77
CA GLN D 314 -0.87 44.86 12.02
C GLN D 314 -0.01 44.26 13.13
N TYR D 315 -0.65 43.53 14.04
CA TYR D 315 0.04 43.07 15.24
C TYR D 315 0.86 41.84 14.88
N THR D 316 0.20 40.95 14.15
CA THR D 316 0.69 39.60 13.85
C THR D 316 1.64 39.45 12.64
N LEU D 317 1.30 40.10 11.53
CA LEU D 317 2.07 39.89 10.31
C LEU D 317 3.33 40.76 10.32
N PRO D 318 4.41 40.23 9.75
CA PRO D 318 5.72 40.86 9.84
C PRO D 318 5.96 41.92 8.76
N PHE D 319 5.12 42.94 8.75
CA PHE D 319 5.24 44.05 7.79
C PHE D 319 4.74 45.32 8.45
N VAL D 320 5.42 46.44 8.18
CA VAL D 320 4.98 47.76 8.63
C VAL D 320 3.53 48.06 8.20
N SER D 321 3.35 48.24 6.89
CA SER D 321 2.02 48.44 6.31
C SER D 321 1.84 47.45 5.17
N VAL D 322 0.84 46.59 5.29
CA VAL D 322 0.68 45.47 4.37
C VAL D 322 0.25 45.81 2.94
N ASP D 323 -0.56 46.83 2.77
CA ASP D 323 -1.15 47.05 1.44
C ASP D 323 -2.06 45.90 1.04
N LEU D 324 -3.20 45.85 1.71
CA LEU D 324 -4.22 44.86 1.52
C LEU D 324 -4.80 44.85 0.14
N SER D 325 -4.57 45.91 -0.62
CA SER D 325 -5.09 45.99 -1.99
C SER D 325 -4.33 45.07 -2.96
N ARG D 326 -3.01 45.22 -2.98
CA ARG D 326 -2.17 44.35 -3.79
C ARG D 326 -2.47 42.90 -3.49
N MET D 327 -2.46 42.56 -2.20
CA MET D 327 -2.72 41.21 -1.76
C MET D 327 -4.11 40.77 -2.22
N ALA D 328 -5.12 41.58 -1.94
CA ALA D 328 -6.50 41.26 -2.35
C ALA D 328 -6.56 40.89 -3.84
N ASP D 329 -5.80 41.63 -4.64
CA ASP D 329 -5.70 41.33 -6.06
C ASP D 329 -5.05 40.00 -6.33
N ALA D 330 -3.79 39.86 -5.90
CA ALA D 330 -3.05 38.61 -6.10
C ALA D 330 -3.88 37.41 -5.67
N PHE D 331 -4.72 37.59 -4.65
CA PHE D 331 -5.63 36.52 -4.23
C PHE D 331 -7.02 36.50 -4.84
N LYS D 332 -7.29 37.34 -5.84
CA LYS D 332 -8.52 37.21 -6.61
C LYS D 332 -9.77 37.40 -5.73
N THR D 333 -9.76 38.45 -4.92
CA THR D 333 -10.87 38.74 -4.04
C THR D 333 -10.76 40.18 -3.60
N SER D 334 -11.70 40.63 -2.77
CA SER D 334 -11.70 42.01 -2.30
C SER D 334 -10.82 42.18 -1.05
N VAL D 335 -10.70 43.43 -0.60
CA VAL D 335 -10.05 43.70 0.67
C VAL D 335 -10.89 43.09 1.82
N SER D 336 -12.20 43.18 1.69
CA SER D 336 -13.11 42.61 2.68
C SER D 336 -12.84 41.11 2.90
N GLY D 337 -12.85 40.38 1.78
CA GLY D 337 -12.71 38.93 1.82
C GLY D 337 -11.37 38.59 2.43
N LEU D 338 -10.34 39.20 1.85
CA LEU D 338 -8.97 39.02 2.30
C LEU D 338 -8.85 39.15 3.81
N GLU D 339 -9.41 40.22 4.37
CA GLU D 339 -9.35 40.41 5.82
C GLU D 339 -10.11 39.32 6.57
N LYS D 340 -11.22 38.85 6.04
CA LYS D 340 -11.86 37.69 6.67
C LYS D 340 -10.84 36.54 6.77
N GLU D 341 -10.24 36.20 5.62
CA GLU D 341 -9.27 35.12 5.50
C GLU D 341 -8.08 35.26 6.47
N LEU D 342 -7.49 36.45 6.50
CA LEU D 342 -6.40 36.75 7.43
C LEU D 342 -6.83 36.58 8.89
N GLU D 343 -7.97 37.15 9.28
CA GLU D 343 -8.40 37.01 10.66
C GLU D 343 -8.52 35.53 11.02
N ALA D 344 -9.05 34.74 10.08
CA ALA D 344 -9.19 33.29 10.31
C ALA D 344 -7.84 32.63 10.54
N LEU D 345 -6.89 32.95 9.68
CA LEU D 345 -5.54 32.41 9.73
C LEU D 345 -4.75 32.79 11.00
N ILE D 346 -4.90 34.04 11.43
CA ILE D 346 -4.12 34.60 12.52
C ILE D 346 -4.66 34.16 13.88
N THR D 347 -5.96 33.95 13.96
CA THR D 347 -6.58 33.56 15.21
C THR D 347 -6.78 32.05 15.26
N ASP D 348 -6.40 31.37 14.18
CA ASP D 348 -6.93 30.03 13.91
C ASP D 348 -8.45 30.04 13.72
#